data_7MVV
#
_entry.id   7MVV
#
_cell.length_a   1.00
_cell.length_b   1.00
_cell.length_c   1.00
_cell.angle_alpha   90.00
_cell.angle_beta   90.00
_cell.angle_gamma   90.00
#
_symmetry.space_group_name_H-M   'P 1'
#
loop_
_entity.id
_entity.type
_entity.pdbx_description
1 polymer 'Nucleoporin NUP192'
2 polymer 'Nucleoporin NIC96'
3 polymer 'Nucleoporin NUP53'
4 polymer 'Nucleoporin NUP145N'
#
loop_
_entity_poly.entity_id
_entity_poly.type
_entity_poly.pdbx_seq_one_letter_code
_entity_poly.pdbx_strand_id
1 'polypeptide(L)'
;GPLMSGLNDIFEAQKIEWHEGSAGGSGHMTDLRKLEALQALHAELVAVRQHRFEGLQVLETLLEEQTDAFKALIAKPARD
TKDREALGKEPKKLKIGEEEYSLNEDFVNDCLKLADELDLNEKESARILIDCDAEGDVETQSRPLWECGVIRFHQERKYL
LDCMRLILEIAADEDIDAGLQESFGVAAEDKIFGIPPPWERNKENQPTQVKKFIPRCMEAMKGVRSMLQCMADKANARNM
LQQASLVRPLDNQETLDFSRLSLVEQHECLASILHAAVQRHHATIADFQDFIKILRKWDKYDHFLIHLIPVLAAYITEFG
SPEGMGDLQQARRLNDFICKGGDEDSWALPVLGAAVRAWWIAEHNGFYLDDTVQDLRGINLDEEDEQRTKQFLDALKEGA
FDFILSVAADCKAQEWQDPSQLGARQWLQRKIPSLPSEPFPFSHFLQHSLMVHLEGFVDATISNLPDVLRKLRTEEDEQR
QLRPNHEQDMDLERFLIIISYAYEGRPDAAMSFWEDPDSNLAGFLQWASRRASTPLVSAFCEMLRCLADNEECATAAHNF
LLDEGHQASGKMKRSQSLTWSQIFKELEYFTTKVCSERPNPPQASMHRPGRPGADPAEIEPESALMLECYLRLIAKLATE
SEIARKRLIMDEDFNLVDTILKLSVGVIPHRLRACIFYVLKALMIRKTHEELDAMWRWVEAWMTNPFSSLPGSQGAPQRI
SFLGQTPGPQECMEMMFREFGTGFEQSNAFIQLLTTLLVPPEGLNSLNDSVPFPEWLGSSIRTLGIEPYVDFVFDVFANR
TKDISDPSQLRILRLSCLDFVMVCLVTFNEDLIVLGHESNISIDDAMAATNLATYVRLHPFSRVMEWLFNEKVITSLINT
IHQDPISLGSASPDSPLVVSILRAIQVMIKALELQETYLHLVRPEVLRYQGEAGVRRKPVANAAYSAFEDGILSHLSLVV
DLGKYCNLGHAELTLACLKLLEKISTSSRILSAWSPDSGRLGHRNKAIVQLERNGEGETISASLSASIMATLDPALAASG
ENYRVKLAILDFLYACLRATPDQPTIAHQLLGFHCELSKLGIEPKGPFDMQKSLFHSLLNVLITLTVSEEEQGMRGYLVT
LKYRVLRILQLLWKSPLSASLVMDELRATNFLFHMLLREVQIQPQLPWDGQLVTGCEFLLSDASLAYIDYLASRAAIFEY
IGKELCSVSQNRIPSIKRQIFDALNGQIFVDEEAPLTIPSIFDFFDFINTDYKWEEIPSPHFTYLKDLDLGPCILEHKYA
GVHYDIRKAQEILALKRKEYEHSQLATPEFLETVELEEKVLIEWLTVRNRANLLLTARLNLLQAWANLLLVMIESNDFKS
TPKMAFLLQALQAILPTLEAFSSLKSDEAFELARVAKVLLWKLDFSQDSDAGLDREQFTVGNLIGDKLFQLFQLCLSAIS
QCSGTPELRSLYYSICYRYLTAVVDNDATVAATPASSTIGPTRSVTNARARTLKAITLYGDRLLNVICDDAYGSDTTCQT
AAMILLNALVHTSRASSAAGVSPADVDCPIIDALNRLNFIGVLVDSLKEILNEWLAPSSTFDPSLSTNASPSLPIPASPS
QQYTSAKLALLLQLCQTRQGAKYVLQANLFRALEQSGVFAADPELVEVDSESGVPRVVALERHYALLVALARVVGAAVTA
RGAHNIVQGRKFLTQHRGLVVHVLKKNAGIGGGVVGNSLASSINGGSTATMTRRDEILAQQALEERIEELAEAFMLLITA
TGFLEYESEQVPSEQPRAHTTFFH
;
A
2 'polypeptide(L)' SGTGLGEVDVDTYLSNLQTKTTLSMIADGLERSARDFDAFLEENVTLEWEAQRKRIYQHFGIK B
3 'polypeptide(L)' SQQDGSLRSRKANLETGAFGKSTRRTRSKAATPAKRED D
4 'polypeptide(L)' SATPLSGKAKVKSRSILPMYKLSPANASRLVTTPQKRAYGFSFSAYGSPTSPSSSASSTPGAFGQSILS C
#
# COMPACT_ATOMS: atom_id res chain seq x y z
N MET A 29 -24.42 -13.96 -5.75
CA MET A 29 -25.88 -13.98 -6.04
C MET A 29 -26.49 -15.32 -5.61
N THR A 30 -27.79 -15.47 -5.81
CA THR A 30 -28.51 -16.70 -5.46
C THR A 30 -29.04 -17.47 -6.66
N ASP A 31 -29.44 -16.77 -7.72
CA ASP A 31 -29.95 -17.42 -8.93
C ASP A 31 -28.81 -17.50 -9.94
N LEU A 32 -27.92 -18.45 -9.70
CA LEU A 32 -26.76 -18.66 -10.57
C LEU A 32 -27.08 -19.72 -11.62
N ARG A 33 -26.53 -19.53 -12.82
CA ARG A 33 -26.73 -20.46 -13.92
C ARG A 33 -25.87 -21.69 -13.71
N LYS A 34 -25.85 -22.58 -14.70
CA LYS A 34 -25.07 -23.81 -14.58
C LYS A 34 -23.59 -23.51 -14.42
N LEU A 35 -23.05 -22.63 -15.27
CA LEU A 35 -21.64 -22.30 -15.19
C LEU A 35 -21.29 -21.68 -13.84
N GLU A 36 -22.02 -20.63 -13.46
CA GLU A 36 -21.74 -19.97 -12.18
C GLU A 36 -21.96 -20.91 -11.01
N ALA A 37 -22.85 -21.89 -11.16
CA ALA A 37 -23.08 -22.84 -10.07
C ALA A 37 -21.87 -23.76 -9.88
N LEU A 38 -21.29 -24.25 -10.98
CA LEU A 38 -20.13 -25.12 -10.86
C LEU A 38 -18.90 -24.34 -10.41
N GLN A 39 -18.72 -23.12 -10.92
CA GLN A 39 -17.57 -22.31 -10.52
C GLN A 39 -17.62 -21.99 -9.03
N ALA A 40 -18.81 -21.65 -8.51
CA ALA A 40 -18.93 -21.37 -7.09
C ALA A 40 -18.75 -22.64 -6.26
N LEU A 41 -19.29 -23.76 -6.73
CA LEU A 41 -19.12 -25.02 -6.02
C LEU A 41 -17.66 -25.40 -5.92
N HIS A 42 -16.88 -25.18 -6.98
CA HIS A 42 -15.47 -25.53 -6.95
C HIS A 42 -14.73 -24.77 -5.86
N ALA A 43 -15.05 -23.48 -5.69
CA ALA A 43 -14.37 -22.69 -4.66
C ALA A 43 -14.64 -23.25 -3.28
N GLU A 44 -15.86 -23.75 -3.04
CA GLU A 44 -16.19 -24.31 -1.73
C GLU A 44 -15.37 -25.56 -1.44
N LEU A 45 -15.19 -26.43 -2.44
CA LEU A 45 -14.43 -27.65 -2.24
C LEU A 45 -12.97 -27.34 -1.89
N VAL A 46 -12.42 -26.28 -2.48
CA VAL A 46 -11.04 -25.91 -2.19
C VAL A 46 -10.91 -25.46 -0.74
N ALA A 47 -11.93 -24.76 -0.23
CA ALA A 47 -11.89 -24.31 1.17
C ALA A 47 -11.76 -25.49 2.11
N VAL A 48 -12.64 -26.49 1.97
CA VAL A 48 -12.58 -27.66 2.84
C VAL A 48 -11.25 -28.39 2.67
N ARG A 49 -10.69 -28.37 1.46
CA ARG A 49 -9.41 -29.03 1.23
C ARG A 49 -8.26 -28.26 1.86
N GLN A 50 -8.34 -26.94 1.89
CA GLN A 50 -7.30 -26.09 2.47
C GLN A 50 -7.55 -25.79 3.94
N HIS A 51 -8.25 -26.67 4.66
CA HIS A 51 -8.50 -26.50 6.09
C HIS A 51 -9.31 -25.23 6.36
N ARG A 52 -10.46 -25.13 5.69
CA ARG A 52 -11.40 -24.02 5.89
C ARG A 52 -12.80 -24.61 5.83
N PHE A 53 -13.40 -24.86 6.99
CA PHE A 53 -14.73 -25.45 7.11
C PHE A 53 -15.81 -24.40 7.35
N GLU A 54 -15.63 -23.19 6.82
CA GLU A 54 -16.61 -22.13 7.00
C GLU A 54 -17.79 -22.23 6.04
N GLY A 55 -17.82 -23.23 5.18
CA GLY A 55 -18.90 -23.39 4.22
C GLY A 55 -19.51 -24.77 4.22
N LEU A 56 -19.57 -25.40 5.40
CA LEU A 56 -20.16 -26.74 5.49
C LEU A 56 -21.64 -26.72 5.14
N GLN A 57 -22.40 -25.82 5.78
CA GLN A 57 -23.84 -25.75 5.51
C GLN A 57 -24.12 -25.32 4.07
N VAL A 58 -23.25 -24.50 3.50
CA VAL A 58 -23.45 -24.05 2.12
C VAL A 58 -23.02 -25.11 1.11
N LEU A 59 -22.10 -26.01 1.49
CA LEU A 59 -21.65 -27.05 0.57
C LEU A 59 -22.75 -28.07 0.31
N GLU A 60 -23.38 -28.56 1.38
CA GLU A 60 -24.42 -29.58 1.21
C GLU A 60 -25.58 -29.07 0.35
N THR A 61 -25.86 -27.77 0.40
CA THR A 61 -26.96 -27.22 -0.37
C THR A 61 -26.71 -27.28 -1.88
N LEU A 62 -25.44 -27.32 -2.29
CA LEU A 62 -25.14 -27.34 -3.72
C LEU A 62 -25.24 -28.74 -4.30
N LEU A 63 -24.82 -29.76 -3.55
CA LEU A 63 -24.89 -31.12 -4.05
C LEU A 63 -26.33 -31.54 -4.36
N GLU A 64 -27.30 -31.00 -3.62
CA GLU A 64 -28.69 -31.35 -3.86
C GLU A 64 -29.25 -30.67 -5.09
N GLU A 65 -28.77 -29.47 -5.43
CA GLU A 65 -29.25 -28.77 -6.60
C GLU A 65 -28.65 -29.32 -7.89
N GLN A 66 -27.44 -29.86 -7.83
CA GLN A 66 -26.75 -30.41 -8.99
C GLN A 66 -26.74 -31.93 -8.99
N THR A 67 -27.73 -32.56 -8.34
CA THR A 67 -27.79 -34.01 -8.30
C THR A 67 -27.81 -34.61 -9.70
N ASP A 68 -28.61 -34.02 -10.60
CA ASP A 68 -28.68 -34.52 -11.97
C ASP A 68 -27.38 -34.34 -12.72
N ALA A 69 -26.52 -33.41 -12.29
CA ALA A 69 -25.26 -33.17 -12.99
C ALA A 69 -24.24 -34.25 -12.65
N PHE A 70 -24.09 -34.58 -11.36
CA PHE A 70 -23.13 -35.59 -10.95
C PHE A 70 -23.50 -36.98 -11.45
N LYS A 71 -24.78 -37.24 -11.70
CA LYS A 71 -25.20 -38.54 -12.19
C LYS A 71 -24.52 -38.88 -13.51
N ALA A 72 -24.64 -38.00 -14.49
CA ALA A 72 -24.03 -38.19 -15.81
C ALA A 72 -22.75 -37.36 -15.86
N LEU A 73 -21.61 -38.03 -16.04
CA LEU A 73 -20.33 -37.32 -16.10
C LEU A 73 -20.32 -36.34 -17.27
N ILE A 74 -20.41 -36.85 -18.49
CA ILE A 74 -20.45 -36.01 -19.69
C ILE A 74 -21.31 -36.69 -20.74
N ALA A 75 -22.34 -35.98 -21.22
CA ALA A 75 -23.23 -36.52 -22.22
C ALA A 75 -23.83 -35.38 -23.02
N LYS A 76 -23.58 -35.36 -24.32
CA LYS A 76 -24.10 -34.33 -25.20
C LYS A 76 -25.25 -34.89 -26.02
N PRO A 77 -26.45 -34.32 -25.95
CA PRO A 77 -27.56 -34.85 -26.75
C PRO A 77 -27.21 -34.83 -28.24
N ALA A 78 -27.56 -35.91 -28.92
CA ALA A 78 -27.28 -36.02 -30.34
C ALA A 78 -28.05 -34.95 -31.11
N ARG A 79 -27.45 -34.48 -32.21
CA ARG A 79 -28.08 -33.45 -33.04
C ARG A 79 -29.33 -34.02 -33.70
N ASP A 80 -30.48 -33.45 -33.36
CA ASP A 80 -31.76 -33.88 -33.88
C ASP A 80 -32.21 -32.96 -35.00
N THR A 81 -32.95 -33.52 -35.96
CA THR A 81 -33.45 -32.75 -37.09
C THR A 81 -34.72 -31.99 -36.75
N LYS A 82 -35.48 -32.42 -35.74
CA LYS A 82 -36.70 -31.71 -35.37
C LYS A 82 -36.40 -30.28 -34.98
N ASP A 83 -35.34 -30.06 -34.19
CA ASP A 83 -34.98 -28.72 -33.76
C ASP A 83 -34.25 -27.95 -34.85
N ARG A 84 -33.47 -28.63 -35.67
CA ARG A 84 -32.75 -27.95 -36.76
C ARG A 84 -33.72 -27.31 -37.73
N GLU A 85 -34.73 -28.06 -38.17
CA GLU A 85 -35.70 -27.53 -39.12
C GLU A 85 -36.63 -26.52 -38.46
N ALA A 86 -36.96 -26.72 -37.19
CA ALA A 86 -37.87 -25.81 -36.50
C ALA A 86 -37.18 -24.52 -36.09
N LEU A 87 -35.90 -24.58 -35.72
CA LEU A 87 -35.18 -23.38 -35.30
C LEU A 87 -35.09 -22.37 -36.44
N GLY A 88 -34.69 -22.84 -37.62
CA GLY A 88 -34.54 -21.95 -38.76
C GLY A 88 -35.83 -21.59 -39.45
N LYS A 89 -36.90 -22.33 -39.20
CA LYS A 89 -38.18 -22.04 -39.85
C LYS A 89 -38.83 -20.80 -39.26
N GLU A 90 -38.90 -20.73 -37.92
CA GLU A 90 -39.49 -19.59 -37.22
C GLU A 90 -38.50 -19.08 -36.18
N PRO A 91 -37.41 -18.46 -36.62
CA PRO A 91 -36.41 -17.91 -35.67
C PRO A 91 -36.86 -16.57 -35.10
N LYS A 92 -38.03 -16.55 -34.46
CA LYS A 92 -38.60 -15.35 -33.88
C LYS A 92 -38.67 -15.40 -32.37
N LYS A 93 -39.28 -16.44 -31.80
CA LYS A 93 -39.44 -16.59 -30.36
C LYS A 93 -38.95 -17.97 -29.94
N LEU A 94 -38.18 -18.01 -28.85
CA LEU A 94 -37.66 -19.24 -28.29
C LEU A 94 -38.13 -19.39 -26.85
N LYS A 95 -38.53 -20.59 -26.48
CA LYS A 95 -39.03 -20.90 -25.14
C LYS A 95 -38.18 -22.01 -24.56
N ILE A 96 -37.42 -21.69 -23.52
CA ILE A 96 -36.56 -22.66 -22.83
C ILE A 96 -37.01 -22.71 -21.38
N GLY A 97 -37.57 -23.86 -20.98
CA GLY A 97 -38.04 -24.03 -19.62
C GLY A 97 -39.19 -23.12 -19.27
N GLU A 98 -38.94 -22.18 -18.35
CA GLU A 98 -39.97 -21.24 -17.91
C GLU A 98 -39.82 -19.85 -18.54
N GLU A 99 -38.61 -19.46 -18.91
CA GLU A 99 -38.37 -18.16 -19.50
C GLU A 99 -38.56 -18.20 -21.02
N GLU A 100 -38.69 -17.01 -21.60
CA GLU A 100 -38.87 -16.85 -23.03
C GLU A 100 -37.85 -15.85 -23.57
N TYR A 101 -37.40 -16.11 -24.79
CA TYR A 101 -36.43 -15.25 -25.45
C TYR A 101 -36.83 -15.05 -26.90
N SER A 102 -36.29 -13.99 -27.50
CA SER A 102 -36.55 -13.63 -28.89
C SER A 102 -35.30 -13.86 -29.73
N LEU A 103 -35.43 -14.61 -30.81
CA LEU A 103 -34.32 -14.92 -31.69
C LEU A 103 -34.32 -13.95 -32.88
N ASN A 104 -33.12 -13.50 -33.25
CA ASN A 104 -32.93 -12.61 -34.39
C ASN A 104 -32.01 -13.28 -35.40
N GLU A 105 -31.92 -12.66 -36.59
CA GLU A 105 -31.11 -13.22 -37.66
C GLU A 105 -29.64 -13.35 -37.27
N ASP A 106 -29.17 -12.58 -36.29
CA ASP A 106 -27.78 -12.65 -35.88
C ASP A 106 -27.55 -13.79 -34.89
N PHE A 107 -28.39 -13.87 -33.85
CA PHE A 107 -28.22 -14.91 -32.84
C PHE A 107 -28.48 -16.30 -33.40
N VAL A 108 -29.48 -16.43 -34.28
CA VAL A 108 -29.80 -17.74 -34.84
C VAL A 108 -28.61 -18.31 -35.59
N ASN A 109 -27.81 -17.46 -36.23
CA ASN A 109 -26.65 -17.95 -36.96
C ASN A 109 -25.61 -18.56 -36.03
N ASP A 110 -25.51 -18.05 -34.80
CA ASP A 110 -24.54 -18.59 -33.86
C ASP A 110 -24.96 -19.95 -33.33
N CYS A 111 -26.26 -20.21 -33.23
CA CYS A 111 -26.74 -21.50 -32.75
C CYS A 111 -26.33 -22.62 -33.70
N LEU A 112 -26.60 -22.44 -35.00
CA LEU A 112 -26.24 -23.46 -35.97
C LEU A 112 -24.74 -23.67 -36.05
N LYS A 113 -23.95 -22.60 -35.87
CA LYS A 113 -22.51 -22.72 -35.92
C LYS A 113 -21.98 -23.50 -34.72
N LEU A 114 -22.47 -23.18 -33.52
CA LEU A 114 -22.02 -23.89 -32.33
C LEU A 114 -22.45 -25.36 -32.38
N ALA A 115 -23.66 -25.63 -32.84
CA ALA A 115 -24.15 -27.00 -32.91
C ALA A 115 -23.34 -27.84 -33.89
N ASP A 116 -22.85 -27.22 -34.97
CA ASP A 116 -22.11 -27.96 -35.98
C ASP A 116 -20.70 -28.29 -35.52
N GLU A 117 -20.02 -27.32 -34.89
CA GLU A 117 -18.64 -27.54 -34.47
C GLU A 117 -18.55 -28.63 -33.40
N LEU A 118 -19.51 -28.65 -32.47
CA LEU A 118 -19.51 -29.60 -31.37
C LEU A 118 -20.51 -30.73 -31.54
N ASP A 119 -21.33 -30.70 -32.60
CA ASP A 119 -22.34 -31.72 -32.84
C ASP A 119 -23.29 -31.83 -31.65
N LEU A 120 -23.74 -30.68 -31.17
CA LEU A 120 -24.62 -30.58 -30.03
C LEU A 120 -26.03 -30.21 -30.48
N ASN A 121 -27.01 -30.63 -29.70
CA ASN A 121 -28.40 -30.34 -30.02
C ASN A 121 -28.64 -28.83 -30.10
N GLU A 122 -29.58 -28.43 -30.95
CA GLU A 122 -29.88 -27.02 -31.11
C GLU A 122 -30.44 -26.42 -29.83
N LYS A 123 -31.33 -27.15 -29.15
CA LYS A 123 -31.91 -26.64 -27.91
C LYS A 123 -30.84 -26.45 -26.85
N GLU A 124 -30.00 -27.47 -26.63
CA GLU A 124 -28.94 -27.35 -25.64
C GLU A 124 -27.92 -26.31 -26.06
N SER A 125 -27.58 -26.25 -27.34
CA SER A 125 -26.62 -25.27 -27.81
C SER A 125 -27.13 -23.85 -27.62
N ALA A 126 -28.44 -23.63 -27.83
CA ALA A 126 -29.00 -22.29 -27.67
C ALA A 126 -28.90 -21.85 -26.22
N ARG A 127 -29.20 -22.74 -25.27
CA ARG A 127 -29.12 -22.37 -23.86
C ARG A 127 -27.72 -21.89 -23.49
N ILE A 128 -26.69 -22.50 -24.07
CA ILE A 128 -25.32 -22.09 -23.78
C ILE A 128 -25.09 -20.66 -24.25
N LEU A 129 -25.55 -20.34 -25.46
CA LEU A 129 -25.36 -19.00 -25.98
C LEU A 129 -26.17 -17.98 -25.20
N ILE A 130 -27.37 -18.37 -24.75
CA ILE A 130 -28.20 -17.45 -23.96
C ILE A 130 -27.51 -17.08 -22.66
N ASP A 131 -26.79 -18.04 -22.06
CA ASP A 131 -26.09 -17.75 -20.80
C ASP A 131 -25.01 -16.70 -21.00
N CYS A 132 -24.44 -16.62 -22.20
CA CYS A 132 -23.41 -15.62 -22.46
C CYS A 132 -24.01 -14.22 -22.57
N ASP A 133 -25.17 -14.09 -23.22
CA ASP A 133 -25.80 -12.78 -23.35
C ASP A 133 -26.18 -12.22 -21.99
N ALA A 134 -26.74 -13.06 -21.11
CA ALA A 134 -27.12 -12.60 -19.79
C ALA A 134 -25.90 -12.17 -18.99
N GLU A 135 -24.94 -13.08 -18.82
CA GLU A 135 -23.73 -12.74 -18.07
C GLU A 135 -22.95 -11.62 -18.75
N GLY A 136 -23.04 -11.52 -20.07
CA GLY A 136 -22.33 -10.49 -20.81
C GLY A 136 -20.83 -10.67 -20.81
N ASP A 137 -20.37 -11.88 -21.13
CA ASP A 137 -18.95 -12.18 -21.19
C ASP A 137 -18.32 -11.82 -22.54
N VAL A 138 -19.13 -11.40 -23.51
CA VAL A 138 -18.59 -11.02 -24.81
C VAL A 138 -17.62 -9.86 -24.69
N GLU A 139 -17.90 -8.93 -23.77
CA GLU A 139 -17.02 -7.78 -23.57
C GLU A 139 -15.82 -8.12 -22.69
N THR A 140 -15.98 -9.06 -21.75
CA THR A 140 -14.88 -9.44 -20.89
C THR A 140 -13.77 -10.14 -21.67
N GLN A 141 -14.12 -10.81 -22.76
CA GLN A 141 -13.14 -11.51 -23.60
C GLN A 141 -12.98 -10.90 -24.98
N SER A 142 -13.95 -10.14 -25.46
CA SER A 142 -13.88 -9.51 -26.78
C SER A 142 -13.67 -10.56 -27.87
N ARG A 143 -14.63 -11.47 -27.97
CA ARG A 143 -14.60 -12.55 -28.94
C ARG A 143 -15.99 -12.71 -29.52
N PRO A 144 -16.11 -13.38 -30.68
CA PRO A 144 -17.44 -13.60 -31.26
C PRO A 144 -18.34 -14.35 -30.29
N LEU A 145 -19.65 -14.15 -30.46
CA LEU A 145 -20.62 -14.79 -29.55
C LEU A 145 -20.63 -16.29 -29.73
N TRP A 146 -20.46 -16.78 -30.96
CA TRP A 146 -20.49 -18.21 -31.19
C TRP A 146 -19.26 -18.90 -30.60
N GLU A 147 -18.13 -18.20 -30.50
CA GLU A 147 -16.94 -18.79 -29.92
C GLU A 147 -17.07 -18.93 -28.41
N CYS A 148 -17.73 -17.97 -27.76
CA CYS A 148 -17.92 -18.06 -26.32
C CYS A 148 -18.69 -19.31 -25.93
N GLY A 149 -19.63 -19.73 -26.78
CA GLY A 149 -20.37 -20.95 -26.49
C GLY A 149 -19.48 -22.17 -26.37
N VAL A 150 -18.40 -22.22 -27.15
CA VAL A 150 -17.48 -23.35 -27.07
C VAL A 150 -16.74 -23.33 -25.74
N ILE A 151 -16.31 -22.16 -25.29
CA ILE A 151 -15.61 -22.06 -24.01
C ILE A 151 -16.55 -22.38 -22.86
N ARG A 152 -17.74 -21.76 -22.86
CA ARG A 152 -18.70 -22.02 -21.80
C ARG A 152 -19.04 -23.50 -21.71
N PHE A 153 -19.12 -24.18 -22.84
CA PHE A 153 -19.42 -25.61 -22.83
C PHE A 153 -18.30 -26.41 -22.20
N HIS A 154 -17.05 -26.05 -22.51
CA HIS A 154 -15.91 -26.77 -21.94
C HIS A 154 -15.75 -26.49 -20.45
N GLN A 155 -16.08 -25.28 -20.01
CA GLN A 155 -15.97 -24.96 -18.58
C GLN A 155 -16.87 -25.87 -17.74
N GLU A 156 -18.07 -26.17 -18.25
CA GLU A 156 -18.98 -27.02 -17.49
C GLU A 156 -18.36 -28.38 -17.22
N ARG A 157 -17.83 -29.03 -18.26
CA ARG A 157 -17.19 -30.33 -18.06
C ARG A 157 -15.98 -30.23 -17.15
N LYS A 158 -15.25 -29.13 -17.21
CA LYS A 158 -14.06 -28.97 -16.36
C LYS A 158 -14.44 -29.04 -14.88
N TYR A 159 -15.26 -28.10 -14.42
CA TYR A 159 -15.65 -28.07 -13.02
C TYR A 159 -16.51 -29.27 -12.66
N LEU A 160 -17.41 -29.69 -13.56
CA LEU A 160 -18.26 -30.84 -13.27
C LEU A 160 -17.42 -32.08 -12.97
N LEU A 161 -16.30 -32.24 -13.66
CA LEU A 161 -15.42 -33.39 -13.44
C LEU A 161 -14.34 -33.08 -12.41
N ASP A 162 -13.75 -31.88 -12.46
CA ASP A 162 -12.70 -31.54 -11.51
C ASP A 162 -13.22 -31.54 -10.08
N CYS A 163 -14.45 -31.06 -9.87
CA CYS A 163 -15.02 -31.03 -8.53
C CYS A 163 -15.17 -32.43 -7.96
N MET A 164 -15.42 -33.43 -8.82
CA MET A 164 -15.54 -34.80 -8.33
C MET A 164 -14.24 -35.30 -7.75
N ARG A 165 -13.11 -34.91 -8.34
CA ARG A 165 -11.81 -35.34 -7.82
C ARG A 165 -11.59 -34.80 -6.40
N LEU A 166 -12.04 -33.57 -6.14
CA LEU A 166 -11.87 -33.00 -4.81
C LEU A 166 -12.71 -33.76 -3.78
N ILE A 167 -13.91 -34.19 -4.15
CA ILE A 167 -14.76 -34.92 -3.22
C ILE A 167 -14.06 -36.19 -2.75
N LEU A 168 -13.60 -37.01 -3.70
CA LEU A 168 -12.91 -38.24 -3.35
C LEU A 168 -11.59 -37.93 -2.65
N GLU A 169 -10.90 -36.87 -3.07
CA GLU A 169 -9.64 -36.51 -2.44
C GLU A 169 -9.84 -36.10 -0.99
N ILE A 170 -10.90 -35.33 -0.72
CA ILE A 170 -11.18 -34.92 0.66
C ILE A 170 -11.72 -36.10 1.46
N ALA A 171 -12.46 -37.01 0.82
CA ALA A 171 -13.00 -38.17 1.52
C ALA A 171 -11.90 -39.12 1.99
N ALA A 172 -10.71 -39.05 1.40
CA ALA A 172 -9.58 -39.88 1.78
C ALA A 172 -8.56 -39.15 2.63
N ASP A 173 -8.78 -37.86 2.92
CA ASP A 173 -7.83 -37.10 3.71
C ASP A 173 -7.85 -37.57 5.16
N GLU A 174 -6.69 -37.93 5.68
CA GLU A 174 -6.56 -38.41 7.05
C GLU A 174 -6.31 -37.27 8.04
N ASP A 175 -6.01 -36.06 7.56
CA ASP A 175 -5.72 -34.92 8.43
C ASP A 175 -6.95 -34.06 8.69
N ILE A 176 -8.14 -34.66 8.70
CA ILE A 176 -9.39 -33.94 8.96
C ILE A 176 -10.24 -34.76 9.91
N ASP A 177 -11.36 -34.18 10.32
CA ASP A 177 -12.26 -34.87 11.24
C ASP A 177 -12.79 -36.16 10.60
N ALA A 178 -12.90 -37.20 11.42
CA ALA A 178 -13.40 -38.48 10.91
C ALA A 178 -14.85 -38.35 10.44
N GLY A 179 -15.64 -37.54 11.13
CA GLY A 179 -17.03 -37.36 10.73
C GLY A 179 -17.16 -36.74 9.35
N LEU A 180 -16.47 -35.60 9.14
CA LEU A 180 -16.52 -34.94 7.84
C LEU A 180 -15.93 -35.83 6.75
N GLN A 181 -14.88 -36.59 7.09
CA GLN A 181 -14.26 -37.46 6.09
C GLN A 181 -15.25 -38.51 5.58
N GLU A 182 -16.17 -38.95 6.42
CA GLU A 182 -17.16 -39.95 6.01
C GLU A 182 -18.34 -39.34 5.27
N SER A 183 -18.64 -38.06 5.50
CA SER A 183 -19.76 -37.43 4.82
C SER A 183 -19.56 -37.40 3.32
N PHE A 184 -18.38 -36.94 2.88
CA PHE A 184 -18.09 -36.88 1.45
C PHE A 184 -17.93 -38.26 0.84
N GLY A 185 -17.59 -39.27 1.65
CA GLY A 185 -17.44 -40.62 1.14
C GLY A 185 -18.75 -41.23 0.67
N VAL A 186 -19.74 -41.28 1.56
CA VAL A 186 -21.03 -41.84 1.20
C VAL A 186 -21.70 -41.00 0.12
N ALA A 187 -21.47 -39.69 0.13
CA ALA A 187 -22.07 -38.84 -0.89
C ALA A 187 -21.54 -39.19 -2.28
N ALA A 188 -20.24 -39.43 -2.40
CA ALA A 188 -19.67 -39.77 -3.70
C ALA A 188 -20.21 -41.11 -4.20
N GLU A 189 -20.50 -42.04 -3.29
CA GLU A 189 -21.01 -43.35 -3.71
C GLU A 189 -22.33 -43.20 -4.45
N ASP A 190 -23.17 -42.25 -4.04
CA ASP A 190 -24.48 -42.04 -4.64
C ASP A 190 -24.49 -40.98 -5.72
N LYS A 191 -23.76 -39.88 -5.51
CA LYS A 191 -23.77 -38.79 -6.49
C LYS A 191 -22.90 -39.11 -7.70
N ILE A 192 -21.75 -39.72 -7.49
CA ILE A 192 -20.82 -40.01 -8.58
C ILE A 192 -21.04 -41.43 -9.08
N PHE A 193 -20.87 -42.41 -8.19
CA PHE A 193 -20.98 -43.82 -8.57
C PHE A 193 -22.41 -44.31 -8.66
N GLY A 194 -23.39 -43.47 -8.33
CA GLY A 194 -24.79 -43.87 -8.42
C GLY A 194 -25.15 -45.05 -7.54
N ILE A 195 -24.43 -45.24 -6.44
CA ILE A 195 -24.69 -46.32 -5.50
C ILE A 195 -25.41 -45.72 -4.29
N PRO A 196 -26.62 -46.16 -3.98
CA PRO A 196 -27.35 -45.56 -2.85
C PRO A 196 -26.65 -45.85 -1.53
N PRO A 197 -26.93 -45.09 -0.48
CA PRO A 197 -26.28 -45.33 0.81
C PRO A 197 -26.81 -46.59 1.46
N PRO A 198 -26.20 -47.04 2.56
CA PRO A 198 -26.64 -48.30 3.18
C PRO A 198 -28.04 -48.25 3.77
N TRP A 199 -28.58 -47.06 4.04
CA TRP A 199 -29.88 -46.92 4.69
C TRP A 199 -31.04 -46.88 3.70
N GLU A 200 -30.85 -47.40 2.48
CA GLU A 200 -31.92 -47.47 1.50
C GLU A 200 -31.44 -48.29 0.31
N ARG A 201 -32.38 -48.98 -0.33
CA ARG A 201 -32.07 -49.82 -1.48
C ARG A 201 -30.99 -50.84 -1.14
N GLN A 209 -31.52 -52.37 -14.05
CA GLN A 209 -32.08 -51.37 -14.95
C GLN A 209 -31.10 -50.23 -15.17
N VAL A 210 -30.37 -49.87 -14.12
CA VAL A 210 -29.40 -48.79 -14.20
C VAL A 210 -28.05 -49.35 -14.63
N LYS A 211 -27.23 -48.48 -15.21
CA LYS A 211 -25.91 -48.85 -15.68
C LYS A 211 -24.85 -48.49 -14.65
N LYS A 212 -23.81 -49.32 -14.57
CA LYS A 212 -22.74 -49.10 -13.60
C LYS A 212 -21.96 -47.84 -13.96
N PHE A 213 -21.04 -47.46 -13.07
CA PHE A 213 -20.27 -46.24 -13.27
C PHE A 213 -19.15 -46.44 -14.28
N ILE A 214 -18.40 -47.52 -14.15
CA ILE A 214 -17.27 -47.80 -15.04
C ILE A 214 -17.71 -47.75 -16.49
N PRO A 215 -18.71 -48.53 -16.91
CA PRO A 215 -19.10 -48.48 -18.33
C PRO A 215 -19.46 -47.09 -18.82
N ARG A 216 -20.00 -46.23 -17.94
CA ARG A 216 -20.25 -44.85 -18.34
C ARG A 216 -18.96 -44.06 -18.42
N CYS A 217 -18.04 -44.29 -17.48
CA CYS A 217 -16.76 -43.58 -17.50
C CYS A 217 -15.93 -43.98 -18.71
N MET A 218 -15.91 -45.28 -19.04
CA MET A 218 -15.17 -45.72 -20.22
C MET A 218 -15.74 -45.08 -21.48
N GLU A 219 -17.06 -45.07 -21.62
CA GLU A 219 -17.69 -44.41 -22.76
C GLU A 219 -17.49 -42.90 -22.69
N ALA A 220 -17.43 -42.33 -21.49
CA ALA A 220 -17.19 -40.90 -21.36
C ALA A 220 -15.83 -40.52 -21.90
N MET A 221 -14.78 -41.19 -21.44
CA MET A 221 -13.44 -40.90 -21.95
C MET A 221 -13.34 -41.17 -23.44
N LYS A 222 -14.08 -42.17 -23.94
CA LYS A 222 -14.06 -42.44 -25.37
C LYS A 222 -14.53 -41.23 -26.18
N GLY A 223 -15.58 -40.57 -25.70
CA GLY A 223 -16.06 -39.38 -26.40
C GLY A 223 -15.03 -38.27 -26.45
N VAL A 224 -14.21 -38.14 -25.40
CA VAL A 224 -13.17 -37.11 -25.40
C VAL A 224 -12.12 -37.41 -26.47
N ARG A 225 -11.80 -38.68 -26.67
CA ARG A 225 -10.81 -39.04 -27.69
C ARG A 225 -11.36 -38.82 -29.09
N SER A 226 -12.59 -39.29 -29.35
CA SER A 226 -13.18 -39.08 -30.66
C SER A 226 -13.38 -37.60 -30.95
N MET A 227 -13.77 -36.82 -29.94
CA MET A 227 -13.95 -35.39 -30.13
C MET A 227 -12.62 -34.70 -30.39
N LEU A 228 -11.56 -35.14 -29.71
CA LEU A 228 -10.24 -34.54 -29.93
C LEU A 228 -9.67 -34.94 -31.28
N GLN A 229 -9.93 -36.19 -31.71
CA GLN A 229 -9.44 -36.64 -33.00
C GLN A 229 -10.10 -35.88 -34.14
N CYS A 230 -11.43 -35.78 -34.11
CA CYS A 230 -12.13 -35.03 -35.15
C CYS A 230 -11.77 -33.55 -35.11
N MET A 231 -11.39 -33.05 -33.94
CA MET A 231 -10.98 -31.64 -33.84
C MET A 231 -9.72 -31.37 -34.64
N ALA A 232 -8.71 -32.23 -34.49
CA ALA A 232 -7.46 -32.03 -35.23
C ALA A 232 -7.68 -32.19 -36.72
N ASP A 233 -8.51 -33.15 -37.13
CA ASP A 233 -8.76 -33.35 -38.55
C ASP A 233 -9.42 -32.13 -39.17
N LYS A 234 -10.47 -31.62 -38.55
CA LYS A 234 -11.16 -30.44 -39.08
C LYS A 234 -10.30 -29.19 -38.92
N ALA A 235 -9.70 -29.01 -37.75
CA ALA A 235 -8.87 -27.83 -37.52
C ALA A 235 -7.69 -27.79 -38.48
N ASN A 236 -7.02 -28.93 -38.65
CA ASN A 236 -5.87 -28.99 -39.55
C ASN A 236 -6.27 -28.71 -40.99
N ALA A 237 -7.48 -29.13 -41.40
CA ALA A 237 -7.93 -28.89 -42.76
C ALA A 237 -8.01 -27.40 -43.05
N ARG A 238 -8.71 -26.65 -42.19
CA ARG A 238 -8.83 -25.21 -42.41
C ARG A 238 -7.50 -24.51 -42.18
N ASN A 239 -6.71 -24.97 -41.21
CA ASN A 239 -5.42 -24.35 -40.94
C ASN A 239 -4.43 -24.62 -42.07
N MET A 240 -4.48 -25.81 -42.65
CA MET A 240 -3.58 -26.17 -43.74
C MET A 240 -3.92 -25.36 -45.00
N LEU A 250 -5.51 -17.15 -37.10
CA LEU A 250 -6.81 -16.56 -36.86
C LEU A 250 -6.96 -16.19 -35.38
N ASP A 251 -8.08 -15.53 -35.05
CA ASP A 251 -8.35 -15.10 -33.69
C ASP A 251 -8.82 -16.24 -32.79
N ASN A 252 -8.93 -17.46 -33.32
CA ASN A 252 -9.39 -18.60 -32.54
C ASN A 252 -8.26 -19.54 -32.13
N GLN A 253 -7.01 -19.20 -32.44
CA GLN A 253 -5.90 -20.06 -32.05
C GLN A 253 -5.86 -20.27 -30.54
N GLU A 254 -5.88 -19.17 -29.78
CA GLU A 254 -5.86 -19.28 -28.33
C GLU A 254 -7.08 -20.04 -27.81
N THR A 255 -8.24 -19.88 -28.46
CA THR A 255 -9.42 -20.60 -28.03
C THR A 255 -9.26 -22.10 -28.26
N LEU A 256 -8.70 -22.49 -29.40
CA LEU A 256 -8.45 -23.90 -29.65
C LEU A 256 -7.44 -24.46 -28.66
N ASP A 257 -6.40 -23.69 -28.33
CA ASP A 257 -5.44 -24.13 -27.34
C ASP A 257 -6.09 -24.33 -25.98
N PHE A 258 -6.94 -23.38 -25.57
CA PHE A 258 -7.62 -23.50 -24.29
C PHE A 258 -8.57 -24.70 -24.29
N SER A 259 -9.23 -24.96 -25.42
CA SER A 259 -10.12 -26.11 -25.49
C SER A 259 -9.35 -27.41 -25.39
N ARG A 260 -8.19 -27.50 -26.05
CA ARG A 260 -7.36 -28.70 -25.92
C ARG A 260 -6.88 -28.88 -24.49
N LEU A 261 -6.48 -27.78 -23.83
CA LEU A 261 -6.08 -27.86 -22.43
C LEU A 261 -7.23 -28.37 -21.56
N SER A 262 -8.43 -27.83 -21.77
CA SER A 262 -9.59 -28.28 -21.00
C SER A 262 -9.88 -29.75 -21.25
N LEU A 263 -9.75 -30.19 -22.50
CA LEU A 263 -10.01 -31.60 -22.82
C LEU A 263 -9.01 -32.52 -22.13
N VAL A 264 -7.72 -32.17 -22.17
CA VAL A 264 -6.73 -33.02 -21.53
C VAL A 264 -6.91 -33.01 -20.02
N GLU A 265 -7.29 -31.86 -19.45
CA GLU A 265 -7.55 -31.81 -18.02
C GLU A 265 -8.75 -32.66 -17.64
N GLN A 266 -9.80 -32.63 -18.45
CA GLN A 266 -10.97 -33.47 -18.18
C GLN A 266 -10.62 -34.95 -18.30
N HIS A 267 -9.77 -35.31 -19.27
CA HIS A 267 -9.35 -36.69 -19.40
C HIS A 267 -8.54 -37.13 -18.17
N GLU A 268 -7.64 -36.27 -17.70
CA GLU A 268 -6.88 -36.60 -16.50
C GLU A 268 -7.79 -36.74 -15.29
N CYS A 269 -8.79 -35.87 -15.18
CA CYS A 269 -9.73 -35.97 -14.06
C CYS A 269 -10.53 -37.27 -14.13
N LEU A 270 -10.97 -37.65 -15.33
CA LEU A 270 -11.70 -38.92 -15.48
C LEU A 270 -10.81 -40.11 -15.14
N ALA A 271 -9.53 -40.05 -15.54
CA ALA A 271 -8.61 -41.13 -15.19
C ALA A 271 -8.42 -41.23 -13.69
N SER A 272 -8.28 -40.07 -13.02
CA SER A 272 -8.11 -40.08 -11.57
C SER A 272 -9.37 -40.62 -10.88
N ILE A 273 -10.55 -40.25 -11.39
CA ILE A 273 -11.79 -40.74 -10.81
C ILE A 273 -11.89 -42.25 -10.99
N LEU A 274 -11.51 -42.76 -12.16
CA LEU A 274 -11.52 -44.19 -12.39
C LEU A 274 -10.55 -44.90 -11.45
N HIS A 275 -9.36 -44.35 -11.27
CA HIS A 275 -8.40 -44.94 -10.35
C HIS A 275 -8.96 -44.98 -8.93
N ALA A 276 -9.56 -43.88 -8.48
CA ALA A 276 -10.15 -43.85 -7.14
C ALA A 276 -11.25 -44.88 -7.01
N ALA A 277 -12.13 -44.99 -8.01
CA ALA A 277 -13.21 -45.98 -7.95
C ALA A 277 -12.64 -47.39 -7.89
N VAL A 278 -11.58 -47.67 -8.66
CA VAL A 278 -10.98 -49.00 -8.62
C VAL A 278 -10.35 -49.25 -7.26
N GLN A 279 -9.86 -48.21 -6.59
CA GLN A 279 -9.26 -48.37 -5.27
C GLN A 279 -10.26 -48.85 -4.23
N ARG A 280 -11.56 -48.78 -4.52
CA ARG A 280 -12.59 -49.23 -3.59
C ARG A 280 -13.08 -50.64 -3.91
N HIS A 281 -12.37 -51.37 -4.78
CA HIS A 281 -12.73 -52.74 -5.13
C HIS A 281 -14.14 -52.79 -5.73
N HIS A 282 -14.33 -52.02 -6.79
CA HIS A 282 -15.60 -51.94 -7.50
C HIS A 282 -15.40 -52.19 -8.98
N ALA A 283 -14.62 -53.23 -9.30
CA ALA A 283 -14.31 -53.60 -10.67
C ALA A 283 -14.57 -55.10 -10.86
N THR A 284 -14.24 -55.60 -12.04
CA THR A 284 -14.43 -57.00 -12.37
C THR A 284 -13.38 -57.40 -13.39
N ILE A 285 -13.53 -58.60 -13.97
CA ILE A 285 -12.56 -59.08 -14.95
C ILE A 285 -12.87 -58.53 -16.34
N ALA A 286 -14.14 -58.25 -16.63
CA ALA A 286 -14.49 -57.72 -17.95
C ALA A 286 -13.83 -56.37 -18.18
N ASP A 287 -13.89 -55.48 -17.18
CA ASP A 287 -13.25 -54.18 -17.32
C ASP A 287 -11.74 -54.31 -17.49
N PHE A 288 -11.13 -55.24 -16.76
CA PHE A 288 -9.69 -55.46 -16.90
C PHE A 288 -9.34 -55.93 -18.30
N GLN A 289 -10.11 -56.88 -18.84
CA GLN A 289 -9.85 -57.36 -20.20
C GLN A 289 -10.06 -56.24 -21.21
N ASP A 290 -11.09 -55.42 -21.03
CA ASP A 290 -11.32 -54.31 -21.95
C ASP A 290 -10.16 -53.32 -21.91
N PHE A 291 -9.66 -53.01 -20.71
CA PHE A 291 -8.53 -52.09 -20.59
C PHE A 291 -7.27 -52.68 -21.23
N ILE A 292 -7.04 -53.98 -21.03
CA ILE A 292 -5.88 -54.62 -21.64
C ILE A 292 -5.98 -54.57 -23.15
N LYS A 293 -7.18 -54.81 -23.69
CA LYS A 293 -7.36 -54.73 -25.14
C LYS A 293 -7.13 -53.32 -25.65
N ILE A 294 -7.66 -52.31 -24.95
CA ILE A 294 -7.45 -50.93 -25.35
C ILE A 294 -5.96 -50.59 -25.35
N LEU A 295 -5.22 -51.09 -24.35
CA LEU A 295 -3.78 -50.86 -24.33
C LEU A 295 -3.10 -51.56 -25.51
N ARG A 296 -3.48 -52.80 -25.78
CA ARG A 296 -2.90 -53.51 -26.92
C ARG A 296 -3.17 -52.77 -28.23
N LYS A 297 -4.31 -52.09 -28.32
CA LYS A 297 -4.65 -51.31 -29.51
C LYS A 297 -4.16 -49.87 -29.42
N TRP A 298 -3.13 -49.61 -28.62
CA TRP A 298 -2.57 -48.27 -28.50
C TRP A 298 -1.66 -47.97 -29.67
N ASP A 299 -1.81 -46.79 -30.25
CA ASP A 299 -1.08 -46.42 -31.48
C ASP A 299 0.13 -45.54 -31.20
N LYS A 300 -0.07 -44.40 -30.54
CA LYS A 300 0.99 -43.42 -30.34
C LYS A 300 1.25 -43.20 -28.86
N TYR A 301 2.48 -42.81 -28.55
CA TYR A 301 2.89 -42.51 -27.18
C TYR A 301 2.62 -41.04 -26.88
N ASP A 302 1.78 -40.78 -25.88
CA ASP A 302 1.42 -39.42 -25.52
C ASP A 302 1.07 -39.40 -24.05
N HIS A 303 0.52 -38.27 -23.59
CA HIS A 303 0.21 -38.09 -22.17
C HIS A 303 -0.91 -39.02 -21.72
N PHE A 304 -1.79 -39.44 -22.63
CA PHE A 304 -2.89 -40.31 -22.25
C PHE A 304 -2.37 -41.65 -21.73
N LEU A 305 -1.32 -42.19 -22.36
CA LEU A 305 -0.74 -43.43 -21.89
C LEU A 305 -0.16 -43.27 -20.49
N ILE A 306 0.52 -42.14 -20.23
CA ILE A 306 1.07 -41.90 -18.90
C ILE A 306 -0.05 -41.76 -17.87
N HIS A 307 -1.19 -41.20 -18.28
CA HIS A 307 -2.32 -41.07 -17.36
C HIS A 307 -2.95 -42.43 -17.07
N LEU A 308 -2.98 -43.31 -18.09
CA LEU A 308 -3.57 -44.63 -17.90
C LEU A 308 -2.64 -45.61 -17.19
N ILE A 309 -1.33 -45.36 -17.20
CA ILE A 309 -0.37 -46.21 -16.50
C ILE A 309 -0.86 -46.51 -15.09
N PRO A 310 -1.12 -45.50 -14.25
CA PRO A 310 -1.57 -45.80 -12.89
C PRO A 310 -2.84 -46.63 -12.84
N VAL A 311 -3.72 -46.52 -13.84
CA VAL A 311 -4.92 -47.35 -13.87
C VAL A 311 -4.55 -48.82 -13.95
N LEU A 312 -3.67 -49.18 -14.89
CA LEU A 312 -3.23 -50.56 -15.01
C LEU A 312 -2.45 -50.98 -13.78
N ALA A 313 -1.68 -50.07 -13.19
CA ALA A 313 -0.96 -50.40 -11.96
C ALA A 313 -1.93 -50.80 -10.85
N ALA A 314 -2.97 -49.99 -10.64
CA ALA A 314 -3.96 -50.32 -9.63
C ALA A 314 -4.71 -51.60 -9.98
N TYR A 315 -4.99 -51.84 -11.26
CA TYR A 315 -5.64 -53.07 -11.66
C TYR A 315 -4.80 -54.29 -11.27
N ILE A 316 -3.50 -54.26 -11.60
CA ILE A 316 -2.63 -55.38 -11.26
C ILE A 316 -2.49 -55.52 -9.75
N THR A 317 -2.47 -54.39 -9.03
CA THR A 317 -2.36 -54.46 -7.58
C THR A 317 -3.59 -55.12 -6.95
N GLU A 318 -4.78 -54.78 -7.46
CA GLU A 318 -6.00 -55.35 -6.91
C GLU A 318 -6.15 -56.82 -7.31
N PHE A 319 -5.82 -57.16 -8.55
CA PHE A 319 -5.97 -58.51 -9.07
C PHE A 319 -4.69 -59.33 -8.99
N GLY A 320 -3.57 -58.77 -9.45
CA GLY A 320 -2.34 -59.54 -9.50
C GLY A 320 -1.75 -59.79 -8.12
N SER A 321 -1.64 -58.75 -7.32
CA SER A 321 -1.02 -58.85 -6.00
C SER A 321 -2.00 -59.45 -4.99
N PRO A 322 -1.49 -60.12 -3.94
CA PRO A 322 -2.37 -60.67 -2.89
C PRO A 322 -2.84 -59.61 -1.90
N GLU A 323 -3.47 -58.56 -2.44
CA GLU A 323 -4.01 -57.47 -1.64
C GLU A 323 -5.36 -57.03 -2.18
N GLY A 324 -6.23 -57.99 -2.49
CA GLY A 324 -7.47 -57.73 -3.19
C GLY A 324 -8.29 -58.98 -3.40
N MET A 325 -8.78 -59.19 -4.62
CA MET A 325 -9.56 -60.38 -4.95
C MET A 325 -8.62 -61.58 -4.87
N GLY A 326 -8.45 -62.09 -3.65
CA GLY A 326 -7.50 -63.14 -3.38
C GLY A 326 -7.99 -64.50 -3.83
N ASP A 327 -8.39 -64.61 -5.09
CA ASP A 327 -8.81 -65.88 -5.69
C ASP A 327 -7.59 -66.44 -6.42
N LEU A 328 -6.87 -67.35 -5.75
CA LEU A 328 -5.66 -67.91 -6.34
C LEU A 328 -5.97 -68.58 -7.68
N GLN A 329 -7.10 -69.26 -7.78
CA GLN A 329 -7.46 -69.92 -9.03
C GLN A 329 -7.66 -68.91 -10.15
N GLN A 330 -8.33 -67.79 -9.85
CA GLN A 330 -8.55 -66.77 -10.86
C GLN A 330 -7.24 -66.17 -11.35
N ALA A 331 -6.26 -66.03 -10.46
CA ALA A 331 -4.99 -65.43 -10.85
C ALA A 331 -4.26 -66.30 -11.88
N ARG A 332 -4.43 -67.61 -11.81
CA ARG A 332 -3.75 -68.49 -12.75
C ARG A 332 -4.20 -68.22 -14.19
N ARG A 333 -5.50 -68.02 -14.39
CA ARG A 333 -6.00 -67.75 -15.73
C ARG A 333 -5.50 -66.40 -16.24
N LEU A 334 -5.51 -65.37 -15.40
CA LEU A 334 -5.02 -64.07 -15.81
C LEU A 334 -3.54 -64.12 -16.20
N ASN A 335 -2.76 -64.98 -15.53
CA ASN A 335 -1.35 -65.10 -15.85
C ASN A 335 -1.17 -65.57 -17.30
N ASP A 336 -1.88 -66.63 -17.68
CA ASP A 336 -1.79 -67.12 -19.05
C ASP A 336 -2.43 -66.15 -20.04
N PHE A 337 -3.43 -65.38 -19.60
CA PHE A 337 -4.07 -64.42 -20.49
C PHE A 337 -3.13 -63.27 -20.83
N ILE A 338 -2.41 -62.75 -19.83
CA ILE A 338 -1.47 -61.66 -20.08
C ILE A 338 -0.22 -62.18 -20.77
N CYS A 339 0.33 -63.30 -20.29
CA CYS A 339 1.53 -63.88 -20.87
C CYS A 339 1.19 -64.72 -22.09
N SER A 346 0.22 -59.17 -31.56
CA SER A 346 -0.94 -58.37 -31.18
C SER A 346 -0.50 -57.01 -30.64
N TRP A 347 0.49 -57.03 -29.75
CA TRP A 347 0.99 -55.79 -29.15
C TRP A 347 1.66 -54.95 -30.22
N ALA A 348 1.12 -53.74 -30.44
CA ALA A 348 1.70 -52.81 -31.39
C ALA A 348 2.92 -52.07 -30.85
N LEU A 349 3.29 -52.31 -29.59
CA LEU A 349 4.44 -51.65 -28.98
C LEU A 349 5.01 -52.61 -27.93
N PRO A 350 6.09 -53.32 -28.24
CA PRO A 350 6.54 -54.40 -27.34
C PRO A 350 6.95 -53.93 -25.95
N VAL A 351 7.43 -52.69 -25.81
CA VAL A 351 7.85 -52.22 -24.48
C VAL A 351 6.67 -52.19 -23.52
N LEU A 352 5.48 -51.86 -24.01
CA LEU A 352 4.31 -51.84 -23.14
C LEU A 352 4.01 -53.24 -22.60
N GLY A 353 3.99 -54.23 -23.48
CA GLY A 353 3.75 -55.59 -23.04
C GLY A 353 4.83 -56.09 -22.10
N ALA A 354 6.09 -55.72 -22.38
CA ALA A 354 7.18 -56.11 -21.51
C ALA A 354 7.00 -55.54 -20.11
N ALA A 355 6.70 -54.25 -20.02
CA ALA A 355 6.48 -53.62 -18.71
C ALA A 355 5.29 -54.25 -18.00
N VAL A 356 4.21 -54.52 -18.73
CA VAL A 356 3.02 -55.10 -18.13
C VAL A 356 3.35 -56.48 -17.56
N ARG A 357 4.06 -57.30 -18.33
CA ARG A 357 4.41 -58.64 -17.86
C ARG A 357 5.35 -58.57 -16.67
N ALA A 358 6.31 -57.66 -16.70
CA ALA A 358 7.23 -57.51 -15.56
C ALA A 358 6.46 -57.12 -14.30
N TRP A 359 5.57 -56.13 -14.42
CA TRP A 359 4.78 -55.70 -13.25
C TRP A 359 3.91 -56.83 -12.75
N TRP A 360 3.25 -57.57 -13.66
CA TRP A 360 2.39 -58.66 -13.25
C TRP A 360 3.18 -59.74 -12.53
N ILE A 361 4.36 -60.10 -13.04
CA ILE A 361 5.17 -61.11 -12.39
C ILE A 361 5.62 -60.64 -11.02
N ALA A 362 6.11 -59.40 -10.93
CA ALA A 362 6.56 -58.86 -9.65
C ALA A 362 5.43 -58.88 -8.63
N GLU A 363 4.22 -58.55 -9.06
CA GLU A 363 3.10 -58.46 -8.11
C GLU A 363 2.55 -59.84 -7.76
N HIS A 364 2.63 -60.80 -8.67
CA HIS A 364 2.03 -62.12 -8.47
C HIS A 364 3.01 -63.14 -7.89
N ASN A 365 4.29 -62.80 -7.81
CA ASN A 365 5.27 -63.69 -7.20
C ASN A 365 5.19 -63.69 -5.67
N GLY A 366 4.33 -62.86 -5.09
CA GLY A 366 4.16 -62.84 -3.64
C GLY A 366 3.35 -63.99 -3.09
N PHE A 367 2.60 -64.69 -3.94
CA PHE A 367 1.83 -65.85 -3.46
C PHE A 367 2.76 -67.00 -3.08
N TYR A 368 3.81 -67.22 -3.85
CA TYR A 368 4.69 -68.38 -3.69
C TYR A 368 5.84 -68.08 -2.75
N LEU A 369 5.55 -67.58 -1.56
CA LEU A 369 6.56 -67.33 -0.54
C LEU A 369 6.55 -68.40 0.55
N ASP A 370 5.38 -68.69 1.11
CA ASP A 370 5.22 -69.70 2.14
C ASP A 370 4.14 -70.68 1.70
N ASP A 371 3.92 -71.71 2.53
CA ASP A 371 2.93 -72.75 2.24
C ASP A 371 1.98 -72.94 3.41
N THR A 372 1.69 -71.86 4.15
CA THR A 372 0.79 -71.91 5.28
C THR A 372 -0.38 -70.95 5.16
N VAL A 373 -0.21 -69.80 4.50
CA VAL A 373 -1.31 -68.85 4.35
C VAL A 373 -2.23 -69.21 3.19
N GLN A 374 -1.79 -70.08 2.28
CA GLN A 374 -2.59 -70.49 1.14
C GLN A 374 -2.30 -71.97 0.85
N ASP A 375 -2.98 -72.48 -0.17
CA ASP A 375 -2.83 -73.88 -0.58
C ASP A 375 -1.98 -73.94 -1.85
N LEU A 376 -0.94 -74.75 -1.83
CA LEU A 376 -0.04 -74.94 -2.96
C LEU A 376 0.27 -76.42 -3.15
N ARG A 377 -0.76 -77.26 -3.06
CA ARG A 377 -0.60 -78.70 -3.18
C ARG A 377 -0.76 -79.13 -4.63
N GLY A 378 0.02 -80.14 -5.02
CA GLY A 378 -0.05 -80.65 -6.38
C GLY A 378 0.38 -79.66 -7.44
N ILE A 379 1.31 -78.77 -7.09
CA ILE A 379 1.82 -77.77 -8.03
C ILE A 379 3.33 -77.72 -7.89
N ASN A 380 4.03 -77.69 -9.02
CA ASN A 380 5.48 -77.61 -9.03
C ASN A 380 5.93 -76.15 -8.97
N LEU A 381 7.08 -75.93 -8.33
CA LEU A 381 7.59 -74.59 -8.10
C LEU A 381 8.75 -74.22 -9.02
N ASP A 382 9.68 -75.16 -9.27
CA ASP A 382 10.87 -74.83 -10.05
C ASP A 382 10.50 -74.46 -11.49
N GLU A 383 9.55 -75.18 -12.08
CA GLU A 383 9.15 -74.89 -13.45
C GLU A 383 8.56 -73.49 -13.56
N GLU A 384 7.64 -73.15 -12.66
CA GLU A 384 7.04 -71.82 -12.69
C GLU A 384 8.07 -70.74 -12.42
N ASP A 385 9.01 -71.01 -11.52
CA ASP A 385 10.06 -70.04 -11.23
C ASP A 385 10.91 -69.77 -12.47
N GLU A 386 11.32 -70.84 -13.16
CA GLU A 386 12.12 -70.67 -14.38
C GLU A 386 11.31 -69.94 -15.45
N GLN A 387 10.02 -70.26 -15.57
CA GLN A 387 9.19 -69.57 -16.56
C GLN A 387 9.13 -68.07 -16.26
N ARG A 388 8.85 -67.72 -15.00
CA ARG A 388 8.79 -66.31 -14.65
C ARG A 388 10.14 -65.63 -14.85
N THR A 389 11.23 -66.33 -14.57
CA THR A 389 12.55 -65.75 -14.74
C THR A 389 12.84 -65.45 -16.21
N LYS A 390 12.55 -66.41 -17.10
CA LYS A 390 12.78 -66.18 -18.51
C LYS A 390 11.86 -65.09 -19.05
N GLN A 391 10.62 -65.03 -18.57
CA GLN A 391 9.71 -63.98 -18.99
C GLN A 391 10.21 -62.60 -18.56
N PHE A 392 10.72 -62.50 -17.32
CA PHE A 392 11.25 -61.22 -16.86
C PHE A 392 12.49 -60.83 -17.63
N LEU A 393 13.36 -61.81 -17.95
CA LEU A 393 14.53 -61.51 -18.75
C LEU A 393 14.15 -61.02 -20.14
N ASP A 394 13.15 -61.66 -20.77
CA ASP A 394 12.68 -61.20 -22.07
C ASP A 394 12.12 -59.79 -21.98
N ALA A 395 11.35 -59.52 -20.93
CA ALA A 395 10.79 -58.18 -20.75
C ALA A 395 11.91 -57.14 -20.61
N LEU A 396 12.95 -57.47 -19.83
CA LEU A 396 14.08 -56.55 -19.70
C LEU A 396 14.73 -56.31 -21.06
N LYS A 397 15.01 -57.39 -21.79
CA LYS A 397 15.63 -57.24 -23.11
C LYS A 397 14.77 -56.40 -24.05
N GLU A 398 13.45 -56.48 -23.91
CA GLU A 398 12.57 -55.68 -24.77
C GLU A 398 12.58 -54.21 -24.38
N GLY A 399 13.07 -53.85 -23.20
CA GLY A 399 13.19 -52.46 -22.81
C GLY A 399 12.09 -52.01 -21.87
N ALA A 400 11.77 -52.82 -20.86
CA ALA A 400 10.74 -52.44 -19.90
C ALA A 400 11.23 -51.32 -18.99
N PHE A 401 12.37 -51.53 -18.33
CA PHE A 401 12.92 -50.49 -17.47
C PHE A 401 13.24 -49.22 -18.25
N ASP A 402 13.66 -49.36 -19.51
CA ASP A 402 13.92 -48.18 -20.34
C ASP A 402 12.65 -47.35 -20.51
N PHE A 403 11.54 -48.02 -20.84
CA PHE A 403 10.27 -47.31 -21.01
C PHE A 403 9.82 -46.70 -19.69
N ILE A 404 9.97 -47.42 -18.58
CA ILE A 404 9.57 -46.88 -17.28
C ILE A 404 10.37 -45.63 -16.97
N LEU A 405 11.68 -45.66 -17.22
CA LEU A 405 12.51 -44.49 -16.94
C LEU A 405 12.16 -43.33 -17.84
N SER A 406 11.89 -43.61 -19.13
CA SER A 406 11.50 -42.52 -20.04
C SER A 406 10.20 -41.89 -19.60
N VAL A 407 9.23 -42.70 -19.16
CA VAL A 407 7.97 -42.15 -18.68
C VAL A 407 8.18 -41.33 -17.42
N ALA A 408 8.98 -41.84 -16.48
CA ALA A 408 9.25 -41.09 -15.26
C ALA A 408 9.92 -39.76 -15.56
N ALA A 409 10.83 -39.74 -16.54
CA ALA A 409 11.51 -38.50 -16.89
C ALA A 409 10.55 -37.52 -17.55
N ASP A 410 9.76 -37.99 -18.52
CA ASP A 410 8.81 -37.11 -19.20
C ASP A 410 7.71 -36.62 -18.27
N CYS A 411 7.44 -37.34 -17.18
CA CYS A 411 6.38 -36.92 -16.27
C CYS A 411 6.77 -35.65 -15.51
N LYS A 412 7.99 -35.61 -14.98
CA LYS A 412 8.48 -34.47 -14.22
C LYS A 412 9.22 -33.46 -15.09
N ALA A 413 8.91 -33.38 -16.38
CA ALA A 413 9.56 -32.42 -17.26
C ALA A 413 9.31 -31.01 -16.77
N GLN A 414 10.37 -30.33 -16.33
CA GLN A 414 10.28 -28.98 -15.81
C GLN A 414 10.83 -27.99 -16.82
N GLU A 415 10.20 -26.82 -16.90
CA GLU A 415 10.64 -25.81 -17.85
C GLU A 415 12.05 -25.32 -17.54
N TRP A 416 12.38 -25.18 -16.25
CA TRP A 416 13.70 -24.75 -15.83
C TRP A 416 14.22 -25.68 -14.76
N GLN A 417 15.53 -25.91 -14.77
CA GLN A 417 16.19 -26.79 -13.82
C GLN A 417 17.38 -26.07 -13.19
N ASP A 418 17.69 -26.46 -11.95
CA ASP A 418 18.81 -25.85 -11.26
C ASP A 418 20.11 -26.20 -11.97
N PRO A 419 20.98 -25.22 -12.25
CA PRO A 419 22.25 -25.53 -12.93
C PRO A 419 23.22 -26.34 -12.10
N SER A 420 22.90 -26.66 -10.85
CA SER A 420 23.78 -27.44 -10.00
C SER A 420 23.71 -28.93 -10.29
N GLN A 421 22.75 -29.39 -11.09
CA GLN A 421 22.56 -30.80 -11.40
C GLN A 421 22.36 -31.00 -12.89
N LEU A 422 23.21 -30.35 -13.69
CA LEU A 422 23.14 -30.48 -15.14
C LEU A 422 23.80 -31.77 -15.59
N GLY A 423 23.19 -32.44 -16.56
CA GLY A 423 23.71 -33.68 -17.09
C GLY A 423 23.54 -34.88 -16.19
N ALA A 424 22.86 -34.74 -15.06
CA ALA A 424 22.66 -35.86 -14.15
C ALA A 424 21.51 -36.72 -14.62
N ARG A 425 21.72 -38.03 -14.63
CA ARG A 425 20.69 -39.00 -15.05
C ARG A 425 20.27 -38.76 -16.49
N GLN A 426 21.20 -38.31 -17.34
CA GLN A 426 20.92 -38.07 -18.74
C GLN A 426 22.07 -38.55 -19.63
N TRP A 427 22.76 -39.61 -19.21
CA TRP A 427 23.90 -40.15 -19.94
C TRP A 427 23.64 -41.56 -20.45
N LEU A 428 22.38 -41.97 -20.53
CA LEU A 428 22.03 -43.31 -20.99
C LEU A 428 21.73 -43.27 -22.49
N GLN A 429 21.26 -44.39 -23.03
CA GLN A 429 20.90 -44.52 -24.44
C GLN A 429 19.39 -44.68 -24.52
N ARG A 430 18.68 -43.57 -24.69
CA ARG A 430 17.23 -43.56 -24.77
C ARG A 430 16.80 -43.72 -26.22
N LYS A 431 16.18 -44.86 -26.52
CA LYS A 431 15.67 -45.13 -27.86
C LYS A 431 14.17 -44.93 -27.98
N ILE A 432 13.48 -44.67 -26.88
CA ILE A 432 12.04 -44.44 -26.93
C ILE A 432 11.78 -43.04 -27.46
N PRO A 433 10.85 -42.84 -28.40
CA PRO A 433 10.58 -41.49 -28.88
C PRO A 433 10.05 -40.59 -27.78
N SER A 434 10.41 -39.32 -27.85
CA SER A 434 10.02 -38.34 -26.84
C SER A 434 8.64 -37.77 -27.17
N LEU A 435 8.14 -36.94 -26.24
CA LEU A 435 6.85 -36.30 -26.42
C LEU A 435 6.94 -35.21 -27.47
N PRO A 436 5.80 -34.82 -28.07
CA PRO A 436 5.82 -33.74 -29.07
C PRO A 436 6.12 -32.37 -28.49
N SER A 437 6.32 -32.25 -27.18
CA SER A 437 6.66 -30.99 -26.52
C SER A 437 5.49 -30.02 -26.47
N GLU A 438 4.27 -30.51 -26.64
CA GLU A 438 3.11 -29.64 -26.59
C GLU A 438 2.86 -29.20 -25.14
N PRO A 439 2.23 -28.03 -24.96
CA PRO A 439 2.02 -27.52 -23.59
C PRO A 439 0.94 -28.28 -22.83
N PHE A 440 1.29 -29.45 -22.29
CA PHE A 440 0.39 -30.27 -21.50
C PHE A 440 1.05 -30.56 -20.16
N PRO A 441 1.07 -29.58 -19.25
CA PRO A 441 1.69 -29.82 -17.95
C PRO A 441 0.89 -30.80 -17.10
N PHE A 442 1.60 -31.52 -16.24
CA PHE A 442 0.98 -32.50 -15.37
C PHE A 442 0.54 -31.87 -14.05
N SER A 443 -0.24 -32.62 -13.29
CA SER A 443 -0.73 -32.18 -11.98
C SER A 443 0.20 -32.71 -10.89
N HIS A 444 -0.23 -32.54 -9.64
CA HIS A 444 0.54 -32.99 -8.47
C HIS A 444 0.05 -34.33 -7.93
N PHE A 445 -1.27 -34.53 -7.86
CA PHE A 445 -1.80 -35.81 -7.37
C PHE A 445 -1.37 -36.96 -8.29
N LEU A 446 -1.32 -36.70 -9.59
CA LEU A 446 -0.87 -37.74 -10.52
C LEU A 446 0.58 -38.12 -10.25
N GLN A 447 1.45 -37.13 -10.04
CA GLN A 447 2.83 -37.41 -9.73
C GLN A 447 2.96 -38.16 -8.41
N HIS A 448 2.18 -37.76 -7.41
CA HIS A 448 2.22 -38.45 -6.12
C HIS A 448 1.82 -39.92 -6.28
N SER A 449 0.73 -40.19 -6.99
CA SER A 449 0.29 -41.56 -7.20
C SER A 449 1.33 -42.35 -7.98
N LEU A 450 1.95 -41.72 -8.99
CA LEU A 450 2.97 -42.42 -9.78
C LEU A 450 4.17 -42.79 -8.91
N MET A 451 4.61 -41.86 -8.06
CA MET A 451 5.75 -42.15 -7.19
C MET A 451 5.40 -43.24 -6.18
N VAL A 452 4.17 -43.22 -5.65
CA VAL A 452 3.76 -44.26 -4.71
C VAL A 452 3.76 -45.61 -5.39
N HIS A 453 3.20 -45.69 -6.60
CA HIS A 453 3.17 -46.96 -7.32
C HIS A 453 4.57 -47.44 -7.65
N LEU A 454 5.46 -46.52 -8.02
CA LEU A 454 6.83 -46.92 -8.34
C LEU A 454 7.56 -47.43 -7.10
N GLU A 455 7.38 -46.77 -5.96
CA GLU A 455 8.03 -47.25 -4.74
C GLU A 455 7.47 -48.60 -4.31
N GLY A 456 6.15 -48.79 -4.48
CA GLY A 456 5.59 -50.10 -4.19
C GLY A 456 6.14 -51.20 -5.08
N PHE A 457 6.26 -50.91 -6.39
CA PHE A 457 6.84 -51.89 -7.30
C PHE A 457 8.29 -52.17 -6.95
N VAL A 458 9.04 -51.14 -6.54
CA VAL A 458 10.43 -51.34 -6.14
C VAL A 458 10.50 -52.26 -4.93
N ASP A 459 9.68 -51.98 -3.90
CA ASP A 459 9.67 -52.82 -2.72
C ASP A 459 9.31 -54.26 -3.08
N ALA A 460 8.31 -54.44 -3.94
CA ALA A 460 7.90 -55.79 -4.33
C ALA A 460 9.04 -56.52 -5.05
N THR A 461 9.67 -55.85 -6.02
CA THR A 461 10.75 -56.49 -6.77
C THR A 461 11.96 -56.78 -5.88
N ILE A 462 12.18 -55.97 -4.84
CA ILE A 462 13.32 -56.21 -3.97
C ILE A 462 13.01 -57.33 -2.97
N SER A 463 11.76 -57.46 -2.54
CA SER A 463 11.39 -58.47 -1.56
C SER A 463 10.94 -59.79 -2.18
N ASN A 464 10.81 -59.85 -3.51
CA ASN A 464 10.32 -61.05 -4.18
C ASN A 464 11.32 -61.66 -5.15
N LEU A 465 12.11 -60.85 -5.86
CA LEU A 465 13.01 -61.32 -6.90
C LEU A 465 14.44 -60.86 -6.62
N PRO A 466 15.04 -61.30 -5.51
CA PRO A 466 16.46 -60.99 -5.29
C PRO A 466 17.39 -61.80 -6.17
N ASP A 467 17.11 -63.10 -6.33
CA ASP A 467 17.96 -63.94 -7.17
C ASP A 467 17.97 -63.45 -8.61
N VAL A 468 16.85 -62.90 -9.10
CA VAL A 468 16.81 -62.36 -10.45
C VAL A 468 17.83 -61.23 -10.59
N LEU A 469 17.82 -60.30 -9.64
CA LEU A 469 18.78 -59.19 -9.68
C LEU A 469 20.21 -59.70 -9.55
N ARG A 470 20.43 -60.70 -8.71
CA ARG A 470 21.78 -61.26 -8.55
C ARG A 470 22.28 -61.84 -9.87
N LYS A 471 21.47 -62.67 -10.52
CA LYS A 471 21.89 -63.28 -11.77
C LYS A 471 22.07 -62.22 -12.85
N LEU A 472 21.22 -61.20 -12.88
CA LEU A 472 21.37 -60.14 -13.86
C LEU A 472 22.68 -59.39 -13.65
N ARG A 473 23.01 -59.08 -12.39
CA ARG A 473 24.27 -58.38 -12.12
C ARG A 473 25.47 -59.24 -12.50
N THR A 474 25.43 -60.54 -12.17
CA THR A 474 26.54 -61.41 -12.55
C THR A 474 26.67 -61.50 -14.06
N GLU A 475 25.55 -61.56 -14.78
CA GLU A 475 25.59 -61.62 -16.24
C GLU A 475 26.21 -60.35 -16.81
N GLU A 476 25.77 -59.19 -16.31
CA GLU A 476 26.34 -57.94 -16.77
C GLU A 476 27.84 -57.87 -16.48
N ASP A 477 28.25 -58.34 -15.30
CA ASP A 477 29.67 -58.31 -14.94
C ASP A 477 30.48 -59.18 -15.88
N GLU A 478 30.06 -60.43 -16.08
CA GLU A 478 30.82 -61.32 -16.96
C GLU A 478 30.81 -60.82 -18.40
N GLN A 479 29.72 -60.18 -18.83
CA GLN A 479 29.68 -59.62 -20.18
C GLN A 479 30.66 -58.48 -20.33
N ARG A 480 30.67 -57.55 -19.37
CA ARG A 480 31.63 -56.46 -19.42
C ARG A 480 33.07 -56.96 -19.31
N GLN A 481 33.27 -58.10 -18.64
CA GLN A 481 34.61 -58.64 -18.48
C GLN A 481 35.10 -59.32 -19.76
N LEU A 482 34.25 -60.11 -20.40
CA LEU A 482 34.66 -60.84 -21.60
C LEU A 482 34.74 -59.94 -22.84
N ARG A 483 34.13 -58.76 -22.80
CA ARG A 483 34.18 -57.81 -23.91
C ARG A 483 34.12 -56.39 -23.35
N PRO A 484 35.22 -55.93 -22.76
CA PRO A 484 35.22 -54.57 -22.20
C PRO A 484 35.02 -53.49 -23.26
N ASN A 485 35.44 -53.72 -24.50
CA ASN A 485 35.29 -52.70 -25.53
C ASN A 485 33.82 -52.37 -25.77
N HIS A 486 32.93 -53.31 -25.53
CA HIS A 486 31.50 -53.10 -25.72
C HIS A 486 30.85 -52.67 -24.40
N GLU A 487 29.73 -51.96 -24.52
CA GLU A 487 28.99 -51.46 -23.37
C GLU A 487 27.84 -52.42 -23.08
N GLN A 488 27.88 -53.07 -21.91
CA GLN A 488 26.84 -54.00 -21.53
C GLN A 488 25.52 -53.27 -21.29
N ASP A 489 24.48 -54.03 -21.00
CA ASP A 489 23.17 -53.45 -20.76
C ASP A 489 23.18 -52.58 -19.50
N MET A 490 22.26 -51.62 -19.47
CA MET A 490 22.12 -50.70 -18.34
C MET A 490 20.87 -51.01 -17.53
N ASP A 491 20.52 -52.29 -17.41
CA ASP A 491 19.31 -52.66 -16.69
C ASP A 491 19.39 -52.26 -15.22
N LEU A 492 20.48 -52.63 -14.54
CA LEU A 492 20.60 -52.32 -13.13
C LEU A 492 20.71 -50.82 -12.89
N GLU A 493 21.46 -50.12 -13.75
CA GLU A 493 21.58 -48.68 -13.60
C GLU A 493 20.23 -47.99 -13.80
N ARG A 494 19.48 -48.40 -14.83
CA ARG A 494 18.17 -47.84 -15.05
C ARG A 494 17.24 -48.13 -13.89
N PHE A 495 17.33 -49.34 -13.32
CA PHE A 495 16.49 -49.68 -12.18
C PHE A 495 16.82 -48.81 -10.97
N LEU A 496 18.11 -48.60 -10.72
CA LEU A 496 18.51 -47.74 -9.60
C LEU A 496 18.06 -46.29 -9.84
N ILE A 497 18.13 -45.83 -11.08
CA ILE A 497 17.68 -44.47 -11.39
C ILE A 497 16.17 -44.35 -11.19
N ILE A 498 15.42 -45.40 -11.54
CA ILE A 498 13.98 -45.40 -11.31
C ILE A 498 13.69 -45.38 -9.82
N ILE A 499 14.46 -46.14 -9.04
CA ILE A 499 14.31 -46.12 -7.58
C ILE A 499 14.55 -44.71 -7.05
N SER A 500 15.61 -44.06 -7.55
CA SER A 500 15.91 -42.69 -7.11
C SER A 500 14.76 -41.75 -7.44
N TYR A 501 14.26 -41.81 -8.68
CA TYR A 501 13.14 -40.97 -9.07
C TYR A 501 11.92 -41.22 -8.18
N ALA A 502 11.68 -42.48 -7.83
CA ALA A 502 10.54 -42.80 -6.97
C ALA A 502 10.72 -42.21 -5.57
N TYR A 503 11.92 -42.36 -5.01
CA TYR A 503 12.22 -41.82 -3.68
C TYR A 503 12.86 -40.46 -3.86
N GLU A 504 12.03 -39.42 -3.94
CA GLU A 504 12.51 -38.06 -4.10
C GLU A 504 11.54 -37.13 -3.38
N GLY A 505 12.07 -36.34 -2.43
CA GLY A 505 11.22 -35.47 -1.66
C GLY A 505 10.23 -36.18 -0.77
N ARG A 506 10.51 -37.44 -0.40
CA ARG A 506 9.63 -38.24 0.44
C ARG A 506 10.47 -38.86 1.55
N PRO A 507 10.84 -38.06 2.56
CA PRO A 507 11.66 -38.62 3.65
C PRO A 507 10.96 -39.70 4.45
N ASP A 508 9.62 -39.65 4.54
CA ASP A 508 8.89 -40.67 5.28
C ASP A 508 9.19 -42.06 4.73
N ALA A 509 9.39 -42.18 3.42
CA ALA A 509 9.73 -43.45 2.81
C ALA A 509 11.23 -43.71 2.79
N ALA A 510 12.04 -42.64 2.66
CA ALA A 510 13.48 -42.82 2.63
C ALA A 510 14.01 -43.30 3.98
N MET A 511 13.35 -42.92 5.08
CA MET A 511 13.80 -43.36 6.40
C MET A 511 13.77 -44.87 6.53
N SER A 512 12.93 -45.56 5.75
CA SER A 512 12.85 -47.01 5.83
C SER A 512 14.19 -47.68 5.52
N PHE A 513 15.09 -47.00 4.81
CA PHE A 513 16.39 -47.55 4.48
C PHE A 513 17.41 -47.38 5.60
N TRP A 514 17.03 -46.79 6.73
CA TRP A 514 17.97 -46.54 7.81
C TRP A 514 17.42 -47.03 9.15
N GLU A 515 16.09 -47.11 9.28
CA GLU A 515 15.49 -47.57 10.52
C GLU A 515 15.91 -48.99 10.84
N ASP A 516 15.58 -49.94 9.95
CA ASP A 516 15.90 -51.35 10.14
C ASP A 516 17.10 -51.70 9.27
N PRO A 517 18.33 -51.73 9.81
CA PRO A 517 19.48 -52.09 8.97
C PRO A 517 19.54 -53.57 8.61
N ASP A 518 18.66 -54.40 9.16
CA ASP A 518 18.63 -55.84 8.86
C ASP A 518 17.49 -56.23 7.94
N SER A 519 16.75 -55.26 7.40
CA SER A 519 15.63 -55.54 6.53
C SER A 519 16.13 -55.78 5.10
N ASN A 520 15.19 -56.08 4.19
CA ASN A 520 15.57 -56.32 2.81
C ASN A 520 16.06 -55.05 2.13
N LEU A 521 15.46 -53.91 2.48
CA LEU A 521 15.88 -52.64 1.89
C LEU A 521 17.33 -52.32 2.24
N ALA A 522 17.65 -52.34 3.54
CA ALA A 522 19.03 -52.10 3.95
C ALA A 522 19.96 -53.19 3.44
N GLY A 523 19.47 -54.42 3.36
CA GLY A 523 20.28 -55.50 2.81
C GLY A 523 20.71 -55.21 1.38
N PHE A 524 19.75 -54.83 0.53
CA PHE A 524 20.09 -54.47 -0.85
C PHE A 524 20.97 -53.24 -0.90
N LEU A 525 20.71 -52.27 -0.02
CA LEU A 525 21.52 -51.06 0.01
C LEU A 525 22.98 -51.38 0.28
N GLN A 526 23.24 -52.28 1.24
CA GLN A 526 24.61 -52.64 1.57
C GLN A 526 25.21 -53.60 0.56
N TRP A 527 24.38 -54.39 -0.12
CA TRP A 527 24.89 -55.32 -1.12
C TRP A 527 25.25 -54.62 -2.43
N ALA A 528 24.59 -53.51 -2.74
CA ALA A 528 24.86 -52.75 -3.95
C ALA A 528 26.04 -51.80 -3.81
N SER A 529 26.80 -51.90 -2.72
CA SER A 529 27.95 -51.03 -2.48
C SER A 529 29.28 -51.77 -2.60
N ARG A 530 29.27 -53.02 -3.03
CA ARG A 530 30.49 -53.80 -3.16
C ARG A 530 31.23 -53.39 -4.44
N ARG A 531 32.30 -54.11 -4.77
CA ARG A 531 33.08 -53.79 -5.96
C ARG A 531 32.20 -53.88 -7.20
N ALA A 532 32.24 -52.84 -8.01
CA ALA A 532 31.43 -52.77 -9.23
C ALA A 532 32.11 -51.81 -10.19
N SER A 533 31.44 -51.50 -11.29
CA SER A 533 31.97 -50.61 -12.31
C SER A 533 31.56 -49.16 -12.01
N THR A 534 32.01 -48.25 -12.86
CA THR A 534 31.76 -46.82 -12.65
C THR A 534 30.27 -46.49 -12.77
N PRO A 535 29.55 -47.06 -13.75
CA PRO A 535 28.11 -46.74 -13.84
C PRO A 535 27.33 -47.08 -12.58
N LEU A 536 27.57 -48.25 -11.99
CA LEU A 536 26.83 -48.63 -10.79
C LEU A 536 27.17 -47.73 -9.62
N VAL A 537 28.46 -47.38 -9.46
CA VAL A 537 28.86 -46.49 -8.38
C VAL A 537 28.21 -45.12 -8.56
N SER A 538 28.17 -44.63 -9.81
CA SER A 538 27.54 -43.34 -10.05
C SER A 538 26.05 -43.39 -9.75
N ALA A 539 25.38 -44.45 -10.15
CA ALA A 539 23.96 -44.59 -9.86
C ALA A 539 23.71 -44.64 -8.36
N PHE A 540 24.56 -45.36 -7.62
CA PHE A 540 24.39 -45.46 -6.17
C PHE A 540 24.63 -44.10 -5.51
N CYS A 541 25.63 -43.35 -6.00
CA CYS A 541 25.87 -42.02 -5.45
C CYS A 541 24.70 -41.09 -5.72
N GLU A 542 24.12 -41.17 -6.94
CA GLU A 542 22.96 -40.35 -7.24
C GLU A 542 21.78 -40.73 -6.36
N MET A 543 21.59 -42.03 -6.11
CA MET A 543 20.51 -42.47 -5.23
C MET A 543 20.71 -41.93 -3.82
N LEU A 544 21.94 -42.04 -3.30
CA LEU A 544 22.22 -41.49 -1.98
C LEU A 544 21.96 -39.99 -1.93
N ARG A 545 22.36 -39.27 -2.98
CA ARG A 545 22.14 -37.82 -3.00
C ARG A 545 20.66 -37.50 -3.00
N CYS A 546 19.87 -38.24 -3.78
CA CYS A 546 18.44 -37.97 -3.83
C CYS A 546 17.70 -38.45 -2.58
N LEU A 547 18.31 -39.35 -1.79
CA LEU A 547 17.72 -39.83 -0.55
C LEU A 547 18.16 -39.00 0.66
N ALA A 548 18.50 -37.72 0.45
CA ALA A 548 18.93 -36.82 1.51
C ALA A 548 18.08 -35.56 1.52
N ASP A 549 16.77 -35.74 1.42
CA ASP A 549 15.86 -34.59 1.40
C ASP A 549 15.86 -33.82 2.70
N ASN A 550 16.32 -34.42 3.81
CA ASN A 550 16.34 -33.75 5.10
C ASN A 550 17.69 -33.96 5.79
N GLU A 551 17.79 -33.53 7.06
CA GLU A 551 19.05 -33.63 7.78
C GLU A 551 19.24 -35.02 8.38
N GLU A 552 18.16 -35.64 8.87
CA GLU A 552 18.28 -36.96 9.48
C GLU A 552 18.76 -37.99 8.46
N CYS A 553 18.19 -37.98 7.26
CA CYS A 553 18.63 -38.92 6.22
C CYS A 553 20.07 -38.64 5.81
N ALA A 554 20.46 -37.37 5.76
CA ALA A 554 21.84 -37.03 5.42
C ALA A 554 22.81 -37.58 6.46
N THR A 555 22.48 -37.40 7.75
CA THR A 555 23.34 -37.92 8.81
C THR A 555 23.38 -39.45 8.77
N ALA A 556 22.24 -40.08 8.48
CA ALA A 556 22.22 -41.54 8.39
C ALA A 556 23.12 -42.03 7.27
N ALA A 557 23.03 -41.38 6.09
CA ALA A 557 23.89 -41.76 4.97
C ALA A 557 25.35 -41.53 5.31
N HIS A 558 25.66 -40.42 5.99
CA HIS A 558 27.04 -40.16 6.39
C HIS A 558 27.56 -41.25 7.31
N ASN A 559 26.77 -41.63 8.31
CA ASN A 559 27.22 -42.66 9.25
C ASN A 559 27.31 -44.03 8.58
N PHE A 560 26.48 -44.28 7.57
CA PHE A 560 26.51 -45.58 6.90
C PHE A 560 27.64 -45.67 5.87
N LEU A 561 28.05 -44.53 5.31
CA LEU A 561 29.10 -44.56 4.29
C LEU A 561 30.47 -44.80 4.91
N LEU A 562 30.77 -44.12 6.01
CA LEU A 562 32.05 -44.29 6.67
C LEU A 562 32.08 -45.61 7.43
N ASP A 563 33.30 -46.13 7.63
CA ASP A 563 33.47 -47.39 8.33
C ASP A 563 33.07 -47.25 9.79
N GLU A 564 32.48 -48.30 10.34
CA GLU A 564 32.04 -48.32 11.73
C GLU A 564 32.78 -49.40 12.51
N GLN A 576 34.22 -54.97 0.10
CA GLN A 576 33.68 -54.14 1.18
C GLN A 576 32.87 -52.98 0.61
N SER A 577 31.98 -52.43 1.44
CA SER A 577 31.15 -51.32 1.01
C SER A 577 32.00 -50.09 0.74
N LEU A 578 31.43 -49.15 -0.01
CA LEU A 578 32.13 -47.93 -0.35
C LEU A 578 32.43 -47.13 0.91
N THR A 579 33.63 -46.55 0.97
CA THR A 579 34.05 -45.75 2.11
C THR A 579 34.73 -44.49 1.61
N TRP A 580 34.79 -43.48 2.49
CA TRP A 580 35.44 -42.22 2.12
C TRP A 580 36.90 -42.42 1.81
N SER A 581 37.55 -43.40 2.44
CA SER A 581 38.97 -43.64 2.20
C SER A 581 39.25 -43.89 0.71
N GLN A 582 38.51 -44.83 0.12
CA GLN A 582 38.70 -45.15 -1.29
C GLN A 582 38.35 -43.96 -2.18
N ILE A 583 37.30 -43.21 -1.81
CA ILE A 583 36.92 -42.05 -2.60
C ILE A 583 38.06 -41.03 -2.66
N PHE A 584 38.62 -40.70 -1.48
CA PHE A 584 39.71 -39.74 -1.46
C PHE A 584 40.97 -40.30 -2.11
N LYS A 585 41.20 -41.61 -2.01
CA LYS A 585 42.35 -42.20 -2.70
C LYS A 585 42.21 -42.04 -4.20
N GLU A 586 41.03 -42.31 -4.74
CA GLU A 586 40.80 -42.13 -6.17
C GLU A 586 40.91 -40.66 -6.57
N LEU A 587 40.40 -39.77 -5.72
CA LEU A 587 40.53 -38.33 -6.00
C LEU A 587 42.00 -37.93 -6.10
N GLU A 588 42.81 -38.35 -5.14
CA GLU A 588 44.23 -38.02 -5.17
C GLU A 588 44.92 -38.65 -6.38
N TYR A 589 44.53 -39.87 -6.73
CA TYR A 589 45.11 -40.52 -7.90
C TYR A 589 44.82 -39.73 -9.17
N PHE A 590 43.56 -39.33 -9.36
CA PHE A 590 43.21 -38.54 -10.54
C PHE A 590 43.90 -37.19 -10.52
N THR A 591 44.04 -36.59 -9.34
CA THR A 591 44.73 -35.29 -9.24
C THR A 591 46.18 -35.44 -9.68
N THR A 592 46.88 -36.45 -9.16
CA THR A 592 48.27 -36.66 -9.54
C THR A 592 48.40 -37.01 -11.02
N LYS A 593 47.41 -37.73 -11.57
CA LYS A 593 47.47 -38.07 -12.99
C LYS A 593 47.29 -36.84 -13.86
N VAL A 594 46.35 -35.96 -13.50
CA VAL A 594 46.14 -34.75 -14.28
C VAL A 594 47.32 -33.79 -14.13
N CYS A 595 47.93 -33.75 -12.94
CA CYS A 595 49.07 -32.88 -12.70
C CYS A 595 50.41 -33.55 -12.95
N SER A 596 50.42 -34.85 -13.26
CA SER A 596 51.65 -35.57 -13.52
C SER A 596 52.61 -35.47 -12.33
N GLU A 618 43.76 -38.94 -21.88
CA GLU A 618 44.15 -38.66 -20.50
C GLU A 618 43.05 -39.08 -19.53
N ILE A 619 41.92 -38.39 -19.59
CA ILE A 619 40.78 -38.66 -18.73
C ILE A 619 39.63 -39.14 -19.61
N GLU A 620 38.89 -40.14 -19.13
CA GLU A 620 37.77 -40.70 -19.84
C GLU A 620 36.45 -40.14 -19.33
N PRO A 621 35.38 -40.22 -20.12
CA PRO A 621 34.09 -39.70 -19.65
C PRO A 621 33.62 -40.35 -18.36
N GLU A 622 33.90 -41.64 -18.15
CA GLU A 622 33.46 -42.31 -16.94
C GLU A 622 34.12 -41.69 -15.71
N SER A 623 35.41 -41.35 -15.81
CA SER A 623 36.09 -40.74 -14.67
C SER A 623 35.50 -39.37 -14.35
N ALA A 624 35.23 -38.57 -15.38
CA ALA A 624 34.62 -37.26 -15.15
C ALA A 624 33.24 -37.40 -14.53
N LEU A 625 32.45 -38.36 -15.00
CA LEU A 625 31.13 -38.58 -14.41
C LEU A 625 31.23 -39.01 -12.95
N MET A 626 32.18 -39.89 -12.64
CA MET A 626 32.37 -40.32 -11.26
C MET A 626 32.77 -39.14 -10.38
N LEU A 627 33.69 -38.31 -10.86
CA LEU A 627 34.11 -37.14 -10.09
C LEU A 627 32.93 -36.18 -9.86
N GLU A 628 32.13 -35.94 -10.90
CA GLU A 628 30.98 -35.05 -10.75
C GLU A 628 29.98 -35.62 -9.76
N CYS A 629 29.74 -36.93 -9.80
CA CYS A 629 28.82 -37.54 -8.86
C CYS A 629 29.34 -37.44 -7.43
N TYR A 630 30.64 -37.68 -7.23
CA TYR A 630 31.21 -37.54 -5.90
C TYR A 630 31.07 -36.11 -5.40
N LEU A 631 31.35 -35.13 -6.27
CA LEU A 631 31.25 -33.73 -5.85
C LEU A 631 29.81 -33.37 -5.49
N ARG A 632 28.85 -33.82 -6.31
CA ARG A 632 27.44 -33.54 -6.01
C ARG A 632 27.03 -34.17 -4.69
N LEU A 633 27.45 -35.42 -4.45
CA LEU A 633 27.11 -36.08 -3.19
C LEU A 633 27.71 -35.34 -2.00
N ILE A 634 28.98 -34.92 -2.11
CA ILE A 634 29.62 -34.19 -1.02
C ILE A 634 28.90 -32.88 -0.76
N ALA A 635 28.53 -32.16 -1.83
CA ALA A 635 27.82 -30.89 -1.66
C ALA A 635 26.47 -31.11 -0.99
N LYS A 636 25.74 -32.15 -1.41
CA LYS A 636 24.44 -32.42 -0.81
C LYS A 636 24.58 -32.77 0.66
N LEU A 637 25.57 -33.61 1.00
CA LEU A 637 25.77 -33.99 2.40
C LEU A 637 26.16 -32.77 3.23
N ALA A 638 26.98 -31.88 2.68
CA ALA A 638 27.38 -30.69 3.42
C ALA A 638 26.22 -29.72 3.60
N THR A 639 25.33 -29.64 2.61
CA THR A 639 24.19 -28.72 2.71
C THR A 639 23.10 -29.27 3.62
N GLU A 640 22.98 -30.60 3.71
CA GLU A 640 21.93 -31.22 4.51
C GLU A 640 22.40 -31.59 5.91
N SER A 641 23.60 -32.13 6.05
CA SER A 641 24.12 -32.58 7.33
C SER A 641 25.07 -31.54 7.92
N GLU A 642 25.25 -31.61 9.24
CA GLU A 642 26.14 -30.73 9.97
C GLU A 642 27.39 -31.42 10.49
N ILE A 643 27.26 -32.67 10.95
CA ILE A 643 28.42 -33.39 11.45
C ILE A 643 29.45 -33.59 10.33
N ALA A 644 28.98 -33.96 9.14
CA ALA A 644 29.89 -34.13 8.01
C ALA A 644 30.54 -32.81 7.63
N ARG A 645 29.77 -31.72 7.64
CA ARG A 645 30.31 -30.42 7.30
C ARG A 645 31.39 -30.00 8.29
N LYS A 646 31.20 -30.30 9.58
CA LYS A 646 32.17 -29.95 10.59
C LYS A 646 33.37 -30.89 10.62
N ARG A 647 33.21 -32.12 10.14
CA ARG A 647 34.31 -33.09 10.16
C ARG A 647 35.19 -32.95 8.92
N LEU A 648 34.61 -33.05 7.73
CA LEU A 648 35.40 -33.01 6.50
C LEU A 648 36.11 -31.67 6.34
N ILE A 649 35.57 -30.60 6.92
CA ILE A 649 36.16 -29.29 6.72
C ILE A 649 37.52 -29.19 7.41
N MET A 650 37.70 -29.92 8.52
CA MET A 650 38.94 -29.87 9.29
C MET A 650 39.56 -31.24 9.47
N ASP A 651 39.25 -32.20 8.60
CA ASP A 651 39.81 -33.53 8.70
C ASP A 651 41.25 -33.53 8.19
N GLU A 652 42.15 -34.13 8.96
CA GLU A 652 43.56 -34.14 8.58
C GLU A 652 43.88 -35.28 7.61
N ASP A 653 43.11 -36.36 7.65
CA ASP A 653 43.38 -37.51 6.79
C ASP A 653 42.80 -37.37 5.40
N PHE A 654 41.78 -36.52 5.22
CA PHE A 654 41.13 -36.35 3.93
C PHE A 654 41.74 -35.18 3.15
N ASN A 655 41.69 -33.98 3.71
CA ASN A 655 42.18 -32.79 3.04
C ASN A 655 41.50 -32.61 1.68
N LEU A 656 40.17 -32.68 1.68
CA LEU A 656 39.42 -32.59 0.44
C LEU A 656 39.66 -31.27 -0.27
N VAL A 657 39.83 -30.18 0.50
CA VAL A 657 39.99 -28.87 -0.12
C VAL A 657 41.22 -28.84 -1.01
N ASP A 658 42.34 -29.36 -0.51
CA ASP A 658 43.56 -29.36 -1.30
C ASP A 658 43.40 -30.16 -2.58
N THR A 659 42.75 -31.33 -2.50
CA THR A 659 42.56 -32.16 -3.68
C THR A 659 41.68 -31.48 -4.71
N ILE A 660 40.55 -30.91 -4.27
CA ILE A 660 39.65 -30.27 -5.22
C ILE A 660 40.31 -29.05 -5.83
N LEU A 661 41.14 -28.32 -5.07
CA LEU A 661 41.83 -27.16 -5.64
C LEU A 661 42.87 -27.60 -6.66
N LYS A 662 43.67 -28.62 -6.33
CA LYS A 662 44.64 -29.12 -7.29
C LYS A 662 43.98 -29.67 -8.54
N LEU A 663 42.75 -30.18 -8.41
CA LEU A 663 42.03 -30.65 -9.59
C LEU A 663 41.47 -29.49 -10.41
N SER A 664 40.96 -28.46 -9.75
CA SER A 664 40.39 -27.32 -10.47
C SER A 664 41.47 -26.53 -11.20
N VAL A 665 42.64 -26.39 -10.59
CA VAL A 665 43.73 -25.66 -11.26
C VAL A 665 44.30 -26.42 -12.44
N GLY A 666 43.87 -27.65 -12.68
CA GLY A 666 44.33 -28.43 -13.81
C GLY A 666 43.49 -28.20 -15.05
N VAL A 667 43.86 -28.92 -16.11
CA VAL A 667 43.18 -28.82 -17.41
C VAL A 667 42.01 -29.80 -17.37
N ILE A 668 40.82 -29.28 -17.14
CA ILE A 668 39.61 -30.10 -17.09
C ILE A 668 38.43 -29.26 -17.57
N PRO A 669 37.33 -29.86 -18.01
CA PRO A 669 36.18 -29.07 -18.46
C PRO A 669 35.60 -28.23 -17.35
N HIS A 670 34.66 -27.35 -17.73
CA HIS A 670 34.08 -26.41 -16.78
C HIS A 670 33.13 -27.09 -15.80
N ARG A 671 32.61 -28.27 -16.14
CA ARG A 671 31.66 -28.94 -15.24
C ARG A 671 32.32 -29.29 -13.91
N LEU A 672 33.55 -29.80 -13.94
CA LEU A 672 34.24 -30.14 -12.70
C LEU A 672 34.52 -28.90 -11.88
N ARG A 673 34.92 -27.79 -12.52
CA ARG A 673 35.15 -26.55 -11.79
C ARG A 673 33.87 -26.06 -11.13
N ALA A 674 32.75 -26.13 -11.86
CA ALA A 674 31.48 -25.70 -11.29
C ALA A 674 31.08 -26.58 -10.11
N CYS A 675 31.28 -27.90 -10.24
CA CYS A 675 30.95 -28.79 -9.13
C CYS A 675 31.82 -28.50 -7.92
N ILE A 676 33.11 -28.22 -8.13
CA ILE A 676 34.00 -27.91 -7.02
C ILE A 676 33.57 -26.61 -6.35
N PHE A 677 33.18 -25.62 -7.15
CA PHE A 677 32.73 -24.34 -6.58
C PHE A 677 31.46 -24.53 -5.78
N TYR A 678 30.54 -25.37 -6.27
CA TYR A 678 29.31 -25.62 -5.52
C TYR A 678 29.60 -26.38 -4.23
N VAL A 679 30.56 -27.30 -4.26
CA VAL A 679 30.95 -28.01 -3.05
C VAL A 679 31.54 -27.02 -2.04
N LEU A 680 32.37 -26.11 -2.51
CA LEU A 680 32.91 -25.08 -1.61
C LEU A 680 31.81 -24.22 -1.01
N LYS A 681 30.85 -23.81 -1.84
CA LYS A 681 29.72 -23.03 -1.35
C LYS A 681 28.97 -23.79 -0.26
N ALA A 682 28.65 -25.06 -0.54
CA ALA A 682 27.92 -25.87 0.45
C ALA A 682 28.72 -25.98 1.74
N LEU A 683 30.03 -26.21 1.65
CA LEU A 683 30.84 -26.31 2.85
C LEU A 683 30.88 -24.99 3.61
N MET A 684 30.77 -23.86 2.89
CA MET A 684 30.83 -22.53 3.50
C MET A 684 29.44 -21.90 3.64
N ILE A 685 28.38 -22.72 3.72
CA ILE A 685 27.05 -22.18 3.90
C ILE A 685 26.88 -21.67 5.33
N ARG A 686 27.48 -22.37 6.30
CA ARG A 686 27.45 -21.99 7.70
C ARG A 686 28.87 -22.09 8.24
N LYS A 687 29.49 -20.94 8.54
CA LYS A 687 30.88 -20.90 8.93
C LYS A 687 31.05 -19.86 10.03
N THR A 688 32.28 -19.76 10.56
CA THR A 688 32.60 -18.83 11.62
C THR A 688 33.83 -18.01 11.26
N HIS A 689 34.35 -17.25 12.23
CA HIS A 689 35.51 -16.40 11.96
C HIS A 689 36.72 -17.23 11.57
N GLU A 690 36.97 -18.32 12.29
CA GLU A 690 38.15 -19.15 11.99
C GLU A 690 38.02 -19.77 10.60
N GLU A 691 36.85 -20.29 10.25
CA GLU A 691 36.66 -20.88 8.94
C GLU A 691 36.81 -19.83 7.85
N LEU A 692 36.27 -18.64 8.06
CA LEU A 692 36.43 -17.56 7.09
C LEU A 692 37.92 -17.23 6.90
N ASP A 693 38.66 -17.11 7.99
CA ASP A 693 40.08 -16.80 7.90
C ASP A 693 40.83 -17.90 7.14
N ALA A 694 40.53 -19.16 7.44
CA ALA A 694 41.20 -20.26 6.75
C ALA A 694 40.86 -20.25 5.26
N MET A 695 39.59 -20.02 4.91
CA MET A 695 39.20 -19.98 3.51
C MET A 695 39.90 -18.85 2.77
N TRP A 696 39.94 -17.66 3.38
CA TRP A 696 40.63 -16.54 2.73
C TRP A 696 42.11 -16.83 2.58
N ARG A 697 42.73 -17.45 3.59
CA ARG A 697 44.14 -17.79 3.49
C ARG A 697 44.39 -18.75 2.33
N TRP A 698 43.57 -19.79 2.23
CA TRP A 698 43.74 -20.76 1.13
C TRP A 698 43.52 -20.09 -0.22
N VAL A 699 42.49 -19.24 -0.33
CA VAL A 699 42.22 -18.57 -1.59
C VAL A 699 43.40 -17.69 -1.99
N GLU A 700 43.94 -16.93 -1.04
CA GLU A 700 45.07 -16.07 -1.34
C GLU A 700 46.30 -16.88 -1.74
N ALA A 701 46.54 -17.99 -1.03
CA ALA A 701 47.71 -18.81 -1.33
C ALA A 701 47.61 -19.43 -2.71
N TRP A 702 46.40 -19.84 -3.12
CA TRP A 702 46.21 -20.50 -4.40
C TRP A 702 46.01 -19.52 -5.55
N MET A 703 45.71 -18.26 -5.27
CA MET A 703 45.56 -17.24 -6.31
C MET A 703 46.81 -16.36 -6.46
N THR A 704 47.71 -16.37 -5.49
CA THR A 704 48.93 -15.58 -5.58
C THR A 704 50.06 -16.30 -6.29
N ASN A 705 50.09 -17.64 -6.22
CA ASN A 705 51.13 -18.44 -6.87
C ASN A 705 50.53 -19.77 -7.31
N PRO A 706 49.64 -19.75 -8.31
CA PRO A 706 49.01 -20.98 -8.78
C PRO A 706 49.91 -21.86 -9.65
N PHE A 707 51.19 -21.56 -9.75
CA PHE A 707 52.11 -22.35 -10.57
C PHE A 707 51.65 -22.40 -12.02
N PRO A 727 56.18 -15.71 -13.67
CA PRO A 727 54.81 -15.18 -13.60
C PRO A 727 54.49 -14.50 -12.27
N GLY A 728 54.21 -13.20 -12.33
CA GLY A 728 53.90 -12.44 -11.14
C GLY A 728 52.49 -12.70 -10.66
N PRO A 729 52.21 -12.37 -9.39
CA PRO A 729 50.86 -12.63 -8.86
C PRO A 729 49.80 -11.76 -9.52
N GLN A 730 50.10 -10.48 -9.77
CA GLN A 730 49.12 -9.61 -10.41
C GLN A 730 48.68 -10.15 -11.76
N GLU A 731 49.57 -10.88 -12.45
CA GLU A 731 49.22 -11.48 -13.74
C GLU A 731 48.54 -12.82 -13.57
N CYS A 732 49.01 -13.67 -12.65
CA CYS A 732 48.41 -14.98 -12.46
C CYS A 732 46.97 -14.86 -11.98
N MET A 733 46.69 -13.89 -11.10
CA MET A 733 45.32 -13.74 -10.60
C MET A 733 44.36 -13.39 -11.73
N GLU A 734 44.75 -12.44 -12.59
CA GLU A 734 43.89 -12.06 -13.70
C GLU A 734 43.77 -13.19 -14.72
N MET A 735 44.85 -13.94 -14.93
CA MET A 735 44.77 -15.09 -15.83
C MET A 735 43.76 -16.11 -15.31
N MET A 736 43.80 -16.41 -14.01
CA MET A 736 42.86 -17.35 -13.43
C MET A 736 41.43 -16.81 -13.50
N PHE A 737 41.25 -15.52 -13.24
CA PHE A 737 39.91 -14.93 -13.33
C PHE A 737 39.36 -15.05 -14.75
N ARG A 738 40.19 -14.75 -15.75
CA ARG A 738 39.73 -14.86 -17.13
C ARG A 738 39.44 -16.31 -17.50
N GLU A 739 40.25 -17.25 -16.97
CA GLU A 739 40.00 -18.66 -17.23
C GLU A 739 38.66 -19.09 -16.64
N PHE A 740 38.33 -18.59 -15.45
CA PHE A 740 37.05 -18.89 -14.82
C PHE A 740 35.90 -18.05 -15.40
N GLY A 741 36.15 -17.25 -16.43
CA GLY A 741 35.11 -16.45 -17.04
C GLY A 741 34.51 -17.09 -18.26
N THR A 742 35.23 -18.01 -18.87
CA THR A 742 34.75 -18.69 -20.07
C THR A 742 33.57 -19.60 -19.71
N GLY A 743 32.42 -19.35 -20.33
CA GLY A 743 31.23 -20.12 -20.09
C GLY A 743 30.27 -19.42 -19.16
N PHE A 744 29.31 -20.20 -18.67
CA PHE A 744 28.29 -19.71 -17.76
C PHE A 744 28.21 -20.49 -16.45
N GLU A 745 28.39 -21.81 -16.50
CA GLU A 745 28.27 -22.61 -15.29
C GLU A 745 29.30 -22.21 -14.26
N GLN A 746 30.59 -22.22 -14.64
CA GLN A 746 31.64 -21.88 -13.69
C GLN A 746 31.54 -20.43 -13.23
N SER A 747 31.16 -19.53 -14.14
CA SER A 747 31.01 -18.12 -13.76
C SER A 747 29.93 -17.95 -12.72
N ASN A 748 28.75 -18.55 -12.95
CA ASN A 748 27.67 -18.45 -11.98
C ASN A 748 28.05 -19.11 -10.66
N ALA A 749 28.86 -20.13 -10.84
CA ALA A 749 29.32 -20.84 -9.74
C ALA A 749 30.33 -20.09 -9.01
N PHE A 750 31.22 -19.41 -9.68
CA PHE A 750 32.16 -18.59 -8.97
C PHE A 750 31.47 -17.46 -8.31
N ILE A 751 30.41 -16.94 -8.89
CA ILE A 751 29.73 -15.79 -8.37
C ILE A 751 28.93 -16.11 -7.14
N GLN A 752 28.17 -17.17 -7.09
CA GLN A 752 27.43 -17.63 -5.92
C GLN A 752 28.37 -17.87 -4.75
N LEU A 753 29.55 -18.46 -5.01
CA LEU A 753 30.51 -18.69 -3.94
C LEU A 753 30.95 -17.37 -3.30
N LEU A 754 31.25 -16.37 -4.13
CA LEU A 754 31.64 -15.06 -3.60
C LEU A 754 30.50 -14.44 -2.80
N THR A 755 29.28 -14.51 -3.32
CA THR A 755 28.13 -13.97 -2.60
C THR A 755 27.98 -14.63 -1.23
N THR A 756 28.13 -15.96 -1.18
CA THR A 756 28.02 -16.66 0.09
C THR A 756 29.15 -16.29 1.03
N LEU A 757 30.37 -16.14 0.51
CA LEU A 757 31.49 -15.78 1.36
C LEU A 757 31.35 -14.37 1.92
N LEU A 758 30.71 -13.47 1.17
CA LEU A 758 30.52 -12.10 1.65
C LEU A 758 29.50 -12.00 2.78
N VAL A 759 28.83 -13.09 3.13
CA VAL A 759 27.86 -13.05 4.22
C VAL A 759 28.59 -13.24 5.54
N PRO A 760 28.31 -12.44 6.56
CA PRO A 760 29.00 -12.61 7.85
C PRO A 760 28.54 -13.87 8.54
N PRO A 761 29.29 -14.36 9.53
CA PRO A 761 28.88 -15.59 10.23
C PRO A 761 27.66 -15.39 11.12
N GLU A 762 27.40 -14.18 11.58
CA GLU A 762 26.23 -13.91 12.42
C GLU A 762 24.94 -13.82 11.61
N GLY A 763 25.02 -13.77 10.29
CA GLY A 763 23.83 -13.67 9.47
C GLY A 763 23.41 -12.23 9.23
N LEU A 764 22.58 -12.04 8.21
CA LEU A 764 22.09 -10.71 7.86
C LEU A 764 20.88 -10.36 8.71
N ASN A 768 25.95 -2.53 13.65
CA ASN A 768 26.50 -3.43 12.65
C ASN A 768 27.92 -3.00 12.27
N ASP A 769 28.90 -3.85 12.60
CA ASP A 769 30.30 -3.58 12.32
C ASP A 769 30.96 -4.90 11.95
N SER A 770 32.29 -4.90 11.91
CA SER A 770 33.08 -6.10 11.60
C SER A 770 32.70 -6.62 10.20
N VAL A 771 33.02 -5.80 9.21
CA VAL A 771 32.78 -6.10 7.81
C VAL A 771 33.18 -7.54 7.53
N PRO A 772 32.38 -8.32 6.79
CA PRO A 772 32.66 -9.77 6.68
C PRO A 772 33.84 -10.10 5.79
N PHE A 773 35.04 -9.68 6.20
CA PHE A 773 36.28 -10.14 5.57
C PHE A 773 37.47 -9.65 6.38
N PRO A 774 38.58 -10.40 6.41
CA PRO A 774 39.74 -9.95 7.18
C PRO A 774 40.27 -8.62 6.68
N GLU A 775 40.61 -7.74 7.63
CA GLU A 775 41.16 -6.44 7.28
C GLU A 775 42.53 -6.57 6.62
N TRP A 776 43.25 -7.67 6.85
CA TRP A 776 44.56 -7.90 6.27
C TRP A 776 44.49 -8.77 5.01
N LEU A 777 43.37 -8.73 4.30
CA LEU A 777 43.20 -9.53 3.10
C LEU A 777 44.01 -8.91 1.96
N GLY A 778 45.11 -9.57 1.59
CA GLY A 778 45.95 -9.06 0.53
C GLY A 778 46.95 -8.01 0.96
N SER A 779 47.26 -7.94 2.25
CA SER A 779 48.22 -6.94 2.72
C SER A 779 49.64 -7.28 2.27
N SER A 780 49.97 -8.56 2.13
CA SER A 780 51.30 -8.95 1.69
C SER A 780 51.60 -8.41 0.30
N ILE A 781 50.78 -8.79 -0.68
CA ILE A 781 50.98 -8.32 -2.04
C ILE A 781 50.35 -6.94 -2.21
N ARG A 782 50.81 -6.22 -3.24
CA ARG A 782 50.32 -4.87 -3.51
C ARG A 782 48.99 -4.97 -4.23
N THR A 783 47.94 -5.26 -3.45
CA THR A 783 46.59 -5.38 -3.96
C THR A 783 45.65 -4.52 -3.11
N LEU A 784 44.55 -4.09 -3.73
CA LEU A 784 43.58 -3.24 -3.07
C LEU A 784 42.62 -4.01 -2.16
N GLY A 785 42.91 -5.28 -1.88
CA GLY A 785 42.06 -6.07 -1.01
C GLY A 785 41.07 -6.93 -1.75
N ILE A 786 39.77 -6.67 -1.55
CA ILE A 786 38.72 -7.44 -2.19
C ILE A 786 38.16 -6.75 -3.42
N GLU A 787 38.73 -5.60 -3.81
CA GLU A 787 38.22 -4.89 -4.98
C GLU A 787 38.35 -5.70 -6.26
N PRO A 788 39.52 -6.30 -6.58
CA PRO A 788 39.63 -7.07 -7.83
C PRO A 788 38.44 -7.96 -8.12
N TYR A 789 37.88 -8.60 -7.08
CA TYR A 789 36.76 -9.50 -7.29
C TYR A 789 35.55 -8.75 -7.87
N VAL A 790 35.14 -7.66 -7.21
CA VAL A 790 33.98 -6.91 -7.67
C VAL A 790 34.29 -6.29 -9.03
N ASP A 791 35.52 -5.85 -9.25
CA ASP A 791 35.89 -5.27 -10.54
C ASP A 791 35.71 -6.28 -11.66
N PHE A 792 36.20 -7.51 -11.44
CA PHE A 792 36.05 -8.55 -12.46
C PHE A 792 34.59 -8.92 -12.65
N VAL A 793 33.82 -8.99 -11.57
CA VAL A 793 32.40 -9.34 -11.69
C VAL A 793 31.68 -8.30 -12.54
N PHE A 794 31.94 -7.01 -12.28
CA PHE A 794 31.29 -5.96 -13.04
C PHE A 794 31.75 -5.97 -14.50
N ASP A 795 33.06 -6.15 -14.73
CA ASP A 795 33.56 -6.21 -16.10
C ASP A 795 32.88 -7.34 -16.87
N VAL A 796 32.76 -8.52 -16.25
CA VAL A 796 32.07 -9.63 -16.89
C VAL A 796 30.63 -9.25 -17.20
N PHE A 797 29.86 -8.89 -16.16
CA PHE A 797 28.46 -8.56 -16.34
C PHE A 797 28.25 -7.46 -17.37
N ALA A 798 29.24 -6.61 -17.61
CA ALA A 798 29.09 -5.51 -18.55
C ALA A 798 29.50 -5.88 -19.97
N ASN A 799 30.50 -6.75 -20.14
CA ASN A 799 31.04 -7.04 -21.45
C ASN A 799 30.64 -8.40 -22.00
N ARG A 800 30.76 -9.46 -21.19
CA ARG A 800 30.61 -10.83 -21.68
C ARG A 800 29.18 -11.35 -21.57
N THR A 801 28.19 -10.46 -21.61
CA THR A 801 26.79 -10.86 -21.60
C THR A 801 26.25 -11.14 -22.99
N LYS A 802 27.07 -11.03 -24.02
CA LYS A 802 26.64 -11.27 -25.39
C LYS A 802 27.01 -12.66 -25.90
N ASP A 803 27.92 -13.36 -25.23
CA ASP A 803 28.34 -14.69 -25.62
C ASP A 803 27.44 -15.79 -25.07
N ILE A 804 26.31 -15.44 -24.46
CA ILE A 804 25.37 -16.39 -23.89
C ILE A 804 24.18 -16.47 -24.83
N SER A 805 24.06 -17.61 -25.53
CA SER A 805 22.95 -17.77 -26.47
C SER A 805 21.68 -18.18 -25.74
N ASP A 806 21.76 -19.17 -24.84
CA ASP A 806 20.61 -19.63 -24.09
C ASP A 806 20.07 -18.49 -23.23
N PRO A 807 18.83 -18.02 -23.50
CA PRO A 807 18.29 -16.93 -22.67
C PRO A 807 18.20 -17.28 -21.20
N SER A 808 17.94 -18.54 -20.86
CA SER A 808 17.85 -18.93 -19.46
C SER A 808 19.18 -18.72 -18.74
N GLN A 809 20.29 -19.09 -19.38
CA GLN A 809 21.60 -18.89 -18.77
C GLN A 809 21.88 -17.41 -18.55
N LEU A 810 21.54 -16.57 -19.53
CA LEU A 810 21.75 -15.13 -19.37
C LEU A 810 20.91 -14.58 -18.23
N ARG A 811 19.65 -15.01 -18.13
CA ARG A 811 18.80 -14.54 -17.03
C ARG A 811 19.36 -14.98 -15.69
N ILE A 812 19.84 -16.22 -15.59
CA ILE A 812 20.39 -16.72 -14.34
C ILE A 812 21.64 -15.94 -13.96
N LEU A 813 22.49 -15.65 -14.95
CA LEU A 813 23.70 -14.89 -14.67
C LEU A 813 23.37 -13.48 -14.21
N ARG A 814 22.39 -12.83 -14.86
CA ARG A 814 22.00 -11.49 -14.44
C ARG A 814 21.40 -11.51 -13.04
N LEU A 815 20.60 -12.53 -12.72
CA LEU A 815 20.05 -12.63 -11.38
C LEU A 815 21.15 -12.82 -10.34
N SER A 816 22.14 -13.66 -10.65
CA SER A 816 23.26 -13.85 -9.73
C SER A 816 24.03 -12.57 -9.51
N CYS A 817 24.27 -11.81 -10.59
CA CYS A 817 25.00 -10.54 -10.45
C CYS A 817 24.19 -9.55 -9.63
N LEU A 818 22.88 -9.48 -9.85
CA LEU A 818 22.05 -8.56 -9.07
C LEU A 818 22.04 -8.96 -7.60
N ASP A 819 21.98 -10.26 -7.31
CA ASP A 819 22.02 -10.72 -5.93
C ASP A 819 23.35 -10.38 -5.28
N PHE A 820 24.45 -10.53 -6.03
CA PHE A 820 25.76 -10.16 -5.51
C PHE A 820 25.82 -8.67 -5.19
N VAL A 821 25.32 -7.85 -6.10
CA VAL A 821 25.32 -6.41 -5.88
C VAL A 821 24.48 -6.05 -4.65
N MET A 822 23.33 -6.71 -4.49
CA MET A 822 22.48 -6.41 -3.34
C MET A 822 23.14 -6.85 -2.05
N VAL A 823 23.79 -8.01 -2.04
CA VAL A 823 24.48 -8.46 -0.83
C VAL A 823 25.65 -7.54 -0.50
N CYS A 824 26.27 -6.94 -1.51
CA CYS A 824 27.36 -6.01 -1.25
C CYS A 824 26.84 -4.67 -0.74
N LEU A 825 25.68 -4.22 -1.23
CA LEU A 825 25.17 -2.92 -0.84
C LEU A 825 24.50 -2.96 0.53
N VAL A 826 23.71 -3.99 0.81
CA VAL A 826 22.99 -4.08 2.07
C VAL A 826 23.93 -4.17 3.26
N THR A 827 25.21 -4.49 3.02
CA THR A 827 26.20 -4.62 4.08
C THR A 827 27.00 -3.34 4.28
N PHE A 828 26.37 -2.19 4.06
CA PHE A 828 26.99 -0.89 4.23
C PHE A 828 26.24 -0.10 5.29
N ASN A 829 26.98 0.48 6.23
CA ASN A 829 26.38 1.26 7.31
C ASN A 829 26.19 2.70 6.87
N GLU A 830 24.95 3.20 6.96
CA GLU A 830 24.63 4.58 6.59
C GLU A 830 24.56 5.48 7.81
N ASP A 831 23.71 5.14 8.78
CA ASP A 831 23.57 5.96 9.98
C ASP A 831 24.89 5.99 10.76
N LEU A 832 25.60 4.87 10.79
CA LEU A 832 26.89 4.83 11.48
C LEU A 832 27.86 5.84 10.87
N ILE A 833 28.00 5.82 9.55
CA ILE A 833 28.92 6.73 8.89
C ILE A 833 28.46 8.18 9.06
N VAL A 834 27.14 8.41 9.05
CA VAL A 834 26.63 9.77 9.23
C VAL A 834 27.00 10.29 10.61
N LEU A 835 26.67 9.52 11.66
CA LEU A 835 27.00 9.94 13.01
C LEU A 835 28.50 10.09 13.21
N GLY A 836 29.30 9.25 12.55
CA GLY A 836 30.73 9.37 12.61
C GLY A 836 31.20 10.70 12.03
N HIS A 837 30.92 10.92 10.75
CA HIS A 837 31.31 12.18 10.12
C HIS A 837 30.74 13.40 10.85
N GLU A 838 29.68 13.21 11.64
CA GLU A 838 29.07 14.33 12.34
C GLU A 838 29.76 14.64 13.67
N SER A 839 29.90 13.64 14.55
CA SER A 839 30.34 13.88 15.91
C SER A 839 31.67 13.25 16.28
N ASN A 840 32.16 12.28 15.49
CA ASN A 840 33.38 11.58 15.86
C ASN A 840 34.57 12.55 15.96
N ILE A 841 34.92 13.20 14.85
CA ILE A 841 36.08 14.08 14.86
C ILE A 841 35.76 15.42 15.52
N SER A 842 34.50 15.83 15.51
CA SER A 842 34.12 17.13 16.06
C SER A 842 33.88 17.09 17.56
N ILE A 843 33.42 15.95 18.10
CA ILE A 843 33.11 15.84 19.51
C ILE A 843 33.96 14.72 20.12
N ASP A 844 33.82 13.51 19.60
CA ASP A 844 34.54 12.37 20.14
C ASP A 844 36.04 12.51 19.86
N ASP A 845 36.82 11.60 20.44
CA ASP A 845 38.26 11.60 20.25
C ASP A 845 38.60 11.13 18.84
N ALA A 846 39.90 11.05 18.56
CA ALA A 846 40.40 10.62 17.26
C ALA A 846 40.82 9.16 17.25
N MET A 847 40.42 8.39 18.26
CA MET A 847 40.79 6.99 18.33
C MET A 847 39.95 6.15 17.36
N ALA A 848 38.62 6.20 17.52
CA ALA A 848 37.73 5.42 16.66
C ALA A 848 37.73 5.91 15.21
N ALA A 849 38.25 7.11 14.95
CA ALA A 849 38.26 7.63 13.59
C ALA A 849 38.97 6.66 12.64
N THR A 850 40.06 6.05 13.09
CA THR A 850 40.79 5.12 12.24
C THR A 850 39.92 3.93 11.87
N ASN A 851 39.08 3.45 12.79
CA ASN A 851 38.21 2.32 12.49
C ASN A 851 37.24 2.66 11.38
N LEU A 852 36.56 3.82 11.48
CA LEU A 852 35.62 4.22 10.44
C LEU A 852 36.34 4.47 9.12
N ALA A 853 37.54 5.04 9.17
CA ALA A 853 38.30 5.27 7.95
C ALA A 853 38.61 3.95 7.26
N THR A 854 39.11 2.97 8.01
CA THR A 854 39.42 1.66 7.43
C THR A 854 38.16 1.00 6.89
N TYR A 855 37.04 1.13 7.61
CA TYR A 855 35.79 0.54 7.14
C TYR A 855 35.37 1.16 5.81
N VAL A 856 35.44 2.49 5.71
CA VAL A 856 35.01 3.15 4.48
C VAL A 856 35.98 2.85 3.34
N ARG A 857 37.26 2.65 3.63
CA ARG A 857 38.23 2.42 2.58
C ARG A 857 38.22 0.97 2.08
N LEU A 858 37.95 0.01 2.97
CA LEU A 858 37.98 -1.40 2.59
C LEU A 858 36.63 -1.93 2.10
N HIS A 859 35.53 -1.32 2.52
CA HIS A 859 34.22 -1.81 2.11
C HIS A 859 34.03 -1.57 0.61
N PRO A 860 33.52 -2.55 -0.13
CA PRO A 860 33.38 -2.39 -1.59
C PRO A 860 32.22 -1.51 -2.02
N PHE A 861 31.50 -0.88 -1.09
CA PHE A 861 30.37 -0.05 -1.47
C PHE A 861 30.81 1.09 -2.39
N SER A 862 31.96 1.68 -2.11
CA SER A 862 32.45 2.78 -2.95
C SER A 862 32.67 2.32 -4.39
N ARG A 863 33.27 1.14 -4.56
CA ARG A 863 33.52 0.65 -5.92
C ARG A 863 32.22 0.33 -6.64
N VAL A 864 31.25 -0.24 -5.93
CA VAL A 864 29.95 -0.53 -6.55
C VAL A 864 29.29 0.77 -6.99
N MET A 865 29.29 1.77 -6.12
CA MET A 865 28.70 3.06 -6.49
C MET A 865 29.42 3.67 -7.69
N GLU A 866 30.74 3.57 -7.73
CA GLU A 866 31.49 4.10 -8.86
C GLU A 866 31.12 3.38 -10.15
N TRP A 867 30.95 2.05 -10.08
CA TRP A 867 30.55 1.30 -11.26
C TRP A 867 29.14 1.65 -11.70
N LEU A 868 28.25 1.98 -10.75
CA LEU A 868 26.87 2.31 -11.10
C LEU A 868 26.78 3.51 -12.03
N PHE A 869 27.79 4.39 -12.04
CA PHE A 869 27.80 5.56 -12.91
C PHE A 869 28.31 5.25 -14.31
N ASN A 870 28.46 3.97 -14.66
CA ASN A 870 28.93 3.59 -15.98
C ASN A 870 27.75 3.39 -16.92
N GLU A 871 27.98 3.67 -18.21
CA GLU A 871 26.92 3.52 -19.19
C GLU A 871 26.64 2.05 -19.50
N LYS A 872 27.65 1.19 -19.43
CA LYS A 872 27.45 -0.22 -19.71
C LYS A 872 26.46 -0.83 -18.72
N VAL A 873 26.58 -0.47 -17.44
CA VAL A 873 25.73 -1.07 -16.42
C VAL A 873 24.26 -0.69 -16.66
N ILE A 874 24.00 0.60 -16.83
CA ILE A 874 22.62 1.05 -17.00
C ILE A 874 22.06 0.53 -18.32
N THR A 875 22.90 0.42 -19.35
CA THR A 875 22.44 -0.13 -20.62
C THR A 875 22.03 -1.59 -20.46
N SER A 876 22.86 -2.38 -19.78
CA SER A 876 22.50 -3.77 -19.54
C SER A 876 21.23 -3.87 -18.71
N LEU A 877 21.09 -3.00 -17.71
CA LEU A 877 19.90 -3.03 -16.86
C LEU A 877 18.64 -2.73 -17.67
N ILE A 878 18.66 -1.67 -18.49
CA ILE A 878 17.47 -1.31 -19.25
C ILE A 878 17.22 -2.31 -20.37
N ASN A 879 18.26 -3.01 -20.83
CA ASN A 879 18.04 -4.09 -21.79
C ASN A 879 17.38 -5.29 -21.13
N THR A 880 17.78 -5.60 -19.90
CA THR A 880 17.16 -6.71 -19.18
C THR A 880 15.72 -6.40 -18.82
N ILE A 881 15.45 -5.16 -18.41
CA ILE A 881 14.08 -4.78 -18.06
C ILE A 881 13.20 -4.62 -19.30
N HIS A 882 13.77 -4.32 -20.46
CA HIS A 882 13.01 -4.14 -21.69
C HIS A 882 12.83 -5.50 -22.35
N GLN A 883 11.66 -6.12 -22.14
CA GLN A 883 11.35 -7.42 -22.71
C GLN A 883 9.92 -7.40 -23.23
N ASP A 884 9.61 -8.37 -24.08
CA ASP A 884 8.28 -8.46 -24.65
C ASP A 884 7.26 -8.80 -23.56
N PRO A 885 6.00 -8.38 -23.74
CA PRO A 885 4.99 -8.65 -22.71
C PRO A 885 4.49 -10.08 -22.73
N ILE A 886 4.55 -10.72 -23.90
CA ILE A 886 4.05 -12.09 -24.03
C ILE A 886 4.84 -13.03 -23.14
N SER A 887 6.15 -12.80 -23.01
CA SER A 887 6.98 -13.67 -22.19
C SER A 887 6.58 -13.58 -20.73
N LEU A 888 6.44 -12.36 -20.20
CA LEU A 888 6.02 -12.21 -18.80
C LEU A 888 4.61 -12.73 -18.59
N GLY A 889 3.74 -12.59 -19.59
CA GLY A 889 2.38 -13.09 -19.46
C GLY A 889 2.33 -14.61 -19.39
N SER A 890 3.06 -15.28 -20.26
CA SER A 890 3.08 -16.74 -20.27
C SER A 890 4.02 -17.33 -19.23
N ALA A 891 4.93 -16.52 -18.69
CA ALA A 891 5.87 -17.03 -17.70
C ALA A 891 5.16 -17.30 -16.38
N SER A 892 5.85 -18.04 -15.50
CA SER A 892 5.33 -18.39 -14.19
C SER A 892 5.75 -17.34 -13.16
N PRO A 893 4.97 -17.18 -12.09
CA PRO A 893 5.36 -16.20 -11.06
C PRO A 893 6.77 -16.42 -10.51
N ASP A 894 7.24 -17.67 -10.48
CA ASP A 894 8.59 -17.99 -10.04
C ASP A 894 9.60 -17.97 -11.17
N SER A 895 9.26 -17.36 -12.30
CA SER A 895 10.18 -17.31 -13.43
C SER A 895 11.41 -16.47 -13.08
N PRO A 896 12.58 -16.85 -13.59
CA PRO A 896 13.79 -16.07 -13.26
C PRO A 896 13.75 -14.65 -13.79
N LEU A 897 13.00 -14.40 -14.87
CA LEU A 897 12.95 -13.05 -15.42
C LEU A 897 12.31 -12.07 -14.44
N VAL A 898 11.21 -12.47 -13.81
CA VAL A 898 10.54 -11.59 -12.87
C VAL A 898 11.44 -11.33 -11.67
N VAL A 899 12.12 -12.37 -11.17
CA VAL A 899 12.99 -12.19 -10.02
C VAL A 899 14.15 -11.26 -10.37
N SER A 900 14.71 -11.42 -11.58
CA SER A 900 15.81 -10.56 -12.00
C SER A 900 15.35 -9.11 -12.13
N ILE A 901 14.16 -8.89 -12.68
CA ILE A 901 13.63 -7.53 -12.80
C ILE A 901 13.41 -6.93 -11.42
N LEU A 902 12.88 -7.73 -10.48
CA LEU A 902 12.66 -7.23 -9.13
C LEU A 902 13.98 -6.86 -8.46
N ARG A 903 15.00 -7.72 -8.60
CA ARG A 903 16.30 -7.41 -8.02
C ARG A 903 16.91 -6.17 -8.64
N ALA A 904 16.74 -5.99 -9.96
CA ALA A 904 17.27 -4.80 -10.62
C ALA A 904 16.57 -3.54 -10.12
N ILE A 905 15.25 -3.60 -9.97
CA ILE A 905 14.51 -2.44 -9.46
C ILE A 905 14.95 -2.12 -8.04
N GLN A 906 15.17 -3.16 -7.22
CA GLN A 906 15.62 -2.93 -5.85
C GLN A 906 17.01 -2.30 -5.83
N VAL A 907 17.91 -2.77 -6.70
CA VAL A 907 19.25 -2.18 -6.77
C VAL A 907 19.17 -0.73 -7.20
N MET A 908 18.30 -0.43 -8.17
CA MET A 908 18.13 0.96 -8.61
C MET A 908 17.60 1.82 -7.48
N ILE A 909 16.65 1.31 -6.71
CA ILE A 909 16.11 2.07 -5.58
C ILE A 909 17.20 2.34 -4.55
N LYS A 910 17.98 1.31 -4.21
CA LYS A 910 19.06 1.49 -3.24
C LYS A 910 20.08 2.50 -3.75
N ALA A 911 20.39 2.46 -5.04
CA ALA A 911 21.35 3.41 -5.61
C ALA A 911 20.80 4.83 -5.54
N LEU A 912 19.54 5.03 -5.91
CA LEU A 912 18.94 6.35 -5.84
C LEU A 912 18.88 6.85 -4.39
N GLU A 913 18.76 5.94 -3.43
CA GLU A 913 18.73 6.36 -2.03
C GLU A 913 20.11 6.72 -1.51
N LEU A 914 21.13 5.95 -1.88
CA LEU A 914 22.46 6.10 -1.30
C LEU A 914 23.41 6.95 -2.15
N GLN A 915 22.97 7.44 -3.30
CA GLN A 915 23.85 8.26 -4.14
C GLN A 915 24.29 9.52 -3.40
N GLU A 916 23.38 10.18 -2.70
CA GLU A 916 23.73 11.39 -1.97
C GLU A 916 24.73 11.09 -0.85
N THR A 917 24.42 10.08 -0.04
CA THR A 917 25.34 9.70 1.04
C THR A 917 26.72 9.37 0.51
N TYR A 918 26.77 8.64 -0.61
CA TYR A 918 28.06 8.32 -1.22
C TYR A 918 28.78 9.60 -1.64
N LEU A 919 28.20 10.34 -2.59
CA LEU A 919 28.84 11.55 -3.09
C LEU A 919 29.23 12.51 -1.98
N HIS A 920 28.61 12.39 -0.80
CA HIS A 920 28.94 13.30 0.30
C HIS A 920 30.08 12.76 1.17
N LEU A 921 30.00 11.51 1.63
CA LEU A 921 30.90 11.01 2.66
C LEU A 921 31.78 9.84 2.17
N VAL A 922 31.93 9.66 0.86
CA VAL A 922 32.80 8.60 0.36
C VAL A 922 33.84 9.21 -0.59
N ARG A 923 33.36 9.84 -1.66
CA ARG A 923 34.25 10.41 -2.67
C ARG A 923 35.35 11.29 -2.08
N PRO A 924 35.06 12.29 -1.26
CA PRO A 924 36.16 13.14 -0.75
C PRO A 924 37.16 12.38 0.10
N GLU A 925 36.70 11.49 0.97
CA GLU A 925 37.62 10.72 1.81
C GLU A 925 38.50 9.81 0.96
N VAL A 926 37.91 9.12 -0.02
CA VAL A 926 38.68 8.23 -0.87
C VAL A 926 39.71 9.03 -1.67
N LEU A 927 39.30 10.19 -2.19
CA LEU A 927 40.23 11.02 -2.95
C LEU A 927 41.38 11.52 -2.08
N ARG A 928 41.07 11.94 -0.85
CA ARG A 928 42.13 12.39 0.05
C ARG A 928 43.08 11.26 0.39
N TYR A 929 42.55 10.05 0.62
CA TYR A 929 43.41 8.91 0.92
C TYR A 929 44.29 8.57 -0.26
N GLN A 930 43.73 8.57 -1.48
CA GLN A 930 44.53 8.28 -2.66
C GLN A 930 45.59 9.33 -2.89
N GLY A 931 45.29 10.59 -2.57
CA GLY A 931 46.29 11.64 -2.73
C GLY A 931 47.40 11.54 -1.70
N GLU A 932 47.05 11.23 -0.46
CA GLU A 932 48.06 11.12 0.59
C GLU A 932 48.93 9.89 0.39
N ALA A 933 48.31 8.71 0.41
CA ALA A 933 49.04 7.46 0.25
C ALA A 933 49.20 7.13 -1.24
N GLY A 934 49.83 5.99 -1.51
CA GLY A 934 50.04 5.54 -2.87
C GLY A 934 49.12 4.41 -3.27
N VAL A 935 48.12 4.71 -4.10
CA VAL A 935 47.16 3.72 -4.56
C VAL A 935 47.00 3.86 -6.07
N ARG A 936 46.99 2.73 -6.77
CA ARG A 936 46.85 2.69 -8.22
C ARG A 936 45.48 2.09 -8.54
N ARG A 937 44.55 2.95 -8.95
CA ARG A 937 43.20 2.53 -9.30
C ARG A 937 42.81 3.12 -10.64
N LYS A 938 41.98 2.38 -11.37
CA LYS A 938 41.52 2.82 -12.68
C LYS A 938 40.10 3.34 -12.58
N PRO A 939 39.81 4.57 -12.99
CA PRO A 939 38.43 5.06 -12.89
C PRO A 939 37.52 4.37 -13.87
N VAL A 940 36.28 4.12 -13.42
CA VAL A 940 35.28 3.44 -14.25
C VAL A 940 33.99 4.23 -14.24
N ALA A 941 34.06 5.48 -13.78
CA ALA A 941 32.90 6.36 -13.71
C ALA A 941 33.03 7.47 -14.74
N ASN A 942 31.88 8.04 -15.12
CA ASN A 942 31.82 9.12 -16.08
C ASN A 942 31.63 10.45 -15.33
N ALA A 943 32.59 11.36 -15.48
CA ALA A 943 32.50 12.64 -14.80
C ALA A 943 31.29 13.44 -15.28
N ALA A 944 30.86 13.24 -16.52
CA ALA A 944 29.72 13.99 -17.03
C ALA A 944 28.45 13.66 -16.26
N TYR A 945 28.29 12.39 -15.88
CA TYR A 945 27.12 11.95 -15.13
C TYR A 945 27.29 12.38 -13.68
N SER A 946 26.89 13.62 -13.39
CA SER A 946 26.99 14.13 -12.02
C SER A 946 26.10 13.38 -11.06
N ALA A 947 25.06 12.73 -11.54
CA ALA A 947 24.14 11.97 -10.70
C ALA A 947 23.66 10.74 -11.46
N PHE A 948 22.93 9.88 -10.76
CA PHE A 948 22.42 8.66 -11.38
C PHE A 948 21.31 8.95 -12.38
N GLU A 949 20.61 10.07 -12.25
CA GLU A 949 19.52 10.40 -13.17
C GLU A 949 20.04 10.81 -14.54
N ASP A 950 21.28 11.30 -14.62
CA ASP A 950 21.81 11.74 -15.90
C ASP A 950 21.98 10.57 -16.87
N GLY A 951 22.30 9.38 -16.35
CA GLY A 951 22.49 8.23 -17.21
C GLY A 951 21.22 7.52 -17.61
N ILE A 952 20.11 7.80 -16.92
CA ILE A 952 18.83 7.15 -17.22
C ILE A 952 17.82 8.08 -17.84
N LEU A 953 18.05 9.41 -17.82
CA LEU A 953 17.12 10.33 -18.45
C LEU A 953 17.07 10.20 -19.97
N SER A 954 17.99 9.44 -20.57
CA SER A 954 18.03 9.25 -22.01
C SER A 954 17.18 8.06 -22.48
N HIS A 955 16.50 7.38 -21.57
CA HIS A 955 15.66 6.23 -21.89
C HIS A 955 14.20 6.60 -21.69
N LEU A 956 13.43 6.60 -22.77
CA LEU A 956 12.02 6.97 -22.71
C LEU A 956 11.10 5.77 -22.55
N SER A 957 11.51 4.59 -23.05
CA SER A 957 10.69 3.40 -22.95
C SER A 957 10.67 2.80 -21.56
N LEU A 958 11.50 3.29 -20.64
CA LEU A 958 11.53 2.74 -19.29
C LEU A 958 10.19 2.93 -18.59
N VAL A 959 9.67 4.16 -18.63
CA VAL A 959 8.40 4.44 -17.97
C VAL A 959 7.27 3.66 -18.65
N VAL A 960 7.33 3.52 -19.97
CA VAL A 960 6.30 2.78 -20.69
C VAL A 960 6.30 1.32 -20.24
N ASP A 961 7.49 0.72 -20.14
CA ASP A 961 7.57 -0.67 -19.70
C ASP A 961 7.12 -0.81 -18.25
N LEU A 962 7.51 0.12 -17.38
CA LEU A 962 7.08 0.07 -15.99
C LEU A 962 5.56 0.15 -15.88
N GLY A 963 4.94 0.99 -16.71
CA GLY A 963 3.48 1.09 -16.68
C GLY A 963 2.80 -0.14 -17.24
N LYS A 964 3.36 -0.71 -18.31
CA LYS A 964 2.77 -1.91 -18.89
C LYS A 964 2.91 -3.11 -17.96
N TYR A 965 3.96 -3.15 -17.14
CA TYR A 965 4.15 -4.27 -16.21
C TYR A 965 3.18 -4.24 -15.04
N CYS A 966 2.27 -3.28 -14.97
CA CYS A 966 1.28 -3.23 -13.89
C CYS A 966 0.12 -4.18 -14.12
N ASN A 967 -0.07 -4.66 -15.34
CA ASN A 967 -1.17 -5.55 -15.67
C ASN A 967 -0.79 -7.03 -15.56
N LEU A 968 0.22 -7.34 -14.75
CA LEU A 968 0.68 -8.72 -14.57
C LEU A 968 0.09 -9.39 -13.33
N GLY A 969 -0.22 -8.61 -12.29
CA GLY A 969 -0.79 -9.14 -11.07
C GLY A 969 0.21 -9.41 -9.97
N HIS A 970 1.51 -9.44 -10.29
CA HIS A 970 2.53 -9.69 -9.27
C HIS A 970 2.56 -8.53 -8.28
N ALA A 971 2.26 -8.82 -7.02
CA ALA A 971 2.20 -7.77 -6.01
C ALA A 971 3.56 -7.10 -5.82
N GLU A 972 4.60 -7.91 -5.61
CA GLU A 972 5.92 -7.36 -5.35
C GLU A 972 6.41 -6.52 -6.53
N LEU A 973 6.28 -7.05 -7.75
CA LEU A 973 6.74 -6.32 -8.92
C LEU A 973 5.94 -5.05 -9.12
N THR A 974 4.61 -5.10 -8.92
CA THR A 974 3.79 -3.91 -9.07
C THR A 974 4.19 -2.85 -8.06
N LEU A 975 4.39 -3.23 -6.79
CA LEU A 975 4.80 -2.26 -5.79
C LEU A 975 6.16 -1.68 -6.11
N ALA A 976 7.10 -2.51 -6.58
CA ALA A 976 8.42 -2.01 -6.94
C ALA A 976 8.34 -0.99 -8.08
N CYS A 977 7.56 -1.31 -9.11
CA CYS A 977 7.42 -0.39 -10.24
C CYS A 977 6.75 0.91 -9.80
N LEU A 978 5.73 0.81 -8.95
CA LEU A 978 5.07 2.02 -8.46
C LEU A 978 6.04 2.89 -7.66
N LYS A 979 6.84 2.27 -6.79
CA LYS A 979 7.82 3.04 -6.02
C LYS A 979 8.85 3.68 -6.92
N LEU A 980 9.31 2.95 -7.94
CA LEU A 980 10.28 3.51 -8.87
C LEU A 980 9.71 4.70 -9.62
N LEU A 981 8.48 4.57 -10.11
CA LEU A 981 7.86 5.68 -10.82
C LEU A 981 7.63 6.87 -9.90
N GLU A 982 7.27 6.62 -8.64
CA GLU A 982 7.09 7.71 -7.69
C GLU A 982 8.40 8.44 -7.45
N LYS A 983 9.48 7.69 -7.26
CA LYS A 983 10.78 8.33 -7.04
C LYS A 983 11.22 9.11 -8.28
N ILE A 984 10.93 8.58 -9.47
CA ILE A 984 11.29 9.29 -10.70
C ILE A 984 10.52 10.60 -10.78
N SER A 985 9.21 10.55 -10.54
CA SER A 985 8.40 11.76 -10.59
C SER A 985 8.79 12.75 -9.51
N THR A 986 9.36 12.26 -8.40
CA THR A 986 9.76 13.14 -7.31
C THR A 986 11.06 13.87 -7.58
N SER A 987 11.87 13.38 -8.52
CA SER A 987 13.13 14.03 -8.83
C SER A 987 12.88 15.38 -9.49
N SER A 988 13.97 16.11 -9.75
CA SER A 988 13.90 17.43 -10.36
C SER A 988 14.60 17.50 -11.70
N ARG A 989 15.78 16.90 -11.84
CA ARG A 989 16.51 16.96 -13.10
C ARG A 989 15.75 16.27 -14.22
N ILE A 990 15.07 15.16 -13.90
CA ILE A 990 14.33 14.42 -14.92
C ILE A 990 13.20 15.27 -15.47
N LEU A 991 12.44 15.93 -14.59
CA LEU A 991 11.34 16.77 -15.04
C LEU A 991 11.82 18.08 -15.65
N SER A 992 13.04 18.51 -15.32
CA SER A 992 13.61 19.69 -15.96
C SER A 992 14.07 19.36 -17.39
N ALA A 993 14.59 18.15 -17.59
CA ALA A 993 14.99 17.74 -18.93
C ALA A 993 13.78 17.43 -19.80
N TRP A 994 12.77 16.75 -19.23
CA TRP A 994 11.56 16.46 -19.98
C TRP A 994 10.83 17.74 -20.37
N SER A 995 10.55 18.59 -19.38
CA SER A 995 9.84 19.85 -19.61
C SER A 995 10.77 21.03 -19.36
N PRO A 996 11.68 21.36 -20.30
CA PRO A 996 12.60 22.48 -20.13
C PRO A 996 11.90 23.83 -20.21
N ARG A 1004 9.00 21.61 -25.50
CA ARG A 1004 7.62 21.19 -25.27
C ARG A 1004 7.57 20.14 -24.17
N ASN A 1005 7.70 18.87 -24.55
CA ASN A 1005 7.67 17.76 -23.60
C ASN A 1005 7.95 16.47 -24.38
N LYS A 1006 8.35 15.44 -23.65
CA LYS A 1006 8.66 14.14 -24.23
C LYS A 1006 7.84 13.01 -23.64
N ALA A 1007 7.53 13.06 -22.35
CA ALA A 1007 6.80 11.96 -21.72
C ALA A 1007 5.36 11.89 -22.22
N ILE A 1008 4.71 13.05 -22.38
CA ILE A 1008 3.31 13.04 -22.82
C ILE A 1008 3.20 12.45 -24.21
N VAL A 1009 4.18 12.71 -25.08
CA VAL A 1009 4.13 12.16 -26.43
C VAL A 1009 4.60 10.70 -26.43
N GLN A 1010 5.46 10.32 -25.49
CA GLN A 1010 5.91 8.93 -25.44
C GLN A 1010 4.80 8.01 -24.95
N LEU A 1011 3.99 8.48 -24.00
CA LEU A 1011 2.88 7.69 -23.47
C LEU A 1011 1.64 7.75 -24.36
N GLU A 1012 1.65 8.55 -25.42
CA GLU A 1012 0.53 8.68 -26.34
C GLU A 1012 0.91 8.21 -27.74
N ARG A 1013 1.72 7.15 -27.81
CA ARG A 1013 2.14 6.60 -29.08
C ARG A 1013 1.13 5.59 -29.63
N ASN A 1014 0.75 4.60 -28.82
CA ASN A 1014 -0.20 3.58 -29.21
C ASN A 1014 -1.25 3.38 -28.14
N GLY A 1015 -1.65 4.48 -27.48
CA GLY A 1015 -2.66 4.40 -26.45
C GLY A 1015 -2.21 3.70 -25.18
N GLU A 1016 -0.98 3.97 -24.74
CA GLU A 1016 -0.48 3.35 -23.52
C GLU A 1016 -1.17 3.92 -22.29
N GLY A 1017 -1.40 5.24 -22.27
CA GLY A 1017 -2.06 5.85 -21.14
C GLY A 1017 -3.46 5.30 -20.90
N GLU A 1018 -4.20 5.06 -21.98
CA GLU A 1018 -5.56 4.55 -21.84
C GLU A 1018 -5.57 3.18 -21.19
N THR A 1019 -4.73 2.26 -21.69
CA THR A 1019 -4.70 0.91 -21.12
C THR A 1019 -4.15 0.94 -19.69
N ILE A 1020 -3.20 1.83 -19.41
CA ILE A 1020 -2.68 1.93 -18.05
C ILE A 1020 -3.77 2.39 -17.10
N SER A 1021 -4.54 3.41 -17.51
CA SER A 1021 -5.64 3.89 -16.67
C SER A 1021 -6.69 2.79 -16.48
N ALA A 1022 -7.00 2.04 -17.55
CA ALA A 1022 -7.98 0.97 -17.43
C ALA A 1022 -7.51 -0.10 -16.47
N SER A 1023 -6.24 -0.48 -16.54
CA SER A 1023 -5.71 -1.48 -15.62
C SER A 1023 -5.74 -0.98 -14.18
N LEU A 1024 -5.35 0.28 -13.97
CA LEU A 1024 -5.40 0.85 -12.62
C LEU A 1024 -6.82 0.86 -12.08
N SER A 1025 -7.79 1.22 -12.93
CA SER A 1025 -9.19 1.21 -12.50
C SER A 1025 -9.64 -0.19 -12.13
N ALA A 1026 -9.37 -1.16 -13.00
CA ALA A 1026 -9.74 -2.54 -12.71
C ALA A 1026 -9.09 -3.04 -11.43
N SER A 1027 -7.88 -2.56 -11.14
CA SER A 1027 -7.19 -3.00 -9.92
C SER A 1027 -7.81 -2.39 -8.67
N ILE A 1028 -8.00 -1.07 -8.67
CA ILE A 1028 -8.54 -0.42 -7.47
C ILE A 1028 -9.96 -0.89 -7.20
N MET A 1029 -10.68 -1.31 -8.24
CA MET A 1029 -12.03 -1.83 -8.03
C MET A 1029 -12.05 -3.20 -7.39
N ALA A 1030 -10.94 -3.93 -7.44
CA ALA A 1030 -10.88 -5.25 -6.83
C ALA A 1030 -11.07 -5.15 -5.32
N THR A 1031 -11.97 -5.99 -4.79
CA THR A 1031 -12.24 -5.98 -3.36
C THR A 1031 -11.01 -6.45 -2.58
N LEU A 1032 -11.12 -6.39 -1.26
CA LEU A 1032 -10.05 -6.77 -0.35
C LEU A 1032 -10.53 -7.88 0.56
N ASP A 1033 -9.58 -8.48 1.29
CA ASP A 1033 -9.89 -9.56 2.22
C ASP A 1033 -10.07 -8.98 3.61
N PRO A 1034 -11.28 -9.02 4.19
CA PRO A 1034 -11.45 -8.45 5.54
C PRO A 1034 -10.50 -9.05 6.56
N ALA A 1035 -10.21 -10.35 6.47
CA ALA A 1035 -9.30 -10.96 7.43
C ALA A 1035 -7.87 -10.46 7.24
N LEU A 1036 -7.40 -10.42 5.99
CA LEU A 1036 -6.06 -9.94 5.68
C LEU A 1036 -6.11 -8.45 5.34
N ALA A 1037 -6.44 -7.67 6.38
CA ALA A 1037 -6.55 -6.23 6.21
C ALA A 1037 -5.21 -5.62 5.80
N ALA A 1038 -4.21 -5.77 6.66
CA ALA A 1038 -2.88 -5.21 6.40
C ALA A 1038 -2.02 -6.11 5.54
N SER A 1039 -2.46 -7.34 5.26
CA SER A 1039 -1.70 -8.28 4.44
C SER A 1039 -2.26 -8.45 3.04
N GLY A 1040 -3.44 -7.88 2.76
CA GLY A 1040 -4.02 -8.01 1.44
C GLY A 1040 -3.18 -7.28 0.40
N GLU A 1041 -2.61 -8.02 -0.55
CA GLU A 1041 -1.78 -7.39 -1.58
C GLU A 1041 -2.55 -6.35 -2.36
N ASN A 1042 -3.87 -6.54 -2.53
CA ASN A 1042 -4.66 -5.55 -3.26
C ASN A 1042 -4.65 -4.20 -2.53
N TYR A 1043 -4.83 -4.21 -1.21
CA TYR A 1043 -4.81 -2.97 -0.47
C TYR A 1043 -3.44 -2.31 -0.52
N ARG A 1044 -2.37 -3.12 -0.52
CA ARG A 1044 -1.03 -2.56 -0.63
C ARG A 1044 -0.83 -1.90 -1.99
N VAL A 1045 -1.29 -2.54 -3.06
CA VAL A 1045 -1.18 -1.93 -4.39
C VAL A 1045 -1.99 -0.64 -4.46
N LYS A 1046 -3.18 -0.64 -3.86
CA LYS A 1046 -4.00 0.57 -3.84
C LYS A 1046 -3.28 1.70 -3.11
N LEU A 1047 -2.70 1.41 -1.95
CA LEU A 1047 -1.99 2.44 -1.20
C LEU A 1047 -0.76 2.92 -1.96
N ALA A 1048 -0.06 2.01 -2.65
CA ALA A 1048 1.09 2.42 -3.44
C ALA A 1048 0.67 3.36 -4.58
N ILE A 1049 -0.42 3.02 -5.27
CA ILE A 1049 -0.91 3.88 -6.35
C ILE A 1049 -1.32 5.24 -5.80
N LEU A 1050 -1.99 5.25 -4.64
CA LEU A 1050 -2.41 6.52 -4.06
C LEU A 1050 -1.22 7.37 -3.66
N ASP A 1051 -0.19 6.75 -3.07
CA ASP A 1051 1.01 7.50 -2.72
C ASP A 1051 1.72 8.03 -3.96
N PHE A 1052 1.76 7.24 -5.03
CA PHE A 1052 2.36 7.70 -6.27
C PHE A 1052 1.61 8.91 -6.82
N LEU A 1053 0.28 8.85 -6.85
CA LEU A 1053 -0.51 9.97 -7.33
C LEU A 1053 -0.31 11.20 -6.45
N TYR A 1054 -0.28 11.01 -5.14
CA TYR A 1054 -0.06 12.13 -4.22
C TYR A 1054 1.28 12.80 -4.47
N ALA A 1055 2.34 12.00 -4.61
CA ALA A 1055 3.66 12.56 -4.84
C ALA A 1055 3.76 13.23 -6.20
N CYS A 1056 3.06 12.70 -7.20
CA CYS A 1056 3.12 13.29 -8.54
C CYS A 1056 2.32 14.59 -8.61
N LEU A 1057 1.24 14.69 -7.84
CA LEU A 1057 0.44 15.92 -7.86
C LEU A 1057 1.02 17.00 -6.97
N ARG A 1058 1.62 16.61 -5.84
CA ARG A 1058 2.18 17.62 -4.94
C ARG A 1058 3.41 18.29 -5.54
N ALA A 1059 4.17 17.57 -6.36
CA ALA A 1059 5.38 18.10 -6.97
C ALA A 1059 5.02 18.84 -8.26
N THR A 1060 5.35 20.13 -8.31
CA THR A 1060 5.09 20.96 -9.47
C THR A 1060 3.60 20.94 -9.80
N PRO A 1061 2.75 21.53 -8.96
CA PRO A 1061 1.31 21.52 -9.25
C PRO A 1061 0.93 22.44 -10.38
N ASP A 1062 1.62 23.57 -10.55
CA ASP A 1062 1.27 24.51 -11.62
C ASP A 1062 1.41 23.87 -12.99
N GLN A 1063 2.51 23.17 -13.22
CA GLN A 1063 2.73 22.52 -14.52
C GLN A 1063 2.12 21.12 -14.51
N PRO A 1064 1.41 20.72 -15.58
CA PRO A 1064 0.83 19.37 -15.60
C PRO A 1064 1.89 18.29 -15.51
N THR A 1065 1.44 17.07 -15.28
CA THR A 1065 2.32 15.93 -15.12
C THR A 1065 1.62 14.69 -15.66
N ILE A 1066 2.23 13.52 -15.44
CA ILE A 1066 1.66 12.28 -15.94
C ILE A 1066 0.38 11.93 -15.20
N ALA A 1067 0.22 12.43 -13.96
CA ALA A 1067 -0.99 12.15 -13.20
C ALA A 1067 -2.22 12.69 -13.92
N HIS A 1068 -2.12 13.90 -14.48
CA HIS A 1068 -3.25 14.47 -15.20
C HIS A 1068 -3.64 13.62 -16.40
N GLN A 1069 -2.64 13.09 -17.10
CA GLN A 1069 -2.93 12.22 -18.25
C GLN A 1069 -3.55 10.91 -17.81
N LEU A 1070 -3.07 10.35 -16.69
CA LEU A 1070 -3.63 9.10 -16.20
C LEU A 1070 -5.06 9.28 -15.70
N LEU A 1071 -5.39 10.47 -15.17
CA LEU A 1071 -6.75 10.72 -14.71
C LEU A 1071 -7.74 10.84 -15.86
N GLY A 1072 -7.27 11.13 -17.07
CA GLY A 1072 -8.14 11.22 -18.22
C GLY A 1072 -8.28 12.63 -18.77
N PHE A 1073 -7.23 13.43 -18.61
CA PHE A 1073 -7.21 14.80 -19.09
C PHE A 1073 -6.24 14.93 -20.27
N HIS A 1074 -6.52 15.91 -21.13
CA HIS A 1074 -5.69 16.17 -22.31
C HIS A 1074 -4.60 17.15 -21.89
N CYS A 1075 -3.44 16.61 -21.54
CA CYS A 1075 -2.32 17.43 -21.08
C CYS A 1075 -1.77 18.24 -22.25
N GLU A 1076 -2.06 19.54 -22.25
CA GLU A 1076 -1.54 20.47 -23.24
C GLU A 1076 -0.59 21.46 -22.58
N LEU A 1077 0.21 22.13 -23.40
CA LEU A 1077 1.21 23.07 -22.90
C LEU A 1077 0.53 24.19 -22.12
N SER A 1078 0.72 24.21 -20.80
CA SER A 1078 0.14 25.24 -19.94
C SER A 1078 -1.37 25.33 -20.13
N LYS A 1079 -2.01 24.17 -20.33
CA LYS A 1079 -3.45 24.12 -20.54
C LYS A 1079 -3.89 22.66 -20.52
N LEU A 1080 -5.12 22.44 -20.06
CA LEU A 1080 -5.74 21.14 -20.04
C LEU A 1080 -7.07 21.19 -20.82
N GLY A 1081 -7.71 20.03 -20.94
CA GLY A 1081 -8.97 19.96 -21.65
C GLY A 1081 -9.45 18.53 -21.70
N ILE A 1082 -10.70 18.39 -22.14
CA ILE A 1082 -11.36 17.09 -22.26
C ILE A 1082 -11.72 16.88 -23.73
N GLU A 1083 -11.59 15.62 -24.20
CA GLU A 1083 -11.90 15.28 -25.57
C GLU A 1083 -13.28 14.63 -25.66
N PRO A 1084 -13.96 14.76 -26.81
CA PRO A 1084 -15.28 14.16 -26.95
C PRO A 1084 -15.20 12.64 -27.02
N LYS A 1085 -16.15 11.98 -26.35
CA LYS A 1085 -16.26 10.53 -26.30
C LYS A 1085 -15.06 9.86 -25.64
N GLY A 1086 -14.21 10.63 -24.95
CA GLY A 1086 -13.06 10.09 -24.30
C GLY A 1086 -13.44 9.31 -23.05
N PRO A 1087 -12.43 8.71 -22.41
CA PRO A 1087 -12.71 7.95 -21.19
C PRO A 1087 -13.22 8.81 -20.05
N PHE A 1088 -12.70 10.04 -19.93
CA PHE A 1088 -13.15 10.93 -18.86
C PHE A 1088 -14.49 11.58 -19.16
N ASP A 1089 -14.86 11.71 -20.45
CA ASP A 1089 -16.14 12.31 -20.79
C ASP A 1089 -17.29 11.36 -20.50
N MET A 1090 -17.09 10.06 -20.72
CA MET A 1090 -18.11 9.06 -20.47
C MET A 1090 -18.17 8.65 -19.00
N GLN A 1091 -17.50 9.37 -18.11
CA GLN A 1091 -17.51 9.06 -16.68
C GLN A 1091 -16.95 7.68 -16.40
N LYS A 1092 -15.96 7.26 -17.17
CA LYS A 1092 -15.28 5.97 -17.00
C LYS A 1092 -13.78 6.23 -17.09
N SER A 1093 -13.16 6.56 -15.96
CA SER A 1093 -11.74 6.86 -15.89
C SER A 1093 -11.25 6.57 -14.48
N LEU A 1094 -10.00 6.95 -14.21
CA LEU A 1094 -9.44 6.71 -12.88
C LEU A 1094 -10.09 7.59 -11.83
N PHE A 1095 -10.32 8.86 -12.15
CA PHE A 1095 -10.95 9.76 -11.19
C PHE A 1095 -12.36 9.31 -10.84
N HIS A 1096 -13.14 8.92 -11.85
CA HIS A 1096 -14.50 8.45 -11.59
C HIS A 1096 -14.47 7.13 -10.83
N SER A 1097 -13.49 6.26 -11.12
CA SER A 1097 -13.37 5.03 -10.36
C SER A 1097 -13.07 5.31 -8.89
N LEU A 1098 -12.19 6.29 -8.63
CA LEU A 1098 -11.92 6.69 -7.25
C LEU A 1098 -13.17 7.23 -6.58
N LEU A 1099 -13.92 8.07 -7.28
CA LEU A 1099 -15.17 8.59 -6.72
C LEU A 1099 -16.13 7.45 -6.39
N ASN A 1100 -16.24 6.46 -7.27
CA ASN A 1100 -17.15 5.35 -7.03
C ASN A 1100 -16.72 4.53 -5.83
N VAL A 1101 -15.45 4.13 -5.78
CA VAL A 1101 -14.96 3.33 -4.67
C VAL A 1101 -15.01 4.10 -3.37
N LEU A 1102 -15.02 5.43 -3.42
CA LEU A 1102 -15.14 6.23 -2.21
C LEU A 1102 -16.59 6.31 -1.75
N ILE A 1103 -17.53 6.56 -2.66
CA ILE A 1103 -18.92 6.67 -2.27
C ILE A 1103 -19.53 5.33 -1.90
N THR A 1104 -18.94 4.23 -2.37
CA THR A 1104 -19.42 2.88 -2.05
C THR A 1104 -18.62 2.24 -0.91
N LEU A 1105 -18.03 3.05 -0.05
CA LEU A 1105 -17.21 2.58 1.07
C LEU A 1105 -17.92 2.88 2.38
N THR A 1106 -18.06 1.86 3.22
CA THR A 1106 -18.69 2.00 4.52
C THR A 1106 -17.65 1.73 5.61
N VAL A 1107 -17.53 2.66 6.55
CA VAL A 1107 -16.54 2.55 7.61
C VAL A 1107 -17.23 2.10 8.90
N SER A 1108 -18.51 2.41 9.03
CA SER A 1108 -19.27 2.05 10.22
C SER A 1108 -19.43 0.54 10.30
N GLU A 1109 -18.69 -0.09 11.20
CA GLU A 1109 -18.74 -1.53 11.41
C GLU A 1109 -19.30 -1.82 12.81
N GLU A 1110 -19.65 -3.09 13.03
CA GLU A 1110 -20.24 -3.54 14.28
C GLU A 1110 -19.27 -4.32 15.15
N GLU A 1111 -18.61 -5.34 14.57
CA GLU A 1111 -17.69 -6.16 15.35
C GLU A 1111 -16.59 -5.32 15.98
N GLN A 1112 -16.01 -4.39 15.20
CA GLN A 1112 -14.98 -3.48 15.71
C GLN A 1112 -15.46 -2.04 15.71
N GLY A 1113 -15.93 -1.54 14.57
CA GLY A 1113 -16.42 -0.18 14.48
C GLY A 1113 -15.30 0.82 14.30
N MET A 1114 -15.44 1.71 13.32
CA MET A 1114 -14.46 2.76 13.05
C MET A 1114 -13.09 2.14 12.77
N ARG A 1115 -13.03 1.38 11.68
CA ARG A 1115 -11.78 0.73 11.29
C ARG A 1115 -10.70 1.77 11.00
N GLY A 1116 -9.48 1.29 10.84
CA GLY A 1116 -8.34 2.18 10.65
C GLY A 1116 -7.88 2.28 9.21
N TYR A 1117 -7.81 1.14 8.50
CA TYR A 1117 -7.29 1.16 7.15
C TYR A 1117 -8.30 1.78 6.18
N LEU A 1118 -9.59 1.61 6.42
CA LEU A 1118 -10.60 2.35 5.66
C LEU A 1118 -10.41 3.84 5.85
N VAL A 1119 -10.19 4.27 7.09
CA VAL A 1119 -9.97 5.69 7.38
C VAL A 1119 -8.74 6.19 6.64
N THR A 1120 -7.66 5.41 6.63
CA THR A 1120 -6.45 5.81 5.93
C THR A 1120 -6.71 5.92 4.43
N LEU A 1121 -7.44 4.96 3.86
CA LEU A 1121 -7.73 5.00 2.43
C LEU A 1121 -8.53 6.24 2.07
N LYS A 1122 -9.61 6.51 2.82
CA LYS A 1122 -10.41 7.69 2.52
C LYS A 1122 -9.62 8.98 2.75
N TYR A 1123 -8.72 8.99 3.74
CA TYR A 1123 -7.89 10.16 3.97
C TYR A 1123 -6.96 10.42 2.79
N ARG A 1124 -6.33 9.36 2.26
CA ARG A 1124 -5.50 9.53 1.09
C ARG A 1124 -6.31 10.02 -0.11
N VAL A 1125 -7.51 9.46 -0.30
CA VAL A 1125 -8.36 9.88 -1.40
C VAL A 1125 -8.71 11.36 -1.26
N LEU A 1126 -9.05 11.78 -0.04
CA LEU A 1126 -9.43 13.18 0.17
C LEU A 1126 -8.23 14.11 -0.01
N ARG A 1127 -7.04 13.66 0.39
CA ARG A 1127 -5.84 14.47 0.13
C ARG A 1127 -5.60 14.64 -1.36
N ILE A 1128 -5.76 13.56 -2.12
CA ILE A 1128 -5.60 13.65 -3.57
C ILE A 1128 -6.64 14.61 -4.16
N LEU A 1129 -7.88 14.50 -3.69
CA LEU A 1129 -8.93 15.39 -4.18
C LEU A 1129 -8.63 16.85 -3.86
N GLN A 1130 -8.12 17.12 -2.65
CA GLN A 1130 -7.78 18.49 -2.29
C GLN A 1130 -6.62 19.01 -3.12
N LEU A 1131 -5.62 18.17 -3.38
CA LEU A 1131 -4.52 18.59 -4.22
C LEU A 1131 -5.00 18.90 -5.64
N LEU A 1132 -5.95 18.12 -6.14
CA LEU A 1132 -6.48 18.38 -7.47
C LEU A 1132 -7.34 19.65 -7.49
N TRP A 1133 -8.06 19.93 -6.40
CA TRP A 1133 -8.94 21.10 -6.36
C TRP A 1133 -8.12 22.38 -6.23
N LYS A 1134 -7.21 22.43 -5.26
CA LYS A 1134 -6.44 23.66 -5.03
C LYS A 1134 -5.70 24.11 -6.29
N SER A 1135 -5.29 23.17 -7.12
CA SER A 1135 -4.61 23.52 -8.37
C SER A 1135 -5.57 24.27 -9.28
N PRO A 1136 -5.36 25.56 -9.56
CA PRO A 1136 -6.32 26.28 -10.42
C PRO A 1136 -6.35 25.76 -11.84
N LEU A 1137 -5.31 25.05 -12.29
CA LEU A 1137 -5.30 24.51 -13.65
C LEU A 1137 -6.27 23.35 -13.82
N SER A 1138 -6.64 22.68 -12.73
CA SER A 1138 -7.57 21.54 -12.74
C SER A 1138 -8.61 21.69 -11.65
N ALA A 1139 -9.20 22.88 -11.54
CA ALA A 1139 -10.18 23.19 -10.52
C ALA A 1139 -11.59 23.36 -11.08
N SER A 1140 -11.75 24.14 -12.14
CA SER A 1140 -13.09 24.41 -12.66
C SER A 1140 -13.74 23.14 -13.18
N LEU A 1141 -13.02 22.39 -14.02
CA LEU A 1141 -13.57 21.15 -14.58
C LEU A 1141 -13.88 20.14 -13.49
N VAL A 1142 -13.01 20.05 -12.47
CA VAL A 1142 -13.24 19.10 -11.40
C VAL A 1142 -14.48 19.49 -10.61
N MET A 1143 -14.63 20.77 -10.29
CA MET A 1143 -15.82 21.22 -9.56
C MET A 1143 -17.08 20.98 -10.38
N ASP A 1144 -17.01 21.20 -11.70
CA ASP A 1144 -18.16 20.95 -12.55
C ASP A 1144 -18.55 19.47 -12.53
N GLU A 1145 -17.55 18.59 -12.73
CA GLU A 1145 -17.84 17.17 -12.72
C GLU A 1145 -18.36 16.69 -11.37
N LEU A 1146 -17.92 17.33 -10.28
CA LEU A 1146 -18.39 16.94 -8.96
C LEU A 1146 -19.82 17.39 -8.72
N ARG A 1147 -20.13 18.65 -9.05
CA ARG A 1147 -21.49 19.15 -8.87
C ARG A 1147 -22.47 18.50 -9.84
N ALA A 1148 -21.97 17.94 -10.94
CA ALA A 1148 -22.85 17.26 -11.90
C ALA A 1148 -23.22 15.85 -11.48
N THR A 1149 -22.64 15.33 -10.39
CA THR A 1149 -22.93 13.99 -9.92
C THR A 1149 -23.40 13.96 -8.47
N ASN A 1150 -23.57 15.11 -7.82
CA ASN A 1150 -24.03 15.19 -6.44
C ASN A 1150 -23.08 14.43 -5.51
N PHE A 1151 -21.83 14.86 -5.51
CA PHE A 1151 -20.82 14.22 -4.66
C PHE A 1151 -21.02 14.59 -3.20
N LEU A 1152 -21.35 15.84 -2.92
CA LEU A 1152 -21.58 16.26 -1.54
C LEU A 1152 -22.70 15.46 -0.90
N PHE A 1153 -23.73 15.11 -1.67
CA PHE A 1153 -24.83 14.33 -1.13
C PHE A 1153 -24.36 12.94 -0.72
N HIS A 1154 -23.57 12.29 -1.57
CA HIS A 1154 -23.02 10.98 -1.23
C HIS A 1154 -22.14 11.07 0.01
N MET A 1155 -21.29 12.11 0.08
CA MET A 1155 -20.43 12.27 1.25
C MET A 1155 -21.25 12.42 2.52
N LEU A 1156 -22.27 13.28 2.48
CA LEU A 1156 -23.13 13.46 3.65
C LEU A 1156 -23.82 12.17 4.04
N LEU A 1157 -24.32 11.42 3.05
CA LEU A 1157 -24.95 10.14 3.35
C LEU A 1157 -23.95 9.15 3.96
N ARG A 1158 -22.67 9.28 3.62
CA ARG A 1158 -21.65 8.42 4.17
C ARG A 1158 -21.11 8.91 5.51
N GLU A 1159 -21.53 10.10 5.96
CA GLU A 1159 -21.07 10.60 7.25
C GLU A 1159 -21.57 9.71 8.38
N VAL A 1160 -20.84 9.75 9.50
CA VAL A 1160 -21.18 8.97 10.69
C VAL A 1160 -20.90 9.84 11.91
N GLN A 1161 -21.76 9.74 12.91
CA GLN A 1161 -21.60 10.52 14.13
C GLN A 1161 -20.57 9.87 15.04
N ILE A 1162 -19.83 10.71 15.77
CA ILE A 1162 -18.81 10.27 16.71
C ILE A 1162 -19.28 10.55 18.12
N GLN A 1163 -19.05 9.58 19.00
CA GLN A 1163 -19.44 9.67 20.40
C GLN A 1163 -18.38 8.98 21.25
N PRO A 1164 -18.28 9.34 22.53
CA PRO A 1164 -17.28 8.70 23.40
C PRO A 1164 -17.56 7.23 23.69
N GLN A 1165 -18.67 6.68 23.21
CA GLN A 1165 -19.00 5.28 23.46
C GLN A 1165 -18.49 4.36 22.35
N LEU A 1166 -18.58 4.80 21.11
CA LEU A 1166 -18.12 3.98 19.99
C LEU A 1166 -16.61 3.81 20.07
N PRO A 1167 -16.09 2.59 20.25
CA PRO A 1167 -14.64 2.40 20.32
C PRO A 1167 -14.00 2.42 18.95
N TRP A 1168 -12.68 2.66 18.95
CA TRP A 1168 -11.87 2.69 17.74
C TRP A 1168 -11.06 1.40 17.68
N ASP A 1169 -11.45 0.51 16.76
CA ASP A 1169 -10.78 -0.78 16.60
C ASP A 1169 -10.83 -1.60 17.89
N GLY A 1170 -12.01 -1.61 18.52
CA GLY A 1170 -12.20 -2.33 19.76
C GLY A 1170 -11.56 -1.69 20.98
N GLN A 1171 -10.98 -0.50 20.85
CA GLN A 1171 -10.34 0.19 21.95
C GLN A 1171 -11.06 1.50 22.22
N LEU A 1172 -11.26 1.79 23.51
CA LEU A 1172 -11.97 2.99 23.90
C LEU A 1172 -11.03 4.21 23.90
N VAL A 1173 -11.62 5.39 23.77
CA VAL A 1173 -10.83 6.61 23.65
C VAL A 1173 -10.30 7.05 25.01
N THR A 1174 -11.11 6.89 26.06
CA THR A 1174 -10.70 7.35 27.39
C THR A 1174 -9.54 6.55 27.94
N GLY A 1175 -9.23 5.39 27.36
CA GLY A 1175 -8.13 4.59 27.86
C GLY A 1175 -6.81 5.33 27.71
N CYS A 1176 -5.93 5.16 28.70
CA CYS A 1176 -4.63 5.82 28.65
C CYS A 1176 -3.81 5.33 27.47
N GLU A 1177 -3.93 4.04 27.12
CA GLU A 1177 -3.20 3.49 25.99
C GLU A 1177 -3.65 4.06 24.65
N PHE A 1178 -4.74 4.82 24.62
CA PHE A 1178 -5.20 5.41 23.36
C PHE A 1178 -4.15 6.35 22.79
N LEU A 1179 -3.54 7.18 23.63
CA LEU A 1179 -2.51 8.10 23.15
C LEU A 1179 -1.28 7.35 22.66
N LEU A 1180 -1.02 6.16 23.20
CA LEU A 1180 0.12 5.36 22.78
C LEU A 1180 -0.19 4.45 21.60
N SER A 1181 -1.46 4.08 21.43
CA SER A 1181 -1.85 3.19 20.33
C SER A 1181 -1.83 3.95 19.02
N ASP A 1182 -2.23 3.26 17.95
CA ASP A 1182 -2.27 3.83 16.61
C ASP A 1182 -3.61 4.49 16.29
N ALA A 1183 -4.59 4.42 17.20
CA ALA A 1183 -5.89 5.02 16.95
C ALA A 1183 -5.80 6.54 16.78
N SER A 1184 -4.74 7.16 17.30
CA SER A 1184 -4.58 8.60 17.14
C SER A 1184 -4.44 8.98 15.67
N LEU A 1185 -3.74 8.16 14.89
CA LEU A 1185 -3.60 8.43 13.46
C LEU A 1185 -4.96 8.40 12.77
N ALA A 1186 -5.76 7.37 13.05
CA ALA A 1186 -7.08 7.28 12.45
C ALA A 1186 -7.96 8.45 12.89
N TYR A 1187 -7.85 8.87 14.14
CA TYR A 1187 -8.64 9.99 14.62
C TYR A 1187 -8.25 11.28 13.91
N ILE A 1188 -6.95 11.52 13.75
CA ILE A 1188 -6.50 12.71 13.03
C ILE A 1188 -6.97 12.65 11.58
N ASP A 1189 -6.92 11.47 10.98
CA ASP A 1189 -7.37 11.32 9.59
C ASP A 1189 -8.86 11.62 9.47
N TYR A 1190 -9.66 11.14 10.43
CA TYR A 1190 -11.09 11.42 10.39
C TYR A 1190 -11.38 12.90 10.59
N LEU A 1191 -10.65 13.54 11.50
CA LEU A 1191 -10.81 14.98 11.69
C LEU A 1191 -10.47 15.74 10.41
N ALA A 1192 -9.37 15.37 9.75
CA ALA A 1192 -9.00 16.04 8.51
C ALA A 1192 -10.03 15.78 7.41
N SER A 1193 -10.60 14.58 7.38
CA SER A 1193 -11.64 14.28 6.41
C SER A 1193 -12.87 15.15 6.63
N ARG A 1194 -13.30 15.27 7.89
CA ARG A 1194 -14.43 16.14 8.19
C ARG A 1194 -14.13 17.58 7.82
N ALA A 1195 -12.92 18.05 8.11
CA ALA A 1195 -12.56 19.42 7.76
C ALA A 1195 -12.60 19.64 6.26
N ALA A 1196 -12.05 18.70 5.49
CA ALA A 1196 -12.06 18.82 4.04
C ALA A 1196 -13.48 18.80 3.49
N ILE A 1197 -14.34 17.94 4.05
CA ILE A 1197 -15.72 17.87 3.60
C ILE A 1197 -16.44 19.19 3.89
N PHE A 1198 -16.22 19.75 5.08
CA PHE A 1198 -16.84 21.03 5.42
C PHE A 1198 -16.35 22.14 4.49
N GLU A 1199 -15.05 22.14 4.20
CA GLU A 1199 -14.50 23.16 3.30
C GLU A 1199 -15.10 23.03 1.90
N TYR A 1200 -15.22 21.81 1.40
CA TYR A 1200 -15.81 21.60 0.07
C TYR A 1200 -17.27 22.03 0.06
N ILE A 1201 -18.02 21.70 1.11
CA ILE A 1201 -19.42 22.11 1.18
C ILE A 1201 -19.53 23.63 1.18
N GLY A 1202 -18.68 24.30 1.96
CA GLY A 1202 -18.70 25.75 1.98
C GLY A 1202 -18.37 26.36 0.63
N LYS A 1203 -17.35 25.82 -0.03
CA LYS A 1203 -16.98 26.33 -1.36
C LYS A 1203 -18.11 26.13 -2.36
N GLU A 1204 -18.75 24.96 -2.34
CA GLU A 1204 -19.85 24.71 -3.25
C GLU A 1204 -21.04 25.63 -2.95
N LEU A 1205 -21.32 25.87 -1.67
CA LEU A 1205 -22.40 26.79 -1.32
C LEU A 1205 -22.09 28.20 -1.80
N CYS A 1206 -20.85 28.66 -1.62
CA CYS A 1206 -20.49 29.98 -2.10
C CYS A 1206 -20.61 30.06 -3.61
N SER A 1207 -20.20 29.02 -4.32
CA SER A 1207 -20.31 29.01 -5.78
C SER A 1207 -21.77 29.09 -6.20
N VAL A 1208 -22.63 28.27 -5.60
CA VAL A 1208 -24.03 28.27 -5.97
C VAL A 1208 -24.68 29.61 -5.62
N SER A 1209 -24.24 30.25 -4.55
CA SER A 1209 -24.81 31.55 -4.17
C SER A 1209 -24.40 32.63 -5.16
N GLN A 1210 -23.11 32.68 -5.50
CA GLN A 1210 -22.66 33.68 -6.47
C GLN A 1210 -23.21 33.42 -7.86
N ASN A 1211 -23.57 32.17 -8.18
CA ASN A 1211 -24.18 31.87 -9.46
C ASN A 1211 -25.65 32.28 -9.54
N ARG A 1212 -26.22 32.75 -8.44
CA ARG A 1212 -27.61 33.21 -8.38
C ARG A 1212 -28.54 32.25 -9.11
N ILE A 1213 -28.57 31.01 -8.62
CA ILE A 1213 -29.49 29.99 -9.12
C ILE A 1213 -30.09 29.24 -7.94
N PRO A 1214 -31.37 29.42 -7.63
CA PRO A 1214 -31.96 28.72 -6.48
C PRO A 1214 -32.33 27.26 -6.75
N SER A 1215 -32.00 26.73 -7.92
CA SER A 1215 -32.34 25.33 -8.21
C SER A 1215 -31.62 24.38 -7.24
N ILE A 1216 -30.36 24.69 -6.93
CA ILE A 1216 -29.58 23.84 -6.02
C ILE A 1216 -29.58 24.35 -4.59
N LYS A 1217 -29.84 25.65 -4.38
CA LYS A 1217 -29.87 26.18 -3.02
C LYS A 1217 -30.93 25.49 -2.18
N ARG A 1218 -32.09 25.18 -2.78
CA ARG A 1218 -33.14 24.49 -2.04
C ARG A 1218 -32.66 23.13 -1.54
N GLN A 1219 -32.02 22.36 -2.42
CA GLN A 1219 -31.51 21.05 -2.02
C GLN A 1219 -30.42 21.18 -0.97
N ILE A 1220 -29.55 22.19 -1.10
CA ILE A 1220 -28.50 22.40 -0.11
C ILE A 1220 -29.11 22.67 1.26
N PHE A 1221 -30.09 23.59 1.31
CA PHE A 1221 -30.73 23.89 2.58
C PHE A 1221 -31.43 22.66 3.14
N ASP A 1222 -32.14 21.92 2.29
CA ASP A 1222 -32.81 20.71 2.77
C ASP A 1222 -31.82 19.74 3.39
N ALA A 1223 -30.67 19.54 2.73
CA ALA A 1223 -29.63 18.70 3.31
C ALA A 1223 -29.14 19.27 4.64
N LEU A 1224 -29.05 20.59 4.74
CA LEU A 1224 -28.67 21.23 5.99
C LEU A 1224 -29.80 21.20 7.01
N ASN A 1225 -31.05 21.26 6.56
CA ASN A 1225 -32.18 21.19 7.48
C ASN A 1225 -32.38 19.81 8.07
N GLY A 1226 -31.88 18.77 7.40
CA GLY A 1226 -32.01 17.40 7.86
C GLY A 1226 -32.99 16.55 7.07
N GLN A 1227 -33.35 16.95 5.85
CA GLN A 1227 -34.27 16.19 5.02
C GLN A 1227 -33.73 16.13 3.60
N ILE A 1228 -34.11 15.08 2.88
CA ILE A 1228 -33.69 14.87 1.50
C ILE A 1228 -34.91 14.46 0.69
N PHE A 1229 -35.17 15.18 -0.40
CA PHE A 1229 -36.29 14.89 -1.30
C PHE A 1229 -35.72 14.25 -2.56
N VAL A 1230 -36.03 12.98 -2.77
CA VAL A 1230 -35.56 12.25 -3.94
C VAL A 1230 -36.62 12.29 -5.04
N PRO A 1235 -39.13 10.95 2.75
CA PRO A 1235 -37.88 11.70 2.65
C PRO A 1235 -36.79 11.16 3.56
N LEU A 1236 -35.56 11.07 3.05
CA LEU A 1236 -34.44 10.57 3.83
C LEU A 1236 -33.87 11.69 4.70
N THR A 1237 -33.75 11.43 6.00
CA THR A 1237 -33.25 12.40 6.94
C THR A 1237 -31.78 12.11 7.27
N ILE A 1238 -31.07 13.17 7.67
CA ILE A 1238 -29.65 13.06 8.02
C ILE A 1238 -29.37 14.03 9.16
N PRO A 1239 -28.33 13.74 9.96
CA PRO A 1239 -27.99 14.63 11.06
C PRO A 1239 -27.54 15.99 10.57
N SER A 1240 -28.02 17.03 11.23
CA SER A 1240 -27.69 18.40 10.84
C SER A 1240 -26.23 18.69 11.18
N ILE A 1241 -25.78 19.88 10.77
CA ILE A 1241 -24.40 20.28 11.02
C ILE A 1241 -24.14 20.37 12.52
N PHE A 1242 -25.14 20.81 13.29
CA PHE A 1242 -24.97 20.91 14.74
C PHE A 1242 -24.72 19.56 15.39
N ASP A 1243 -25.16 18.47 14.75
CA ASP A 1243 -24.93 17.15 15.32
C ASP A 1243 -23.46 16.77 15.27
N PHE A 1244 -22.75 17.18 14.21
CA PHE A 1244 -21.34 16.87 14.06
C PHE A 1244 -20.45 17.70 14.98
N PHE A 1245 -21.01 18.63 15.74
CA PHE A 1245 -20.23 19.47 16.66
C PHE A 1245 -20.04 18.74 17.99
N ASP A 1246 -19.39 17.57 17.91
CA ASP A 1246 -19.12 16.74 19.07
C ASP A 1246 -17.63 16.46 19.25
N PHE A 1247 -16.77 17.12 18.47
CA PHE A 1247 -15.33 16.91 18.57
C PHE A 1247 -14.67 17.83 19.58
N ILE A 1248 -15.37 18.86 20.06
CA ILE A 1248 -14.84 19.76 21.07
C ILE A 1248 -15.24 19.19 22.44
N ASN A 1249 -14.28 18.58 23.13
CA ASN A 1249 -14.53 17.99 24.44
C ASN A 1249 -13.28 18.14 25.28
N THR A 1250 -13.42 18.77 26.44
CA THR A 1250 -12.32 18.98 27.37
C THR A 1250 -12.25 17.91 28.46
N ASP A 1251 -13.18 16.96 28.48
CA ASP A 1251 -13.15 15.91 29.49
C ASP A 1251 -11.92 15.03 29.35
N TYR A 1252 -11.43 14.84 28.12
CA TYR A 1252 -10.24 14.02 27.92
C TYR A 1252 -9.00 14.70 28.48
N LYS A 1253 -8.99 16.03 28.56
CA LYS A 1253 -7.88 16.79 29.10
C LYS A 1253 -6.60 16.54 28.29
N TRP A 1254 -6.71 16.80 26.98
CA TRP A 1254 -5.56 16.65 26.10
C TRP A 1254 -4.45 17.64 26.44
N GLU A 1255 -4.77 18.76 27.09
CA GLU A 1255 -3.75 19.72 27.46
C GLU A 1255 -3.05 19.32 28.75
N GLU A 1256 -3.80 18.82 29.73
CA GLU A 1256 -3.21 18.39 30.99
C GLU A 1256 -2.53 17.04 30.82
N ILE A 1257 -1.40 16.87 31.49
CA ILE A 1257 -0.62 15.63 31.41
C ILE A 1257 -0.14 15.28 32.82
N PRO A 1258 -0.28 14.03 33.25
CA PRO A 1258 0.21 13.66 34.59
C PRO A 1258 1.73 13.55 34.60
N SER A 1259 2.38 14.42 35.38
CA SER A 1259 3.83 14.44 35.44
C SER A 1259 4.32 13.51 36.54
N PRO A 1260 5.07 12.44 36.23
CA PRO A 1260 5.58 11.57 37.29
C PRO A 1260 6.58 12.29 38.19
N HIS A 1261 7.07 11.58 39.21
CA HIS A 1261 7.99 12.21 40.15
C HIS A 1261 9.31 12.57 39.49
N PHE A 1262 9.90 11.62 38.76
CA PHE A 1262 11.19 11.83 38.09
C PHE A 1262 12.23 12.35 39.07
N THR A 1263 12.53 11.51 40.07
CA THR A 1263 13.54 11.88 41.06
C THR A 1263 14.91 12.08 40.42
N TYR A 1264 15.16 11.41 39.30
CA TYR A 1264 16.42 11.53 38.57
C TYR A 1264 16.11 11.90 37.13
N LEU A 1265 17.11 12.46 36.45
CA LEU A 1265 16.99 12.96 35.08
C LEU A 1265 16.02 14.14 34.98
N LYS A 1266 15.67 14.76 36.10
CA LYS A 1266 14.73 15.88 36.07
C LYS A 1266 15.33 17.08 35.36
N ASP A 1267 16.65 17.31 35.50
CA ASP A 1267 17.29 18.44 34.87
C ASP A 1267 17.45 18.28 33.36
N LEU A 1268 17.25 17.08 32.83
CA LEU A 1268 17.38 16.85 31.40
C LEU A 1268 16.16 17.41 30.69
N ASP A 1269 16.32 18.55 30.03
CA ASP A 1269 15.23 19.20 29.33
C ASP A 1269 15.20 18.76 27.87
N LEU A 1270 14.23 19.27 27.12
CA LEU A 1270 14.05 18.95 25.71
C LEU A 1270 14.52 20.08 24.81
N GLY A 1271 15.58 20.78 25.20
CA GLY A 1271 16.10 21.88 24.42
C GLY A 1271 16.48 21.48 23.01
N PRO A 1272 17.49 20.62 22.88
CA PRO A 1272 17.92 20.20 21.53
C PRO A 1272 16.92 19.31 20.82
N CYS A 1273 15.87 18.84 21.49
CA CYS A 1273 14.90 17.98 20.84
C CYS A 1273 14.14 18.74 19.76
N ILE A 1274 13.52 19.86 20.11
CA ILE A 1274 12.78 20.67 19.16
C ILE A 1274 13.72 21.21 18.09
N GLY A 1281 6.43 23.89 13.86
CA GLY A 1281 6.74 22.48 13.76
C GLY A 1281 7.15 21.88 15.10
N VAL A 1282 6.17 21.51 15.91
CA VAL A 1282 6.42 20.92 17.22
C VAL A 1282 6.80 19.46 16.99
N HIS A 1283 8.10 19.17 17.05
CA HIS A 1283 8.59 17.81 16.86
C HIS A 1283 9.80 17.61 17.78
N TYR A 1284 9.59 16.91 18.89
CA TYR A 1284 10.64 16.66 19.87
C TYR A 1284 11.34 15.35 19.50
N ASP A 1285 12.58 15.45 19.04
CA ASP A 1285 13.33 14.26 18.67
C ASP A 1285 13.71 13.46 19.91
N ILE A 1286 13.64 12.14 19.80
CA ILE A 1286 13.95 11.27 20.93
C ILE A 1286 15.44 10.99 21.05
N ARG A 1287 16.17 11.02 19.93
CA ARG A 1287 17.60 10.73 19.98
C ARG A 1287 18.39 11.83 20.67
N LYS A 1288 17.93 13.09 20.54
CA LYS A 1288 18.62 14.19 21.19
C LYS A 1288 18.64 14.03 22.70
N ALA A 1289 17.57 13.48 23.27
CA ALA A 1289 17.54 13.19 24.71
C ALA A 1289 18.14 11.84 25.04
N GLN A 1290 18.06 10.87 24.12
CA GLN A 1290 18.67 9.57 24.35
C GLN A 1290 20.18 9.70 24.51
N GLU A 1291 20.82 10.49 23.64
CA GLU A 1291 22.26 10.67 23.75
C GLU A 1291 22.63 11.36 25.06
N ILE A 1292 21.84 12.35 25.48
CA ILE A 1292 22.15 13.07 26.71
C ILE A 1292 22.02 12.14 27.91
N LEU A 1293 20.94 11.36 27.98
CA LEU A 1293 20.76 10.46 29.11
C LEU A 1293 21.80 9.34 29.09
N ALA A 1294 22.25 8.92 27.89
CA ALA A 1294 23.30 7.92 27.82
C ALA A 1294 24.62 8.48 28.34
N LEU A 1295 24.96 9.72 27.95
CA LEU A 1295 26.17 10.34 28.47
C LEU A 1295 26.07 10.50 29.99
N LYS A 1296 24.90 10.87 30.50
CA LYS A 1296 24.74 11.03 31.94
C LYS A 1296 24.88 9.70 32.67
N ARG A 1297 24.31 8.62 32.10
CA ARG A 1297 24.47 7.30 32.70
C ARG A 1297 25.93 6.87 32.69
N LYS A 1298 26.65 7.15 31.60
CA LYS A 1298 28.07 6.80 31.55
C LYS A 1298 28.86 7.57 32.60
N GLU A 1299 28.57 8.86 32.77
CA GLU A 1299 29.24 9.65 33.78
C GLU A 1299 28.94 9.11 35.18
N TYR A 1300 27.68 8.76 35.44
CA TYR A 1300 27.32 8.21 36.75
C TYR A 1300 28.04 6.89 37.00
N GLU A 1301 28.12 6.04 35.98
CA GLU A 1301 28.84 4.77 36.13
C GLU A 1301 30.32 5.02 36.40
N HIS A 1302 30.91 5.99 35.72
CA HIS A 1302 32.31 6.32 35.96
C HIS A 1302 32.51 6.89 37.36
N SER A 1303 31.48 7.54 37.92
CA SER A 1303 31.60 8.05 39.27
C SER A 1303 31.78 6.95 40.30
N GLN A 1304 31.37 5.72 39.98
CA GLN A 1304 31.54 4.57 40.87
C GLN A 1304 30.85 4.81 42.22
N LEU A 1305 29.53 4.97 42.16
CA LEU A 1305 28.71 5.18 43.36
C LEU A 1305 27.37 4.50 43.13
N ALA A 1306 27.26 3.26 43.59
CA ALA A 1306 26.03 2.47 43.48
C ALA A 1306 25.51 2.48 42.05
N THR A 1307 26.38 2.07 41.13
CA THR A 1307 26.04 2.04 39.72
C THR A 1307 25.15 0.84 39.38
N PRO A 1308 25.39 -0.34 39.95
CA PRO A 1308 24.56 -1.50 39.56
C PRO A 1308 23.12 -1.38 40.02
N GLU A 1309 22.90 -0.91 41.26
CA GLU A 1309 21.55 -0.88 41.80
C GLU A 1309 20.69 0.18 41.11
N PHE A 1310 21.19 1.41 41.06
CA PHE A 1310 20.42 2.52 40.48
C PHE A 1310 20.36 2.49 38.96
N LEU A 1311 20.82 1.44 38.29
CA LEU A 1311 20.72 1.40 36.83
C LEU A 1311 19.28 1.17 36.38
N GLU A 1312 18.54 0.29 37.08
CA GLU A 1312 17.16 0.04 36.72
C GLU A 1312 16.30 1.29 36.86
N THR A 1313 16.62 2.15 37.82
CA THR A 1313 15.88 3.40 37.97
C THR A 1313 16.03 4.26 36.73
N VAL A 1314 17.26 4.41 36.23
CA VAL A 1314 17.48 5.21 35.02
C VAL A 1314 16.82 4.54 33.82
N GLU A 1315 16.86 3.21 33.77
CA GLU A 1315 16.23 2.51 32.65
C GLU A 1315 14.74 2.77 32.62
N LEU A 1316 14.06 2.62 33.76
CA LEU A 1316 12.62 2.86 33.79
C LEU A 1316 12.30 4.34 33.58
N GLU A 1317 13.16 5.24 34.04
CA GLU A 1317 12.94 6.66 33.78
C GLU A 1317 13.02 6.96 32.28
N GLU A 1318 13.95 6.31 31.58
CA GLU A 1318 14.03 6.49 30.13
C GLU A 1318 12.82 5.88 29.44
N LYS A 1319 12.39 4.69 29.88
CA LYS A 1319 11.21 4.06 29.28
C LYS A 1319 9.96 4.89 29.54
N VAL A 1320 9.93 5.67 30.62
CA VAL A 1320 8.80 6.56 30.84
C VAL A 1320 8.94 7.84 30.04
N LEU A 1321 10.18 8.34 29.86
CA LEU A 1321 10.38 9.58 29.12
C LEU A 1321 10.08 9.41 27.65
N ILE A 1322 10.42 8.25 27.07
CA ILE A 1322 10.12 8.03 25.66
C ILE A 1322 8.60 8.06 25.43
N GLU A 1323 7.84 7.38 26.28
CA GLU A 1323 6.39 7.41 26.13
C GLU A 1323 5.83 8.80 26.44
N TRP A 1324 6.45 9.53 27.35
CA TRP A 1324 6.06 10.92 27.60
C TRP A 1324 6.21 11.75 26.34
N LEU A 1325 7.35 11.62 25.66
CA LEU A 1325 7.56 12.37 24.42
C LEU A 1325 6.56 11.96 23.35
N THR A 1326 6.32 10.66 23.19
CA THR A 1326 5.35 10.22 22.19
C THR A 1326 3.96 10.76 22.50
N VAL A 1327 3.57 10.76 23.78
CA VAL A 1327 2.25 11.26 24.15
C VAL A 1327 2.16 12.75 23.90
N ARG A 1328 3.23 13.50 24.18
CA ARG A 1328 3.23 14.93 23.90
C ARG A 1328 3.09 15.20 22.41
N ASN A 1329 3.80 14.42 21.58
CA ASN A 1329 3.69 14.61 20.14
C ASN A 1329 2.26 14.30 19.67
N ARG A 1330 1.69 13.20 20.16
CA ARG A 1330 0.32 12.85 19.76
C ARG A 1330 -0.66 13.92 20.21
N ALA A 1331 -0.47 14.47 21.41
CA ALA A 1331 -1.36 15.51 21.89
C ALA A 1331 -1.25 16.77 21.05
N ASN A 1332 -0.02 17.15 20.66
CA ASN A 1332 0.14 18.30 19.79
C ASN A 1332 -0.54 18.07 18.44
N LEU A 1333 -0.39 16.86 17.88
CA LEU A 1333 -1.04 16.55 16.62
C LEU A 1333 -2.56 16.64 16.74
N LEU A 1334 -3.11 16.07 17.81
CA LEU A 1334 -4.55 16.13 18.01
C LEU A 1334 -5.02 17.57 18.19
N LEU A 1335 -4.23 18.38 18.89
CA LEU A 1335 -4.62 19.77 19.12
C LEU A 1335 -4.63 20.56 17.81
N THR A 1336 -3.59 20.39 16.99
CA THR A 1336 -3.57 21.11 15.71
C THR A 1336 -4.68 20.61 14.78
N ALA A 1337 -4.98 19.31 14.82
CA ALA A 1337 -6.08 18.79 14.01
C ALA A 1337 -7.41 19.39 14.45
N ARG A 1338 -7.65 19.44 15.76
CA ARG A 1338 -8.87 20.05 16.27
C ARG A 1338 -8.94 21.53 15.90
N LEU A 1339 -7.81 22.23 15.94
CA LEU A 1339 -7.79 23.64 15.57
C LEU A 1339 -8.17 23.81 14.11
N ASN A 1340 -7.58 22.99 13.23
CA ASN A 1340 -7.92 23.08 11.81
C ASN A 1340 -9.39 22.76 11.57
N LEU A 1341 -9.91 21.73 12.24
CA LEU A 1341 -11.31 21.38 12.07
C LEU A 1341 -12.23 22.49 12.55
N LEU A 1342 -11.90 23.12 13.68
CA LEU A 1342 -12.72 24.21 14.19
C LEU A 1342 -12.67 25.40 13.25
N GLN A 1343 -11.49 25.71 12.69
CA GLN A 1343 -11.39 26.80 11.73
C GLN A 1343 -12.24 26.51 10.49
N ALA A 1344 -12.19 25.28 9.99
CA ALA A 1344 -12.99 24.92 8.82
C ALA A 1344 -14.48 25.03 9.13
N TRP A 1345 -14.89 24.55 10.31
CA TRP A 1345 -16.30 24.64 10.69
C TRP A 1345 -16.75 26.09 10.82
N ALA A 1346 -15.91 26.94 11.40
CA ALA A 1346 -16.26 28.35 11.53
C ALA A 1346 -16.37 29.02 10.17
N ASN A 1347 -15.45 28.70 9.26
CA ASN A 1347 -15.53 29.26 7.91
C ASN A 1347 -16.81 28.81 7.21
N LEU A 1348 -17.15 27.51 7.35
CA LEU A 1348 -18.38 27.01 6.75
C LEU A 1348 -19.61 27.72 7.32
N LEU A 1349 -19.65 27.89 8.64
CA LEU A 1349 -20.79 28.54 9.27
C LEU A 1349 -20.90 29.99 8.82
N LEU A 1350 -19.76 30.68 8.69
CA LEU A 1350 -19.79 32.07 8.24
C LEU A 1350 -20.29 32.16 6.81
N VAL A 1351 -19.80 31.29 5.92
CA VAL A 1351 -20.25 31.30 4.54
C VAL A 1351 -21.73 30.97 4.45
N MET A 1352 -22.22 30.09 5.34
CA MET A 1352 -23.64 29.75 5.33
C MET A 1352 -24.49 30.92 5.79
N ILE A 1353 -24.10 31.55 6.90
CA ILE A 1353 -24.90 32.65 7.45
C ILE A 1353 -24.91 33.83 6.49
N GLU A 1354 -23.74 34.19 5.95
CA GLU A 1354 -23.66 35.35 5.06
C GLU A 1354 -24.51 35.14 3.81
N SER A 1355 -24.25 34.04 3.09
CA SER A 1355 -24.98 33.75 1.85
C SER A 1355 -26.20 32.89 2.20
N ASN A 1356 -27.27 33.58 2.61
CA ASN A 1356 -28.52 32.91 2.97
C ASN A 1356 -29.66 33.90 2.75
N ASP A 1357 -30.38 33.72 1.65
CA ASP A 1357 -31.54 34.55 1.33
C ASP A 1357 -32.81 34.06 1.99
N PHE A 1358 -32.82 32.83 2.52
CA PHE A 1358 -34.01 32.29 3.16
C PHE A 1358 -34.39 33.13 4.37
N LYS A 1359 -35.66 33.04 4.75
CA LYS A 1359 -36.17 33.81 5.87
C LYS A 1359 -35.38 33.50 7.14
N SER A 1360 -35.42 34.43 8.09
CA SER A 1360 -34.67 34.31 9.34
C SER A 1360 -35.51 33.78 10.49
N THR A 1361 -36.83 34.01 10.47
CA THR A 1361 -37.68 33.55 11.57
C THR A 1361 -37.70 32.03 11.64
N PRO A 1362 -37.63 31.29 10.51
CA PRO A 1362 -37.57 29.82 10.61
C PRO A 1362 -36.21 29.33 11.09
N LYS A 1363 -35.14 30.02 10.66
CA LYS A 1363 -33.79 29.66 11.05
C LYS A 1363 -33.43 30.16 12.44
N MET A 1364 -34.34 30.90 13.10
CA MET A 1364 -34.08 31.32 14.47
C MET A 1364 -33.86 30.12 15.38
N ALA A 1365 -34.52 29.00 15.11
CA ALA A 1365 -34.31 27.80 15.91
C ALA A 1365 -32.86 27.33 15.81
N PHE A 1366 -32.33 27.23 14.59
CA PHE A 1366 -30.94 26.84 14.42
C PHE A 1366 -29.99 27.87 15.01
N LEU A 1367 -30.35 29.15 14.93
CA LEU A 1367 -29.52 30.19 15.54
C LEU A 1367 -29.42 29.99 17.04
N LEU A 1368 -30.57 29.77 17.70
CA LEU A 1368 -30.56 29.53 19.15
C LEU A 1368 -29.82 28.25 19.49
N GLN A 1369 -29.95 27.22 18.65
CA GLN A 1369 -29.22 25.97 18.91
C GLN A 1369 -27.72 26.20 18.82
N ALA A 1370 -27.27 26.94 17.81
CA ALA A 1370 -25.84 27.23 17.69
C ALA A 1370 -25.36 28.07 18.87
N LEU A 1371 -26.16 29.02 19.32
CA LEU A 1371 -25.80 29.81 20.49
C LEU A 1371 -25.65 28.92 21.72
N GLN A 1372 -26.60 28.02 21.93
CA GLN A 1372 -26.53 27.11 23.07
C GLN A 1372 -25.30 26.21 22.96
N ALA A 1373 -24.95 25.81 21.75
CA ALA A 1373 -23.80 24.91 21.57
C ALA A 1373 -22.49 25.63 21.82
N ILE A 1374 -22.39 26.91 21.40
CA ILE A 1374 -21.15 27.64 21.57
C ILE A 1374 -21.00 28.21 22.97
N LEU A 1375 -22.10 28.40 23.71
CA LEU A 1375 -22.03 28.94 25.06
C LEU A 1375 -21.03 28.16 25.90
N PRO A 1376 -21.17 26.84 26.04
CA PRO A 1376 -20.19 26.10 26.84
C PRO A 1376 -18.79 26.13 26.24
N THR A 1377 -18.68 26.16 24.91
CA THR A 1377 -17.37 26.22 24.28
C THR A 1377 -16.64 27.50 24.67
N LEU A 1378 -17.35 28.64 24.62
CA LEU A 1378 -16.74 29.89 25.04
C LEU A 1378 -16.45 29.90 26.54
N GLU A 1379 -17.38 29.37 27.34
CA GLU A 1379 -17.16 29.35 28.78
C GLU A 1379 -15.96 28.50 29.16
N ALA A 1380 -15.66 27.46 28.37
CA ALA A 1380 -14.55 26.58 28.66
C ALA A 1380 -13.21 27.09 28.12
N PHE A 1381 -13.24 27.97 27.12
CA PHE A 1381 -12.03 28.51 26.52
C PHE A 1381 -12.05 30.04 26.57
N SER A 1382 -12.55 30.60 27.66
CA SER A 1382 -12.62 32.05 27.80
C SER A 1382 -11.23 32.65 27.96
N SER A 1383 -10.35 31.98 28.73
CA SER A 1383 -9.01 32.48 28.96
C SER A 1383 -7.95 31.38 28.89
N LEU A 1384 -8.29 30.22 28.33
CA LEU A 1384 -7.32 29.13 28.24
C LEU A 1384 -6.37 29.33 27.07
N LYS A 1385 -6.91 29.40 25.85
CA LYS A 1385 -6.11 29.59 24.64
C LYS A 1385 -6.72 30.71 23.81
N SER A 1386 -5.87 31.37 23.03
CA SER A 1386 -6.25 32.52 22.23
C SER A 1386 -6.38 32.19 20.75
N ASP A 1387 -6.47 30.91 20.41
CA ASP A 1387 -6.60 30.48 19.01
C ASP A 1387 -8.01 30.00 18.67
N GLU A 1388 -8.65 29.23 19.55
CA GLU A 1388 -10.00 28.76 19.28
C GLU A 1388 -11.04 29.86 19.50
N ALA A 1389 -10.81 30.76 20.45
CA ALA A 1389 -11.76 31.84 20.70
C ALA A 1389 -11.86 32.78 19.51
N PHE A 1390 -10.77 32.99 18.78
CA PHE A 1390 -10.80 33.88 17.63
C PHE A 1390 -11.84 33.44 16.62
N GLU A 1391 -11.79 32.16 16.22
CA GLU A 1391 -12.76 31.66 15.26
C GLU A 1391 -14.19 31.74 15.80
N LEU A 1392 -14.35 31.57 17.12
CA LEU A 1392 -15.66 31.62 17.73
C LEU A 1392 -16.06 33.02 18.19
N ALA A 1393 -15.12 33.96 18.22
CA ALA A 1393 -15.44 35.32 18.65
C ALA A 1393 -16.00 36.15 17.50
N ARG A 1394 -15.48 35.96 16.29
CA ARG A 1394 -15.94 36.73 15.14
C ARG A 1394 -17.31 36.26 14.66
N VAL A 1395 -17.60 34.96 14.76
CA VAL A 1395 -18.90 34.47 14.33
C VAL A 1395 -20.02 35.07 15.18
N ALA A 1396 -19.76 35.25 16.48
CA ALA A 1396 -20.75 35.87 17.33
C ALA A 1396 -20.91 37.36 17.04
N LYS A 1397 -19.83 38.01 16.60
CA LYS A 1397 -19.89 39.43 16.26
C LYS A 1397 -20.89 39.67 15.13
N VAL A 1398 -20.65 39.06 13.97
CA VAL A 1398 -21.52 39.27 12.82
C VAL A 1398 -22.93 38.80 13.15
N LEU A 1399 -23.07 37.70 13.89
CA LEU A 1399 -24.39 37.19 14.23
C LEU A 1399 -25.21 38.23 14.99
N LEU A 1400 -24.56 38.98 15.87
CA LEU A 1400 -25.27 39.98 16.67
C LEU A 1400 -25.72 41.17 15.84
N TRP A 1401 -25.06 41.42 14.70
CA TRP A 1401 -25.43 42.55 13.84
C TRP A 1401 -26.46 42.17 12.79
N LYS A 1402 -26.51 40.90 12.38
CA LYS A 1402 -27.47 40.47 11.37
C LYS A 1402 -28.86 40.24 11.94
N LEU A 1403 -29.08 40.52 13.22
CA LEU A 1403 -30.39 40.34 13.83
C LEU A 1403 -31.38 41.37 13.32
N GLU A 1416 -45.42 33.32 21.14
CA GLU A 1416 -44.26 32.62 20.62
C GLU A 1416 -43.04 33.53 20.58
N GLN A 1417 -43.25 34.76 20.10
CA GLN A 1417 -42.14 35.71 20.02
C GLN A 1417 -41.61 36.07 21.40
N PHE A 1418 -42.48 36.08 22.42
CA PHE A 1418 -42.03 36.42 23.76
C PHE A 1418 -41.09 35.36 24.32
N THR A 1419 -41.41 34.08 24.10
CA THR A 1419 -40.53 33.01 24.59
C THR A 1419 -39.16 33.10 23.94
N VAL A 1420 -39.11 33.38 22.63
CA VAL A 1420 -37.83 33.48 21.95
C VAL A 1420 -37.09 34.74 22.38
N GLY A 1421 -37.82 35.85 22.55
CA GLY A 1421 -37.17 37.08 22.98
C GLY A 1421 -36.49 36.95 24.32
N ASN A 1422 -37.02 36.11 25.20
CA ASN A 1422 -36.42 35.92 26.52
C ASN A 1422 -35.13 35.11 26.43
N LEU A 1423 -35.14 34.03 25.64
CA LEU A 1423 -33.94 33.22 25.50
C LEU A 1423 -32.80 34.00 24.88
N ILE A 1424 -33.10 34.82 23.86
CA ILE A 1424 -32.07 35.62 23.22
C ILE A 1424 -31.47 36.61 24.22
N GLY A 1425 -32.32 37.46 24.80
CA GLY A 1425 -31.84 38.43 25.77
C GLY A 1425 -31.11 37.80 26.94
N ASP A 1426 -31.51 36.57 27.31
CA ASP A 1426 -30.84 35.89 28.42
C ASP A 1426 -29.40 35.55 28.06
N LYS A 1427 -29.18 34.93 26.90
CA LYS A 1427 -27.83 34.57 26.50
C LYS A 1427 -26.99 35.81 26.19
N LEU A 1428 -27.61 36.84 25.59
CA LEU A 1428 -26.90 38.08 25.35
C LEU A 1428 -26.38 38.69 26.64
N PHE A 1429 -27.12 38.50 27.74
CA PHE A 1429 -26.64 38.98 29.04
C PHE A 1429 -25.50 38.11 29.55
N GLN A 1430 -25.63 36.79 29.43
CA GLN A 1430 -24.55 35.90 29.84
C GLN A 1430 -23.32 36.10 28.96
N LEU A 1431 -23.52 36.23 27.65
CA LEU A 1431 -22.41 36.50 26.75
C LEU A 1431 -21.73 37.82 27.07
N PHE A 1432 -22.44 38.76 27.67
CA PHE A 1432 -21.83 40.04 28.03
C PHE A 1432 -20.88 39.90 29.20
N GLN A 1433 -21.10 38.93 30.08
CA GLN A 1433 -20.25 38.77 31.25
C GLN A 1433 -18.87 38.25 30.86
N LEU A 1434 -18.82 37.18 30.05
CA LEU A 1434 -17.54 36.59 29.68
C LEU A 1434 -16.66 37.55 28.90
N CYS A 1435 -17.26 38.56 28.25
CA CYS A 1435 -16.46 39.54 27.52
C CYS A 1435 -15.74 40.48 28.48
N LEU A 1436 -16.49 41.07 29.42
CA LEU A 1436 -15.86 41.95 30.41
C LEU A 1436 -14.88 41.19 31.29
N SER A 1437 -15.13 39.89 31.51
CA SER A 1437 -14.22 39.10 32.32
C SER A 1437 -12.85 38.95 31.65
N ALA A 1438 -12.84 38.77 30.32
CA ALA A 1438 -11.58 38.65 29.60
C ALA A 1438 -10.87 39.99 29.50
N ILE A 1439 -11.63 41.07 29.34
CA ILE A 1439 -11.02 42.40 29.24
C ILE A 1439 -10.37 42.78 30.56
N SER A 1440 -10.95 42.38 31.68
CA SER A 1440 -10.38 42.72 32.98
C SER A 1440 -9.06 42.00 33.25
N GLN A 1441 -8.82 40.86 32.57
CA GLN A 1441 -7.61 40.09 32.76
C GLN A 1441 -6.60 40.29 31.64
N CYS A 1442 -6.96 41.00 30.58
CA CYS A 1442 -6.07 41.25 29.44
C CYS A 1442 -5.58 39.92 28.86
N SER A 1443 -6.54 39.12 28.38
CA SER A 1443 -6.26 37.81 27.82
C SER A 1443 -6.27 37.87 26.30
N GLY A 1444 -5.50 36.99 25.68
CA GLY A 1444 -5.43 36.92 24.23
C GLY A 1444 -4.67 38.10 23.63
N THR A 1445 -4.62 38.12 22.31
CA THR A 1445 -3.93 39.16 21.56
C THR A 1445 -4.85 40.36 21.37
N PRO A 1446 -4.29 41.51 20.97
CA PRO A 1446 -5.14 42.68 20.74
C PRO A 1446 -6.25 42.44 19.72
N GLU A 1447 -6.04 41.51 18.79
CA GLU A 1447 -7.08 41.23 17.80
C GLU A 1447 -8.31 40.62 18.45
N LEU A 1448 -8.12 39.57 19.25
CA LEU A 1448 -9.25 38.96 19.94
C LEU A 1448 -9.88 39.94 20.92
N ARG A 1449 -9.06 40.73 21.61
CA ARG A 1449 -9.57 41.72 22.54
C ARG A 1449 -10.42 42.77 21.86
N SER A 1450 -10.25 42.96 20.54
CA SER A 1450 -11.03 43.97 19.84
C SER A 1450 -12.44 43.48 19.55
N LEU A 1451 -12.60 42.20 19.23
CA LEU A 1451 -13.93 41.65 18.94
C LEU A 1451 -14.86 41.80 20.13
N TYR A 1452 -14.33 41.61 21.34
CA TYR A 1452 -15.15 41.73 22.54
C TYR A 1452 -15.74 43.13 22.68
N TYR A 1453 -15.01 44.15 22.21
CA TYR A 1453 -15.50 45.51 22.32
C TYR A 1453 -16.73 45.73 21.46
N SER A 1454 -16.75 45.15 20.25
CA SER A 1454 -17.89 45.32 19.37
C SER A 1454 -19.14 44.63 19.92
N ILE A 1455 -18.97 43.45 20.52
CA ILE A 1455 -20.10 42.73 21.08
C ILE A 1455 -20.74 43.54 22.20
N CYS A 1456 -19.93 43.97 23.17
CA CYS A 1456 -20.46 44.77 24.27
C CYS A 1456 -20.97 46.12 23.80
N TYR A 1457 -20.46 46.62 22.68
CA TYR A 1457 -20.89 47.92 22.18
C TYR A 1457 -22.36 47.88 21.77
N ARG A 1458 -22.71 46.98 20.86
CA ARG A 1458 -24.10 46.91 20.40
C ARG A 1458 -25.03 46.45 21.50
N TYR A 1459 -24.54 45.62 22.43
CA TYR A 1459 -25.38 45.17 23.53
C TYR A 1459 -25.81 46.34 24.40
N LEU A 1460 -24.87 47.22 24.74
CA LEU A 1460 -25.18 48.40 25.54
C LEU A 1460 -25.81 49.52 24.72
N THR A 1461 -25.89 49.39 23.41
CA THR A 1461 -26.45 50.41 22.53
C THR A 1461 -27.81 50.05 21.96
N ALA A 1462 -28.09 48.76 21.75
CA ALA A 1462 -29.34 48.31 21.15
C ALA A 1462 -30.22 47.53 22.12
N VAL A 1463 -29.65 46.54 22.80
CA VAL A 1463 -30.45 45.72 23.72
C VAL A 1463 -31.01 46.57 24.84
N VAL A 1464 -30.11 47.19 25.62
CA VAL A 1464 -30.55 48.01 26.75
C VAL A 1464 -31.24 49.27 26.24
N ASP A 1465 -30.75 49.83 25.13
CA ASP A 1465 -31.34 51.03 24.55
C ASP A 1465 -31.97 50.74 23.20
N THR A 1482 -41.89 50.78 30.80
CA THR A 1482 -40.57 50.29 30.42
C THR A 1482 -39.84 49.71 31.62
N ARG A 1483 -40.57 48.98 32.46
CA ARG A 1483 -39.95 48.39 33.64
C ARG A 1483 -38.87 47.38 33.27
N SER A 1484 -39.07 46.65 32.17
CA SER A 1484 -38.08 45.67 31.75
C SER A 1484 -36.74 46.33 31.43
N VAL A 1485 -36.77 47.56 30.92
CA VAL A 1485 -35.53 48.24 30.58
C VAL A 1485 -34.78 48.66 31.85
N THR A 1486 -35.52 49.08 32.88
CA THR A 1486 -34.87 49.50 34.11
C THR A 1486 -34.16 48.34 34.79
N ASN A 1487 -34.80 47.17 34.83
CA ASN A 1487 -34.18 46.01 35.46
C ASN A 1487 -32.91 45.60 34.72
N ALA A 1488 -32.95 45.58 33.39
CA ALA A 1488 -31.77 45.22 32.61
C ALA A 1488 -30.67 46.26 32.78
N ARG A 1489 -31.01 47.54 32.71
CA ARG A 1489 -30.01 48.59 32.87
C ARG A 1489 -29.39 48.55 34.26
N ALA A 1490 -30.19 48.32 35.29
CA ALA A 1490 -29.67 48.26 36.65
C ALA A 1490 -28.71 47.09 36.81
N ARG A 1491 -29.14 45.89 36.43
CA ARG A 1491 -28.28 44.72 36.57
C ARG A 1491 -27.05 44.82 35.67
N THR A 1492 -27.18 45.48 34.52
CA THR A 1492 -26.03 45.62 33.62
C THR A 1492 -24.92 46.44 34.27
N LEU A 1493 -25.27 47.55 34.93
CA LEU A 1493 -24.25 48.37 35.58
C LEU A 1493 -23.57 47.61 36.72
N LYS A 1494 -24.27 46.66 37.34
CA LYS A 1494 -23.66 45.90 38.42
C LYS A 1494 -22.45 45.13 37.95
N ALA A 1495 -22.54 44.50 36.77
CA ALA A 1495 -21.41 43.74 36.24
C ALA A 1495 -20.20 44.64 36.02
N ILE A 1496 -20.42 45.86 35.50
CA ILE A 1496 -19.31 46.77 35.27
C ILE A 1496 -18.68 47.19 36.58
N THR A 1497 -19.51 47.46 37.60
CA THR A 1497 -18.98 47.87 38.89
C THR A 1497 -18.26 46.73 39.61
N LEU A 1498 -18.56 45.48 39.27
CA LEU A 1498 -17.91 44.36 39.94
C LEU A 1498 -16.40 44.40 39.73
N TYR A 1499 -15.96 44.63 38.49
CA TYR A 1499 -14.52 44.67 38.21
C TYR A 1499 -13.90 45.96 38.74
N GLY A 1500 -14.48 47.10 38.37
CA GLY A 1500 -13.97 48.39 38.84
C GLY A 1500 -12.85 48.92 37.97
N ASP A 1501 -11.85 49.54 38.60
CA ASP A 1501 -10.74 50.11 37.86
C ASP A 1501 -9.94 49.05 37.11
N ARG A 1502 -9.97 47.80 37.57
CA ARG A 1502 -9.22 46.75 36.89
C ARG A 1502 -9.63 46.61 35.44
N LEU A 1503 -10.94 46.73 35.16
CA LEU A 1503 -11.43 46.57 33.80
C LEU A 1503 -11.14 47.82 32.96
N LEU A 1504 -11.47 49.00 33.48
CA LEU A 1504 -11.24 50.22 32.73
C LEU A 1504 -9.76 50.45 32.45
N ASN A 1505 -8.89 50.03 33.36
CA ASN A 1505 -7.46 50.21 33.16
C ASN A 1505 -7.00 49.53 31.88
N VAL A 1506 -7.51 48.33 31.61
CA VAL A 1506 -7.10 47.61 30.41
C VAL A 1506 -7.60 48.33 29.15
N ILE A 1507 -8.83 48.84 29.19
CA ILE A 1507 -9.38 49.52 28.03
C ILE A 1507 -8.63 50.82 27.77
N CYS A 1508 -8.29 51.55 28.84
CA CYS A 1508 -7.57 52.81 28.66
C CYS A 1508 -6.19 52.59 28.06
N ASP A 1509 -5.55 51.46 28.37
CA ASP A 1509 -4.24 51.18 27.81
C ASP A 1509 -4.31 50.82 26.34
N ASP A 1510 -5.42 50.21 25.90
CA ASP A 1510 -5.55 49.83 24.50
C ASP A 1510 -5.55 51.05 23.60
N ALA A 1511 -6.16 52.14 24.06
CA ALA A 1511 -6.21 53.36 23.25
C ALA A 1511 -4.81 53.88 22.97
N TYR A 1512 -4.69 54.66 21.90
CA TYR A 1512 -3.42 55.24 21.45
C TYR A 1512 -2.29 54.23 21.59
N GLY A 1513 -2.53 53.01 21.09
CA GLY A 1513 -1.58 51.93 21.14
C GLY A 1513 -0.95 51.64 19.79
N SER A 1514 -0.38 50.44 19.68
CA SER A 1514 0.27 50.05 18.43
C SER A 1514 -0.75 49.64 17.38
N ASP A 1515 -1.70 48.77 17.76
CA ASP A 1515 -2.71 48.31 16.82
C ASP A 1515 -3.58 49.48 16.38
N THR A 1516 -4.14 49.36 15.17
CA THR A 1516 -5.00 50.40 14.60
C THR A 1516 -6.48 50.16 14.84
N THR A 1517 -6.92 48.90 14.86
CA THR A 1517 -8.34 48.60 15.06
C THR A 1517 -8.69 48.44 16.52
N CYS A 1518 -7.75 47.98 17.36
CA CYS A 1518 -8.04 47.81 18.78
C CYS A 1518 -8.25 49.16 19.46
N GLN A 1519 -7.36 50.12 19.20
CA GLN A 1519 -7.51 51.43 19.81
C GLN A 1519 -8.79 52.12 19.36
N THR A 1520 -9.23 51.88 18.12
CA THR A 1520 -10.46 52.48 17.64
C THR A 1520 -11.68 51.90 18.35
N ALA A 1521 -11.76 50.57 18.40
CA ALA A 1521 -12.89 49.93 19.07
C ALA A 1521 -12.91 50.27 20.57
N ALA A 1522 -11.74 50.32 21.19
CA ALA A 1522 -11.68 50.65 22.62
C ALA A 1522 -12.15 52.07 22.87
N MET A 1523 -11.75 53.01 22.02
CA MET A 1523 -12.19 54.39 22.19
C MET A 1523 -13.70 54.52 22.06
N ILE A 1524 -14.27 53.88 21.04
CA ILE A 1524 -15.71 53.95 20.85
C ILE A 1524 -16.45 53.24 21.98
N LEU A 1525 -15.84 52.20 22.56
CA LEU A 1525 -16.49 51.47 23.64
C LEU A 1525 -16.71 52.37 24.85
N LEU A 1526 -15.72 53.19 25.19
CA LEU A 1526 -15.87 54.09 26.33
C LEU A 1526 -17.05 55.03 26.17
N ASN A 1527 -17.38 55.39 24.93
CA ASN A 1527 -18.51 56.28 24.69
C ASN A 1527 -19.82 55.62 25.13
N ALA A 1528 -19.97 54.33 24.85
CA ALA A 1528 -21.20 53.64 25.24
C ALA A 1528 -21.30 53.49 26.75
N LEU A 1529 -20.17 53.26 27.42
CA LEU A 1529 -20.19 53.10 28.87
C LEU A 1529 -20.67 54.38 29.56
N VAL A 1530 -20.03 55.52 29.24
CA VAL A 1530 -20.43 56.78 29.85
C VAL A 1530 -21.83 57.17 29.43
N HIS A 1531 -22.22 56.86 28.20
CA HIS A 1531 -23.55 57.22 27.72
C HIS A 1531 -24.63 56.48 28.50
N THR A 1532 -24.53 55.15 28.56
CA THR A 1532 -25.53 54.36 29.28
C THR A 1532 -25.49 54.62 30.78
N SER A 1533 -24.36 55.08 31.32
CA SER A 1533 -24.27 55.31 32.75
C SER A 1533 -25.08 56.53 33.17
N ARG A 1534 -25.08 57.59 32.36
CA ARG A 1534 -25.84 58.78 32.70
C ARG A 1534 -27.33 58.50 32.72
N ALA A 1535 -27.81 57.64 31.81
CA ALA A 1535 -29.23 57.31 31.78
C ALA A 1535 -29.67 56.61 33.05
N SER A 1536 -28.76 55.91 33.72
CA SER A 1536 -29.09 55.20 34.95
C SER A 1536 -29.42 56.18 36.07
N VAL A 1546 -26.62 64.15 40.12
CA VAL A 1546 -25.95 64.44 38.85
C VAL A 1546 -24.47 64.08 38.96
N ASP A 1547 -24.15 62.83 38.68
CA ASP A 1547 -22.78 62.34 38.74
C ASP A 1547 -22.73 60.98 38.05
N CYS A 1548 -21.53 60.42 37.95
CA CYS A 1548 -21.34 59.12 37.32
C CYS A 1548 -20.02 58.51 37.78
N PRO A 1549 -20.00 57.22 38.15
CA PRO A 1549 -18.73 56.61 38.58
C PRO A 1549 -17.78 56.28 37.45
N ILE A 1550 -18.27 56.11 36.23
CA ILE A 1550 -17.40 55.76 35.11
C ILE A 1550 -16.45 56.92 34.80
N ILE A 1551 -16.99 58.14 34.68
CA ILE A 1551 -16.15 59.29 34.37
C ILE A 1551 -15.15 59.54 35.49
N ASP A 1552 -15.54 59.28 36.73
CA ASP A 1552 -14.62 59.50 37.85
C ASP A 1552 -13.44 58.54 37.78
N ALA A 1553 -13.67 57.29 37.40
CA ALA A 1553 -12.58 56.32 37.31
C ALA A 1553 -11.56 56.74 36.27
N LEU A 1554 -12.02 57.28 35.14
CA LEU A 1554 -11.10 57.69 34.09
C LEU A 1554 -10.12 58.73 34.58
N ASN A 1555 -10.55 59.62 35.47
CA ASN A 1555 -9.65 60.65 35.99
C ASN A 1555 -8.59 60.05 36.90
N ARG A 1556 -8.97 59.08 37.74
CA ARG A 1556 -8.01 58.46 38.64
C ARG A 1556 -6.96 57.67 37.89
N LEU A 1557 -7.32 57.07 36.76
CA LEU A 1557 -6.39 56.29 35.95
C LEU A 1557 -5.53 57.15 35.04
N ASN A 1558 -5.61 58.49 35.16
CA ASN A 1558 -4.83 59.40 34.34
C ASN A 1558 -5.18 59.26 32.86
N PHE A 1559 -6.42 58.86 32.57
CA PHE A 1559 -6.85 58.72 31.18
C PHE A 1559 -7.22 60.06 30.58
N ILE A 1560 -7.94 60.90 31.32
CA ILE A 1560 -8.33 62.20 30.81
C ILE A 1560 -7.10 63.08 30.59
N GLY A 1561 -6.09 62.95 31.46
CA GLY A 1561 -4.87 63.71 31.32
C GLY A 1561 -4.14 63.43 30.02
N VAL A 1562 -3.80 62.16 29.80
CA VAL A 1562 -3.10 61.80 28.57
C VAL A 1562 -3.99 62.02 27.36
N LEU A 1563 -5.31 61.93 27.52
CA LEU A 1563 -6.21 62.12 26.39
C LEU A 1563 -6.17 63.56 25.89
N VAL A 1564 -6.18 64.52 26.81
CA VAL A 1564 -6.10 65.92 26.40
C VAL A 1564 -4.73 66.25 25.84
N ASP A 1565 -3.69 65.55 26.30
CA ASP A 1565 -2.35 65.80 25.77
C ASP A 1565 -2.25 65.37 24.31
N SER A 1566 -2.91 64.28 23.94
CA SER A 1566 -2.88 63.82 22.55
C SER A 1566 -3.58 64.79 21.61
N LEU A 1567 -4.39 65.71 22.13
CA LEU A 1567 -5.08 66.67 21.26
C LEU A 1567 -4.09 67.51 20.47
N LYS A 1568 -2.89 67.71 21.00
CA LYS A 1568 -1.89 68.48 20.28
C LYS A 1568 -1.48 67.78 18.99
N GLU A 1569 -1.11 68.58 17.99
CA GLU A 1569 -0.69 68.05 16.70
C GLU A 1569 -1.77 67.18 16.06
N ILE A 1570 -3.04 67.52 16.30
CA ILE A 1570 -4.13 66.74 15.73
C ILE A 1570 -4.16 66.88 14.22
N LEU A 1571 -3.62 67.98 13.68
CA LEU A 1571 -3.62 68.17 12.24
C LEU A 1571 -2.84 67.07 11.53
N ASN A 1572 -1.76 66.59 12.16
CA ASN A 1572 -0.98 65.52 11.55
C ASN A 1572 -1.79 64.23 11.44
N GLU A 1573 -2.50 63.87 12.51
CA GLU A 1573 -3.30 62.65 12.49
C GLU A 1573 -4.43 62.77 11.48
N TRP A 1574 -5.25 63.80 11.59
CA TRP A 1574 -6.38 64.01 10.68
C TRP A 1574 -5.87 64.22 9.25
N ALA A 1597 -12.94 57.04 5.80
CA ALA A 1597 -12.33 55.96 5.02
C ALA A 1597 -10.97 55.59 5.61
N SER A 1598 -10.09 56.57 5.74
CA SER A 1598 -8.76 56.33 6.28
C SER A 1598 -8.88 55.85 7.73
N PRO A 1599 -7.98 54.96 8.17
CA PRO A 1599 -8.06 54.50 9.57
C PRO A 1599 -7.75 55.57 10.58
N SER A 1600 -6.83 56.49 10.28
CA SER A 1600 -6.49 57.55 11.23
C SER A 1600 -7.64 58.54 11.39
N GLN A 1601 -8.36 58.81 10.30
CA GLN A 1601 -9.46 59.77 10.37
C GLN A 1601 -10.58 59.25 11.26
N GLN A 1602 -11.01 58.01 11.05
CA GLN A 1602 -12.09 57.45 11.86
C GLN A 1602 -11.69 57.35 13.33
N TYR A 1603 -10.41 57.13 13.60
CA TYR A 1603 -9.95 57.04 14.99
C TYR A 1603 -10.11 58.37 15.71
N THR A 1604 -9.70 59.47 15.06
CA THR A 1604 -9.84 60.79 15.67
C THR A 1604 -11.30 61.14 15.90
N SER A 1605 -12.19 60.68 15.03
CA SER A 1605 -13.61 60.97 15.20
C SER A 1605 -14.11 60.48 16.56
N ALA A 1606 -13.80 59.22 16.90
CA ALA A 1606 -14.20 58.69 18.20
C ALA A 1606 -13.51 59.41 19.35
N LYS A 1607 -12.28 59.87 19.13
CA LYS A 1607 -11.55 60.57 20.19
C LYS A 1607 -12.27 61.86 20.57
N LEU A 1608 -12.45 62.78 19.61
CA LEU A 1608 -13.14 64.02 19.90
C LEU A 1608 -14.58 63.79 20.29
N ALA A 1609 -15.21 62.73 19.76
CA ALA A 1609 -16.59 62.44 20.11
C ALA A 1609 -16.72 62.12 21.59
N LEU A 1610 -15.74 61.40 22.15
CA LEU A 1610 -15.79 61.04 23.56
C LEU A 1610 -15.70 62.29 24.44
N LEU A 1611 -14.73 63.15 24.16
CA LEU A 1611 -14.57 64.37 24.95
C LEU A 1611 -15.86 65.19 24.95
N LEU A 1612 -16.59 65.19 23.84
CA LEU A 1612 -17.83 65.94 23.77
C LEU A 1612 -18.86 65.43 24.78
N GLN A 1613 -18.86 64.12 25.06
CA GLN A 1613 -19.82 63.57 25.99
C GLN A 1613 -19.51 63.98 27.43
N LEU A 1614 -18.23 64.01 27.79
CA LEU A 1614 -17.86 64.38 29.16
C LEU A 1614 -18.22 65.83 29.47
N CYS A 1615 -18.26 66.69 28.45
CA CYS A 1615 -18.59 68.09 28.65
C CYS A 1615 -20.08 68.35 28.77
N GLN A 1616 -20.91 67.30 28.74
CA GLN A 1616 -22.35 67.46 28.90
C GLN A 1616 -22.80 67.32 30.35
N THR A 1617 -22.09 66.53 31.14
CA THR A 1617 -22.41 66.38 32.55
C THR A 1617 -21.76 67.49 33.36
N ARG A 1618 -22.39 67.82 34.50
CA ARG A 1618 -21.90 68.92 35.33
C ARG A 1618 -20.55 68.58 35.95
N GLN A 1619 -20.34 67.32 36.32
CA GLN A 1619 -19.08 66.94 36.96
C GLN A 1619 -17.91 66.92 35.99
N GLY A 1620 -18.18 66.77 34.69
CA GLY A 1620 -17.09 66.71 33.73
C GLY A 1620 -16.35 68.01 33.58
N ALA A 1621 -17.05 69.14 33.72
CA ALA A 1621 -16.40 70.44 33.59
C ALA A 1621 -15.28 70.60 34.60
N LYS A 1622 -15.43 70.04 35.80
CA LYS A 1622 -14.39 70.16 36.81
C LYS A 1622 -13.11 69.46 36.38
N TYR A 1623 -13.22 68.17 36.04
CA TYR A 1623 -12.03 67.40 35.66
C TYR A 1623 -11.50 67.85 34.30
N VAL A 1624 -12.39 68.18 33.37
CA VAL A 1624 -11.95 68.57 32.03
C VAL A 1624 -11.28 69.94 32.05
N LEU A 1625 -11.85 70.89 32.79
CA LEU A 1625 -11.28 72.23 32.84
C LEU A 1625 -9.88 72.22 33.44
N GLN A 1626 -9.66 71.38 34.45
CA GLN A 1626 -8.36 71.31 35.11
C GLN A 1626 -7.28 70.75 34.19
N ALA A 1627 -7.64 70.16 33.06
CA ALA A 1627 -6.66 69.62 32.13
C ALA A 1627 -6.02 70.68 31.24
N ASN A 1628 -6.50 71.92 31.29
CA ASN A 1628 -5.95 73.01 30.49
C ASN A 1628 -6.01 72.67 29.00
N LEU A 1629 -7.24 72.43 28.52
CA LEU A 1629 -7.45 72.10 27.12
C LEU A 1629 -7.33 73.31 26.21
N PHE A 1630 -7.47 74.53 26.75
CA PHE A 1630 -7.36 75.72 25.91
C PHE A 1630 -5.96 75.86 25.33
N ARG A 1631 -4.93 75.56 26.13
CA ARG A 1631 -3.56 75.64 25.66
C ARG A 1631 -3.15 74.46 24.81
N ALA A 1632 -3.89 73.34 24.89
CA ALA A 1632 -3.55 72.17 24.09
C ALA A 1632 -4.00 72.33 22.64
N LEU A 1633 -5.18 72.93 22.43
CA LEU A 1633 -5.69 73.13 21.08
C LEU A 1633 -5.04 74.30 20.37
N GLU A 1634 -4.22 75.10 21.06
CA GLU A 1634 -3.56 76.24 20.45
C GLU A 1634 -2.22 75.87 19.83
N GLN A 1635 -1.49 74.93 20.45
CA GLN A 1635 -0.20 74.53 19.90
C GLN A 1635 -0.36 73.81 18.56
N SER A 1636 -1.50 73.14 18.36
CA SER A 1636 -1.73 72.44 17.09
C SER A 1636 -1.97 73.39 15.93
N GLY A 1637 -2.41 74.61 16.20
CA GLY A 1637 -2.66 75.57 15.14
C GLY A 1637 -3.71 75.12 14.16
N VAL A 1638 -4.70 74.34 14.61
CA VAL A 1638 -5.74 73.87 13.70
C VAL A 1638 -6.62 75.03 13.26
N PHE A 1639 -6.83 76.02 14.13
CA PHE A 1639 -7.66 77.18 13.80
C PHE A 1639 -6.87 78.19 12.97
N VAL A 1657 -14.83 68.79 -3.30
CA VAL A 1657 -15.95 69.16 -2.46
C VAL A 1657 -16.00 68.28 -1.22
N VAL A 1658 -15.55 67.02 -1.38
CA VAL A 1658 -15.56 66.10 -0.25
C VAL A 1658 -14.42 66.41 0.71
N ALA A 1659 -13.28 66.87 0.21
CA ALA A 1659 -12.17 67.20 1.09
C ALA A 1659 -12.52 68.33 2.03
N LEU A 1660 -13.20 69.37 1.53
CA LEU A 1660 -13.57 70.49 2.38
C LEU A 1660 -14.57 70.05 3.46
N GLU A 1661 -15.51 69.17 3.10
CA GLU A 1661 -16.48 68.70 4.08
C GLU A 1661 -15.80 68.08 5.29
N ARG A 1662 -14.75 67.31 5.07
CA ARG A 1662 -14.03 66.70 6.18
C ARG A 1662 -13.33 67.75 7.03
N HIS A 1663 -12.88 68.84 6.42
CA HIS A 1663 -12.19 69.89 7.17
C HIS A 1663 -13.13 70.51 8.20
N TYR A 1664 -14.33 70.90 7.78
CA TYR A 1664 -15.29 71.49 8.70
C TYR A 1664 -15.71 70.48 9.77
N ALA A 1665 -15.72 69.20 9.44
CA ALA A 1665 -16.10 68.18 10.42
C ALA A 1665 -15.18 68.23 11.64
N LEU A 1666 -13.89 68.51 11.42
CA LEU A 1666 -12.96 68.60 12.54
C LEU A 1666 -13.21 69.86 13.36
N LEU A 1667 -13.43 70.99 12.70
CA LEU A 1667 -13.69 72.24 13.43
C LEU A 1667 -14.96 72.13 14.26
N VAL A 1668 -15.99 71.47 13.73
CA VAL A 1668 -17.24 71.30 14.48
C VAL A 1668 -16.98 70.48 15.73
N ALA A 1669 -16.26 69.37 15.59
CA ALA A 1669 -15.96 68.52 16.74
C ALA A 1669 -15.27 69.30 17.84
N LEU A 1670 -14.27 70.12 17.48
CA LEU A 1670 -13.57 70.91 18.48
C LEU A 1670 -14.47 72.00 19.06
N ALA A 1671 -15.28 72.65 18.21
CA ALA A 1671 -16.15 73.72 18.69
C ALA A 1671 -17.18 73.19 19.68
N ARG A 1672 -17.70 71.98 19.44
CA ARG A 1672 -18.70 71.43 20.35
C ARG A 1672 -18.09 71.12 21.71
N VAL A 1673 -16.87 70.59 21.74
CA VAL A 1673 -16.22 70.27 23.01
C VAL A 1673 -16.00 71.55 23.81
N VAL A 1674 -15.54 72.62 23.16
CA VAL A 1674 -15.30 73.87 23.86
C VAL A 1674 -16.62 74.55 24.21
N GLY A 1675 -17.58 74.52 23.27
CA GLY A 1675 -18.86 75.16 23.53
C GLY A 1675 -19.59 74.57 24.72
N ALA A 1676 -19.66 73.24 24.78
CA ALA A 1676 -20.38 72.59 25.87
C ALA A 1676 -19.62 72.72 27.19
N ALA A 1677 -18.29 72.83 27.13
CA ALA A 1677 -17.51 72.89 28.37
C ALA A 1677 -17.73 74.21 29.10
N VAL A 1678 -17.76 75.32 28.38
CA VAL A 1678 -17.93 76.62 29.02
C VAL A 1678 -19.30 76.72 29.67
N THR A 1679 -20.35 76.27 28.97
CA THR A 1679 -21.71 76.35 29.48
C THR A 1679 -22.05 75.21 30.44
N ALA A 1680 -21.06 74.45 30.90
CA ALA A 1680 -21.30 73.33 31.80
C ALA A 1680 -21.17 73.75 33.26
N ARG A 1681 -20.01 74.29 33.64
CA ARG A 1681 -19.79 74.68 35.03
C ARG A 1681 -20.53 75.98 35.36
N GLY A 1682 -20.22 77.05 34.65
CA GLY A 1682 -20.87 78.33 34.89
C GLY A 1682 -19.99 79.51 34.57
N ALA A 1683 -19.92 80.46 35.50
CA ALA A 1683 -19.13 81.67 35.31
C ALA A 1683 -17.65 81.48 35.55
N HIS A 1684 -17.21 80.26 35.88
CA HIS A 1684 -15.79 80.02 36.12
C HIS A 1684 -15.03 79.76 34.83
N ASN A 1685 -15.72 79.44 33.73
CA ASN A 1685 -15.07 79.17 32.46
C ASN A 1685 -15.37 80.22 31.40
N ILE A 1686 -16.26 81.17 31.66
CA ILE A 1686 -16.58 82.19 30.67
C ILE A 1686 -15.36 83.07 30.39
N VAL A 1687 -14.48 83.23 31.37
CA VAL A 1687 -13.28 84.04 31.18
C VAL A 1687 -12.41 83.46 30.07
N GLN A 1688 -12.40 82.14 29.93
CA GLN A 1688 -11.58 81.51 28.88
C GLN A 1688 -12.27 81.57 27.53
N GLY A 1689 -13.61 81.45 27.51
CA GLY A 1689 -14.32 81.49 26.24
C GLY A 1689 -14.15 82.82 25.53
N ARG A 1690 -14.17 83.93 26.27
CA ARG A 1690 -14.01 85.24 25.65
C ARG A 1690 -12.65 85.35 24.99
N LYS A 1691 -11.61 84.80 25.61
CA LYS A 1691 -10.27 84.87 25.02
C LYS A 1691 -10.19 84.07 23.74
N PHE A 1692 -10.88 82.92 23.68
CA PHE A 1692 -10.85 82.10 22.47
C PHE A 1692 -11.50 82.84 21.30
N LEU A 1693 -12.60 83.53 21.55
CA LEU A 1693 -13.28 84.26 20.47
C LEU A 1693 -12.51 85.52 20.10
N THR A 1694 -11.91 86.19 21.09
CA THR A 1694 -11.16 87.41 20.80
C THR A 1694 -9.83 87.10 20.15
N GLN A 1695 -9.16 86.02 20.59
CA GLN A 1695 -7.87 85.67 20.01
C GLN A 1695 -8.02 85.09 18.60
N HIS A 1696 -9.17 84.48 18.31
CA HIS A 1696 -9.45 83.90 17.00
C HIS A 1696 -10.60 84.61 16.31
N ARG A 1697 -10.77 85.90 16.60
CA ARG A 1697 -11.84 86.67 15.98
C ARG A 1697 -11.67 86.72 14.47
N GLY A 1698 -12.76 86.95 13.78
CA GLY A 1698 -12.77 87.01 12.32
C GLY A 1698 -13.07 85.70 11.64
N LEU A 1699 -12.42 84.62 12.08
CA LEU A 1699 -12.67 83.31 11.48
C LEU A 1699 -14.13 82.89 11.67
N VAL A 1700 -14.65 83.04 12.90
CA VAL A 1700 -16.04 82.68 13.16
C VAL A 1700 -16.98 83.59 12.39
N VAL A 1701 -16.58 84.85 12.16
CA VAL A 1701 -17.45 85.78 11.44
C VAL A 1701 -17.72 85.28 10.03
N HIS A 1702 -16.71 84.66 9.39
CA HIS A 1702 -16.89 84.16 8.04
C HIS A 1702 -17.90 83.01 8.01
N VAL A 1703 -17.90 82.17 9.04
CA VAL A 1703 -18.82 81.04 9.07
C VAL A 1703 -20.25 81.51 9.34
N LEU A 1704 -20.42 82.42 10.31
CA LEU A 1704 -21.75 82.90 10.65
C LEU A 1704 -22.39 83.67 9.51
N LYS A 1705 -21.61 84.19 8.57
CA LYS A 1705 -22.15 84.92 7.42
C LYS A 1705 -22.36 84.03 6.20
N LYS A 1706 -21.64 82.91 6.10
CA LYS A 1706 -21.81 82.03 4.95
C LYS A 1706 -23.22 81.42 4.95
N ASN A 1707 -23.63 80.84 6.07
CA ASN A 1707 -24.96 80.24 6.14
C ASN A 1707 -26.05 81.29 6.02
N ALA A 1708 -25.81 82.50 6.52
CA ALA A 1708 -26.80 83.57 6.45
C ALA A 1708 -26.87 84.14 5.04
N ILE A 1737 -24.51 67.63 -6.04
CA ILE A 1737 -25.62 68.10 -5.21
C ILE A 1737 -25.53 67.45 -3.84
N LEU A 1738 -25.30 66.13 -3.83
CA LEU A 1738 -25.20 65.41 -2.56
C LEU A 1738 -24.07 65.97 -1.71
N ALA A 1739 -22.87 66.10 -2.29
CA ALA A 1739 -21.75 66.63 -1.54
C ALA A 1739 -21.98 68.08 -1.13
N GLN A 1740 -22.70 68.85 -1.96
CA GLN A 1740 -22.96 70.25 -1.63
C GLN A 1740 -23.83 70.36 -0.38
N GLN A 1741 -24.92 69.60 -0.33
CA GLN A 1741 -25.79 69.64 0.84
C GLN A 1741 -25.05 69.19 2.09
N ALA A 1742 -24.19 68.18 1.96
CA ALA A 1742 -23.41 67.72 3.11
C ALA A 1742 -22.45 68.81 3.60
N LEU A 1743 -21.83 69.53 2.67
CA LEU A 1743 -20.91 70.60 3.08
C LEU A 1743 -21.66 71.73 3.76
N GLU A 1744 -22.79 72.17 3.16
CA GLU A 1744 -23.57 73.23 3.77
C GLU A 1744 -24.10 72.83 5.14
N GLU A 1745 -24.43 71.55 5.32
CA GLU A 1745 -24.93 71.09 6.62
C GLU A 1745 -23.90 71.32 7.72
N ARG A 1746 -22.63 71.03 7.43
CA ARG A 1746 -21.58 71.25 8.42
C ARG A 1746 -21.45 72.74 8.75
N ILE A 1747 -21.64 73.60 7.76
CA ILE A 1747 -21.57 75.04 7.99
C ILE A 1747 -22.66 75.47 8.97
N GLU A 1748 -23.87 74.93 8.80
CA GLU A 1748 -24.96 75.26 9.71
C GLU A 1748 -24.62 74.81 11.13
N GLU A 1749 -24.10 73.59 11.29
CA GLU A 1749 -23.71 73.13 12.61
C GLU A 1749 -22.55 73.93 13.16
N LEU A 1750 -21.55 74.22 12.31
CA LEU A 1750 -20.41 75.02 12.76
C LEU A 1750 -20.84 76.43 13.13
N ALA A 1751 -21.70 77.05 12.31
CA ALA A 1751 -22.17 78.39 12.62
C ALA A 1751 -22.97 78.42 13.91
N GLU A 1752 -23.84 77.43 14.11
CA GLU A 1752 -24.64 77.38 15.33
C GLU A 1752 -23.81 76.98 16.55
N ALA A 1753 -22.67 76.30 16.34
CA ALA A 1753 -21.84 75.90 17.47
C ALA A 1753 -21.29 77.12 18.20
N PHE A 1754 -20.65 78.04 17.46
CA PHE A 1754 -20.09 79.22 18.09
C PHE A 1754 -21.19 80.10 18.67
N MET A 1755 -22.34 80.17 18.00
CA MET A 1755 -23.44 81.00 18.50
C MET A 1755 -23.85 80.58 19.91
N LEU A 1756 -23.83 79.28 20.19
CA LEU A 1756 -24.17 78.81 21.53
C LEU A 1756 -23.15 79.28 22.54
N LEU A 1757 -21.87 79.29 22.17
CA LEU A 1757 -20.84 79.74 23.09
C LEU A 1757 -20.96 81.24 23.37
N ILE A 1758 -21.35 82.03 22.35
CA ILE A 1758 -21.49 83.46 22.53
C ILE A 1758 -22.56 83.77 23.57
N THR A 1759 -23.78 83.27 23.33
CA THR A 1759 -24.87 83.51 24.27
C THR A 1759 -24.58 82.91 25.64
N ALA A 1760 -23.88 81.78 25.68
CA ALA A 1760 -23.56 81.16 26.96
C ALA A 1760 -22.42 81.85 27.67
N THR A 1761 -21.45 82.40 26.93
CA THR A 1761 -20.32 83.08 27.55
C THR A 1761 -20.64 84.54 27.86
N GLY A 1762 -21.55 85.14 27.11
CA GLY A 1762 -21.88 86.53 27.35
C GLY A 1762 -20.95 87.52 26.69
N PHE A 1763 -20.46 87.20 25.49
CA PHE A 1763 -19.56 88.10 24.79
C PHE A 1763 -20.23 89.39 24.37
N LEU A 1764 -21.55 89.40 24.24
CA LEU A 1764 -22.26 90.62 23.86
C LEU A 1764 -22.08 91.71 24.90
N GLU A 1765 -22.05 91.33 26.19
CA GLU A 1765 -21.86 92.32 27.24
C GLU A 1765 -20.49 92.98 27.14
N TYR A 1766 -19.49 92.26 26.65
CA TYR A 1766 -18.15 92.84 26.54
C TYR A 1766 -18.10 93.86 25.40
N GLU A 1767 -18.80 93.60 24.30
CA GLU A 1767 -18.82 94.51 23.17
C GLU A 1767 -17.41 94.75 22.64
N VAL B 8 -16.26 36.78 -4.78
CA VAL B 8 -15.89 35.93 -5.90
C VAL B 8 -15.15 34.69 -5.39
N ASP B 9 -14.35 34.88 -4.34
CA ASP B 9 -13.59 33.80 -3.73
C ASP B 9 -13.92 33.73 -2.24
N VAL B 10 -13.84 32.51 -1.69
CA VAL B 10 -14.20 32.31 -0.28
C VAL B 10 -13.24 33.05 0.63
N ASP B 11 -11.96 33.14 0.25
CA ASP B 11 -10.98 33.80 1.11
C ASP B 11 -11.29 35.28 1.26
N THR B 12 -11.61 35.95 0.16
CA THR B 12 -11.94 37.38 0.21
C THR B 12 -13.37 37.64 0.68
N TYR B 13 -14.23 36.63 0.65
CA TYR B 13 -15.62 36.82 1.05
C TYR B 13 -15.71 37.22 2.52
N LEU B 14 -15.02 36.48 3.39
CA LEU B 14 -15.06 36.78 4.82
C LEU B 14 -14.40 38.13 5.10
N SER B 15 -13.35 38.47 4.38
CA SER B 15 -12.71 39.77 4.57
C SER B 15 -13.66 40.90 4.20
N ASN B 16 -14.35 40.76 3.07
CA ASN B 16 -15.33 41.77 2.68
C ASN B 16 -16.46 41.85 3.69
N LEU B 17 -16.91 40.70 4.21
CA LEU B 17 -17.95 40.71 5.22
C LEU B 17 -17.51 41.47 6.47
N GLN B 18 -16.30 41.20 6.95
CA GLN B 18 -15.80 41.89 8.14
C GLN B 18 -15.65 43.38 7.87
N THR B 19 -15.15 43.76 6.69
CA THR B 19 -15.00 45.18 6.37
C THR B 19 -16.36 45.87 6.34
N LYS B 20 -17.36 45.23 5.72
CA LYS B 20 -18.69 45.83 5.67
C LYS B 20 -19.29 45.96 7.05
N THR B 21 -19.11 44.93 7.90
CA THR B 21 -19.62 45.01 9.26
C THR B 21 -18.96 46.14 10.04
N THR B 22 -17.65 46.30 9.89
CA THR B 22 -16.95 47.38 10.59
C THR B 22 -17.42 48.75 10.10
N LEU B 23 -17.57 48.91 8.79
CA LEU B 23 -18.05 50.17 8.25
C LEU B 23 -19.46 50.49 8.74
N SER B 24 -20.34 49.48 8.77
CA SER B 24 -21.70 49.70 9.24
C SER B 24 -21.70 50.06 10.72
N MET B 25 -20.85 49.41 11.52
CA MET B 25 -20.76 49.74 12.94
C MET B 25 -20.30 51.18 13.13
N ILE B 26 -19.27 51.60 12.40
CA ILE B 26 -18.77 52.96 12.52
C ILE B 26 -19.85 53.96 12.11
N ALA B 27 -20.55 53.67 11.01
CA ALA B 27 -21.60 54.57 10.56
C ALA B 27 -22.73 54.67 11.58
N ASP B 28 -23.14 53.53 12.15
CA ASP B 28 -24.19 53.55 13.16
C ASP B 28 -23.76 54.33 14.39
N GLY B 29 -22.51 54.14 14.83
CA GLY B 29 -22.03 54.90 15.97
C GLY B 29 -22.01 56.39 15.71
N LEU B 30 -21.53 56.80 14.52
CA LEU B 30 -21.51 58.22 14.18
C LEU B 30 -22.92 58.79 14.12
N GLU B 31 -23.86 58.05 13.52
CA GLU B 31 -25.23 58.54 13.44
C GLU B 31 -25.86 58.65 14.82
N ARG B 32 -25.61 57.69 15.69
CA ARG B 32 -26.16 57.75 17.04
C ARG B 32 -25.57 58.93 17.82
N SER B 33 -24.26 59.16 17.68
CA SER B 33 -23.66 60.31 18.34
C SER B 33 -24.24 61.62 17.83
N ALA B 34 -24.41 61.74 16.51
CA ALA B 34 -25.00 62.96 15.95
C ALA B 34 -26.43 63.16 16.44
N ARG B 35 -27.22 62.08 16.48
CA ARG B 35 -28.60 62.19 16.94
C ARG B 35 -28.66 62.59 18.40
N ASP B 36 -27.78 62.01 19.23
CA ASP B 36 -27.74 62.38 20.65
C ASP B 36 -27.36 63.84 20.82
N PHE B 37 -26.35 64.31 20.08
CA PHE B 37 -25.97 65.71 20.18
C PHE B 37 -27.10 66.64 19.73
N ASP B 38 -27.79 66.26 18.65
CA ASP B 38 -28.90 67.09 18.16
C ASP B 38 -30.03 67.13 19.19
N ALA B 39 -30.36 65.99 19.79
CA ALA B 39 -31.41 65.96 20.81
C ALA B 39 -31.02 66.80 22.01
N PHE B 40 -29.76 66.72 22.44
CA PHE B 40 -29.30 67.52 23.57
C PHE B 40 -29.39 69.01 23.26
N LEU B 41 -28.94 69.41 22.06
CA LEU B 41 -29.01 70.81 21.67
C LEU B 41 -30.45 71.29 21.61
N GLU B 42 -31.35 70.46 21.07
CA GLU B 42 -32.75 70.84 20.99
C GLU B 42 -33.36 70.99 22.38
N GLU B 43 -33.05 70.06 23.29
CA GLU B 43 -33.57 70.16 24.65
C GLU B 43 -33.02 71.38 25.38
N ASN B 44 -31.77 71.77 25.08
CA ASN B 44 -31.20 72.95 25.73
C ASN B 44 -31.73 74.25 25.15
N VAL B 45 -32.05 74.28 23.85
CA VAL B 45 -32.49 75.51 23.22
C VAL B 45 -34.00 75.71 23.35
N THR B 46 -34.77 74.63 23.49
CA THR B 46 -36.23 74.75 23.56
C THR B 46 -36.70 75.36 24.88
N LEU B 47 -35.79 75.59 25.84
CA LEU B 47 -36.20 76.18 27.10
C LEU B 47 -36.78 77.58 26.90
N GLU B 48 -36.02 78.46 26.26
CA GLU B 48 -36.47 79.82 25.99
C GLU B 48 -35.44 80.50 25.09
N TRP B 49 -35.84 81.63 24.53
CA TRP B 49 -34.97 82.42 23.65
C TRP B 49 -34.51 81.57 22.46
N GLU B 50 -35.49 81.15 21.64
CA GLU B 50 -35.19 80.34 20.47
C GLU B 50 -34.66 81.19 19.33
N ALA B 51 -35.30 82.33 19.06
CA ALA B 51 -34.90 83.21 17.97
C ALA B 51 -34.13 84.43 18.44
N GLN B 52 -34.27 84.82 19.71
CA GLN B 52 -33.57 86.01 20.20
C GLN B 52 -32.07 85.81 20.20
N ARG B 53 -31.60 84.59 20.47
CA ARG B 53 -30.16 84.35 20.52
C ARG B 53 -29.50 84.70 19.20
N LYS B 54 -30.18 84.46 18.09
CA LYS B 54 -29.65 84.82 16.77
C LYS B 54 -30.05 86.23 16.36
N ARG B 55 -31.19 86.72 16.83
CA ARG B 55 -31.61 88.07 16.47
C ARG B 55 -30.68 89.12 17.06
N ILE B 56 -30.22 88.90 18.30
CA ILE B 56 -29.29 89.85 18.92
C ILE B 56 -28.02 89.95 18.10
N TYR B 57 -27.52 88.81 17.60
CA TYR B 57 -26.30 88.83 16.82
C TYR B 57 -26.53 89.46 15.44
N GLN B 58 -27.66 89.14 14.81
CA GLN B 58 -27.97 89.75 13.52
C GLN B 58 -28.10 91.26 13.65
N HIS B 59 -28.59 91.74 14.79
CA HIS B 59 -28.68 93.19 15.00
C HIS B 59 -27.32 93.80 15.32
N PHE B 60 -26.51 93.11 16.11
CA PHE B 60 -25.19 93.62 16.44
C PHE B 60 -24.27 93.60 15.22
N GLY B 61 -24.06 92.41 14.63
CA GLY B 61 -23.21 92.29 13.48
C GLY B 61 -23.91 92.65 12.18
N ILE B 62 -23.11 92.68 11.11
CA ILE B 62 -23.65 93.02 9.80
C ILE B 62 -24.64 91.95 9.36
N LYS B 63 -25.84 92.38 9.00
CA LYS B 63 -26.89 91.46 8.56
C LYS B 63 -26.47 90.75 7.28
N PHE C 19 17.56 -59.35 3.03
CA PHE C 19 17.56 -59.47 1.58
C PHE C 19 17.84 -60.91 1.15
N GLY C 20 18.71 -61.57 1.90
CA GLY C 20 19.06 -62.95 1.61
C GLY C 20 17.91 -63.91 1.85
N ILE D 16 -26.72 9.34 -18.33
CA ILE D 16 -25.28 9.53 -18.14
C ILE D 16 -24.88 9.08 -16.74
N LEU D 17 -25.83 9.17 -15.81
CA LEU D 17 -25.59 8.77 -14.43
C LEU D 17 -26.34 7.47 -14.13
N PRO D 18 -25.79 6.30 -14.47
CA PRO D 18 -26.51 5.06 -14.19
C PRO D 18 -26.54 4.70 -12.72
N MET D 19 -25.43 4.87 -12.01
CA MET D 19 -25.32 4.50 -10.61
C MET D 19 -25.17 5.69 -9.68
N TYR D 20 -24.84 6.88 -10.20
CA TYR D 20 -24.66 8.05 -9.35
C TYR D 20 -25.97 8.61 -8.83
N LYS D 21 -27.11 8.06 -9.25
CA LYS D 21 -28.40 8.56 -8.78
C LYS D 21 -28.56 8.30 -7.29
N LEU D 22 -29.27 9.21 -6.62
CA LEU D 22 -29.54 9.09 -5.18
C LEU D 22 -30.84 8.32 -4.94
N SER D 23 -30.87 7.09 -5.47
CA SER D 23 -32.03 6.21 -5.37
C SER D 23 -31.66 5.02 -4.49
N PRO D 24 -31.76 5.15 -3.15
CA PRO D 24 -31.42 4.03 -2.25
C PRO D 24 -32.47 2.93 -2.27
#